data_1JZE
# 
_entry.id   1JZE 
# 
_audit_conform.dict_name       mmcif_pdbx.dic 
_audit_conform.dict_version    5.398 
_audit_conform.dict_location   http://mmcif.pdb.org/dictionaries/ascii/mmcif_pdbx.dic 
# 
loop_
_database_2.database_id 
_database_2.database_code 
_database_2.pdbx_database_accession 
_database_2.pdbx_DOI 
PDB   1JZE         pdb_00001jze 10.2210/pdb1jze/pdb 
RCSB  RCSB014366   ?            ?                   
WWPDB D_1000014366 ?            ?                   
# 
loop_
_pdbx_audit_revision_history.ordinal 
_pdbx_audit_revision_history.data_content_type 
_pdbx_audit_revision_history.major_revision 
_pdbx_audit_revision_history.minor_revision 
_pdbx_audit_revision_history.revision_date 
1 'Structure model' 1 0 2001-10-17 
2 'Structure model' 1 1 2008-04-27 
3 'Structure model' 1 2 2011-07-13 
4 'Structure model' 1 3 2011-11-02 
5 'Structure model' 1 4 2023-08-16 
6 'Structure model' 1 5 2024-10-30 
# 
_pdbx_audit_revision_details.ordinal             1 
_pdbx_audit_revision_details.revision_ordinal    1 
_pdbx_audit_revision_details.data_content_type   'Structure model' 
_pdbx_audit_revision_details.provider            repository 
_pdbx_audit_revision_details.type                'Initial release' 
_pdbx_audit_revision_details.description         ? 
_pdbx_audit_revision_details.details             ? 
# 
loop_
_pdbx_audit_revision_group.ordinal 
_pdbx_audit_revision_group.revision_ordinal 
_pdbx_audit_revision_group.data_content_type 
_pdbx_audit_revision_group.group 
1 2 'Structure model' 'Version format compliance' 
2 3 'Structure model' 'Version format compliance' 
3 4 'Structure model' 'Non-polymer description'   
4 5 'Structure model' 'Data collection'           
5 5 'Structure model' 'Database references'       
6 5 'Structure model' 'Derived calculations'      
7 5 'Structure model' 'Refinement description'    
8 6 'Structure model' 'Structure summary'         
# 
loop_
_pdbx_audit_revision_category.ordinal 
_pdbx_audit_revision_category.revision_ordinal 
_pdbx_audit_revision_category.data_content_type 
_pdbx_audit_revision_category.category 
1 5 'Structure model' chem_comp_atom                
2 5 'Structure model' chem_comp_bond                
3 5 'Structure model' database_2                    
4 5 'Structure model' pdbx_initial_refinement_model 
5 5 'Structure model' pdbx_struct_conn_angle        
6 5 'Structure model' struct_conn                   
7 5 'Structure model' struct_site                   
8 6 'Structure model' pdbx_entry_details            
9 6 'Structure model' pdbx_modification_feature     
# 
loop_
_pdbx_audit_revision_item.ordinal 
_pdbx_audit_revision_item.revision_ordinal 
_pdbx_audit_revision_item.data_content_type 
_pdbx_audit_revision_item.item 
1  5 'Structure model' '_database_2.pdbx_DOI'                        
2  5 'Structure model' '_database_2.pdbx_database_accession'         
3  5 'Structure model' '_pdbx_struct_conn_angle.ptnr1_auth_comp_id'  
4  5 'Structure model' '_pdbx_struct_conn_angle.ptnr1_auth_seq_id'   
5  5 'Structure model' '_pdbx_struct_conn_angle.ptnr1_label_alt_id'  
6  5 'Structure model' '_pdbx_struct_conn_angle.ptnr1_label_asym_id' 
7  5 'Structure model' '_pdbx_struct_conn_angle.ptnr1_label_atom_id' 
8  5 'Structure model' '_pdbx_struct_conn_angle.ptnr1_label_comp_id' 
9  5 'Structure model' '_pdbx_struct_conn_angle.ptnr1_label_seq_id'  
10 5 'Structure model' '_pdbx_struct_conn_angle.ptnr1_symmetry'      
11 5 'Structure model' '_pdbx_struct_conn_angle.ptnr2_auth_comp_id'  
12 5 'Structure model' '_pdbx_struct_conn_angle.ptnr2_auth_seq_id'   
13 5 'Structure model' '_pdbx_struct_conn_angle.ptnr2_label_alt_id'  
14 5 'Structure model' '_pdbx_struct_conn_angle.ptnr2_label_asym_id' 
15 5 'Structure model' '_pdbx_struct_conn_angle.ptnr2_label_atom_id' 
16 5 'Structure model' '_pdbx_struct_conn_angle.ptnr2_label_comp_id' 
17 5 'Structure model' '_pdbx_struct_conn_angle.ptnr3_auth_comp_id'  
18 5 'Structure model' '_pdbx_struct_conn_angle.ptnr3_auth_seq_id'   
19 5 'Structure model' '_pdbx_struct_conn_angle.ptnr3_label_alt_id'  
20 5 'Structure model' '_pdbx_struct_conn_angle.ptnr3_label_asym_id' 
21 5 'Structure model' '_pdbx_struct_conn_angle.ptnr3_label_atom_id' 
22 5 'Structure model' '_pdbx_struct_conn_angle.ptnr3_label_comp_id' 
23 5 'Structure model' '_pdbx_struct_conn_angle.ptnr3_label_seq_id'  
24 5 'Structure model' '_pdbx_struct_conn_angle.ptnr3_symmetry'      
25 5 'Structure model' '_pdbx_struct_conn_angle.value'               
26 5 'Structure model' '_struct_conn.pdbx_dist_value'                
27 5 'Structure model' '_struct_conn.pdbx_ptnr1_label_alt_id'        
28 5 'Structure model' '_struct_conn.pdbx_ptnr2_label_alt_id'        
29 5 'Structure model' '_struct_conn.ptnr1_auth_comp_id'             
30 5 'Structure model' '_struct_conn.ptnr1_auth_seq_id'              
31 5 'Structure model' '_struct_conn.ptnr1_label_asym_id'            
32 5 'Structure model' '_struct_conn.ptnr1_label_atom_id'            
33 5 'Structure model' '_struct_conn.ptnr1_label_comp_id'            
34 5 'Structure model' '_struct_conn.ptnr1_label_seq_id'             
35 5 'Structure model' '_struct_conn.ptnr1_symmetry'                 
36 5 'Structure model' '_struct_conn.ptnr2_auth_comp_id'             
37 5 'Structure model' '_struct_conn.ptnr2_auth_seq_id'              
38 5 'Structure model' '_struct_conn.ptnr2_label_asym_id'            
39 5 'Structure model' '_struct_conn.ptnr2_label_atom_id'            
40 5 'Structure model' '_struct_conn.ptnr2_label_comp_id'            
41 5 'Structure model' '_struct_conn.ptnr2_label_seq_id'             
42 5 'Structure model' '_struct_conn.ptnr2_symmetry'                 
43 5 'Structure model' '_struct_site.pdbx_auth_asym_id'              
44 5 'Structure model' '_struct_site.pdbx_auth_comp_id'              
45 5 'Structure model' '_struct_site.pdbx_auth_seq_id'               
# 
_pdbx_database_status.status_code                     REL 
_pdbx_database_status.entry_id                        1JZE 
_pdbx_database_status.recvd_initial_deposition_date   2001-09-16 
_pdbx_database_status.deposit_site                    RCSB 
_pdbx_database_status.process_site                    RCSB 
_pdbx_database_status.SG_entry                        . 
_pdbx_database_status.status_code_sf                  ? 
_pdbx_database_status.status_code_mr                  ? 
_pdbx_database_status.status_code_cs                  ? 
_pdbx_database_status.pdb_format_compatible           Y 
_pdbx_database_status.status_code_nmr_data            ? 
_pdbx_database_status.methods_development_category    ? 
# 
loop_
_pdbx_database_related.db_name 
_pdbx_database_related.db_id 
_pdbx_database_related.details 
_pdbx_database_related.content_type 
PDB 1JZF 'Pseudomonas aeruginosa Oxidized Azurin(Cu2+) Ru(tpy)(phen)(His83)' unspecified 
PDB 1JZG 'Pseudomonas aeruginosa Reduced Azurin (Cu1+) Ru(tpy)(phen)(His83)' unspecified 
PDB 1JZH 'Pseudomonas aeruginosa Azurin Ru(tpy)(bpy)(His83)'                 unspecified 
PDB 1JZI 'Pseudomonas aeruginosa Azurin Re(phen)(CO)3(His83)'                unspecified 
PDB 1JZJ 'Pseudomonas aeruginosa Azurin Os(bpy)2(im)(His83)'                 unspecified 
# 
loop_
_audit_author.name 
_audit_author.pdbx_ordinal 
'Crane, B.R.'    1 
'Di Bilio, A.J.' 2 
'Winkler, J.R.'  3 
'Gray, H.B.'     4 
# 
_citation.id                        primary 
_citation.title                     'Electron tunneling in single crystals of Pseudomonas aeruginosa azurins.' 
_citation.journal_abbrev            J.Am.Chem.Soc. 
_citation.journal_volume            123 
_citation.page_first                11623 
_citation.page_last                 11631 
_citation.year                      2001 
_citation.journal_id_ASTM           JACSAT 
_citation.country                   US 
_citation.journal_id_ISSN           0002-7863 
_citation.journal_id_CSD            0004 
_citation.book_publisher            ? 
_citation.pdbx_database_id_PubMed   11716717 
_citation.pdbx_database_id_DOI      10.1021/ja0115870 
# 
loop_
_citation_author.citation_id 
_citation_author.name 
_citation_author.ordinal 
_citation_author.identifier_ORCID 
primary 'Crane, B.R.'    1 ? 
primary 'Di Bilio, A.J.' 2 ? 
primary 'Winkler, J.R.'  3 ? 
primary 'Gray, H.B.'     4 ? 
# 
loop_
_entity.id 
_entity.type 
_entity.src_method 
_entity.pdbx_description 
_entity.formula_weight 
_entity.pdbx_number_of_molecules 
_entity.pdbx_ec 
_entity.pdbx_mutation 
_entity.pdbx_fragment 
_entity.details 
1 polymer     man azurin                                                13961.799 1   ? ? ? ? 
2 non-polymer syn 'COPPER (II) ION'                                     63.546    2   ? ? ? ? 
3 non-polymer syn 
;DELTA-BIS(2,2'-BIPYRIDINE)IMIDAZOLE RUTHENIUM (II)
;
480.507   1   ? ? ? ? 
4 non-polymer syn 
;LAMBDA-BIS(2,2'-BIPYRIDINE)IMIDAZOLE RUTHENIUM (II)
;
480.507   1   ? ? ? ? 
5 water       nat water                                                 18.015    125 ? ? ? ? 
# 
_entity_poly.entity_id                      1 
_entity_poly.type                           'polypeptide(L)' 
_entity_poly.nstd_linkage                   no 
_entity_poly.nstd_monomer                   no 
_entity_poly.pdbx_seq_one_letter_code       
;AECSVDIQGNDQMQFNTNAITVDKSCKQFTVNLSHPGNLPKNVMGHNWVLSTAADMQGVVTDGMASGLDKDYLKPDDSRV
IAHTKLIGSGEKDSVTFDVSKLKEGEQYMFFCTFPGHSALMKGTLTLK
;
_entity_poly.pdbx_seq_one_letter_code_can   
;AECSVDIQGNDQMQFNTNAITVDKSCKQFTVNLSHPGNLPKNVMGHNWVLSTAADMQGVVTDGMASGLDKDYLKPDDSRV
IAHTKLIGSGEKDSVTFDVSKLKEGEQYMFFCTFPGHSALMKGTLTLK
;
_entity_poly.pdbx_strand_id                 A 
_entity_poly.pdbx_target_identifier         ? 
# 
loop_
_pdbx_entity_nonpoly.entity_id 
_pdbx_entity_nonpoly.name 
_pdbx_entity_nonpoly.comp_id 
2 'COPPER (II) ION'                                     CU  
3 
;DELTA-BIS(2,2'-BIPYRIDINE)IMIDAZOLE RUTHENIUM (II)
;
DRU 
4 
;LAMBDA-BIS(2,2'-BIPYRIDINE)IMIDAZOLE RUTHENIUM (II)
;
LRU 
5 water                                                 HOH 
# 
loop_
_entity_poly_seq.entity_id 
_entity_poly_seq.num 
_entity_poly_seq.mon_id 
_entity_poly_seq.hetero 
1 1   ALA n 
1 2   GLU n 
1 3   CYS n 
1 4   SER n 
1 5   VAL n 
1 6   ASP n 
1 7   ILE n 
1 8   GLN n 
1 9   GLY n 
1 10  ASN n 
1 11  ASP n 
1 12  GLN n 
1 13  MET n 
1 14  GLN n 
1 15  PHE n 
1 16  ASN n 
1 17  THR n 
1 18  ASN n 
1 19  ALA n 
1 20  ILE n 
1 21  THR n 
1 22  VAL n 
1 23  ASP n 
1 24  LYS n 
1 25  SER n 
1 26  CYS n 
1 27  LYS n 
1 28  GLN n 
1 29  PHE n 
1 30  THR n 
1 31  VAL n 
1 32  ASN n 
1 33  LEU n 
1 34  SER n 
1 35  HIS n 
1 36  PRO n 
1 37  GLY n 
1 38  ASN n 
1 39  LEU n 
1 40  PRO n 
1 41  LYS n 
1 42  ASN n 
1 43  VAL n 
1 44  MET n 
1 45  GLY n 
1 46  HIS n 
1 47  ASN n 
1 48  TRP n 
1 49  VAL n 
1 50  LEU n 
1 51  SER n 
1 52  THR n 
1 53  ALA n 
1 54  ALA n 
1 55  ASP n 
1 56  MET n 
1 57  GLN n 
1 58  GLY n 
1 59  VAL n 
1 60  VAL n 
1 61  THR n 
1 62  ASP n 
1 63  GLY n 
1 64  MET n 
1 65  ALA n 
1 66  SER n 
1 67  GLY n 
1 68  LEU n 
1 69  ASP n 
1 70  LYS n 
1 71  ASP n 
1 72  TYR n 
1 73  LEU n 
1 74  LYS n 
1 75  PRO n 
1 76  ASP n 
1 77  ASP n 
1 78  SER n 
1 79  ARG n 
1 80  VAL n 
1 81  ILE n 
1 82  ALA n 
1 83  HIS n 
1 84  THR n 
1 85  LYS n 
1 86  LEU n 
1 87  ILE n 
1 88  GLY n 
1 89  SER n 
1 90  GLY n 
1 91  GLU n 
1 92  LYS n 
1 93  ASP n 
1 94  SER n 
1 95  VAL n 
1 96  THR n 
1 97  PHE n 
1 98  ASP n 
1 99  VAL n 
1 100 SER n 
1 101 LYS n 
1 102 LEU n 
1 103 LYS n 
1 104 GLU n 
1 105 GLY n 
1 106 GLU n 
1 107 GLN n 
1 108 TYR n 
1 109 MET n 
1 110 PHE n 
1 111 PHE n 
1 112 CYS n 
1 113 THR n 
1 114 PHE n 
1 115 PRO n 
1 116 GLY n 
1 117 HIS n 
1 118 SER n 
1 119 ALA n 
1 120 LEU n 
1 121 MET n 
1 122 LYS n 
1 123 GLY n 
1 124 THR n 
1 125 LEU n 
1 126 THR n 
1 127 LEU n 
1 128 LYS n 
# 
_entity_src_gen.entity_id                          1 
_entity_src_gen.pdbx_src_id                        1 
_entity_src_gen.pdbx_alt_source_flag               sample 
_entity_src_gen.pdbx_seq_type                      ? 
_entity_src_gen.pdbx_beg_seq_num                   ? 
_entity_src_gen.pdbx_end_seq_num                   ? 
_entity_src_gen.gene_src_common_name               ? 
_entity_src_gen.gene_src_genus                     Pseudomonas 
_entity_src_gen.pdbx_gene_src_gene                 ? 
_entity_src_gen.gene_src_species                   ? 
_entity_src_gen.gene_src_strain                    ? 
_entity_src_gen.gene_src_tissue                    ? 
_entity_src_gen.gene_src_tissue_fraction           ? 
_entity_src_gen.gene_src_details                   ? 
_entity_src_gen.pdbx_gene_src_fragment             ? 
_entity_src_gen.pdbx_gene_src_scientific_name      'Pseudomonas aeruginosa' 
_entity_src_gen.pdbx_gene_src_ncbi_taxonomy_id     287 
_entity_src_gen.pdbx_gene_src_variant              ? 
_entity_src_gen.pdbx_gene_src_cell_line            ? 
_entity_src_gen.pdbx_gene_src_atcc                 ? 
_entity_src_gen.pdbx_gene_src_organ                ? 
_entity_src_gen.pdbx_gene_src_organelle            ? 
_entity_src_gen.pdbx_gene_src_cell                 ? 
_entity_src_gen.pdbx_gene_src_cellular_location    ? 
_entity_src_gen.host_org_common_name               ? 
_entity_src_gen.pdbx_host_org_scientific_name      'Escherichia coli BL21(DE3)' 
_entity_src_gen.pdbx_host_org_ncbi_taxonomy_id     469008 
_entity_src_gen.host_org_genus                     Escherichia 
_entity_src_gen.pdbx_host_org_gene                 ? 
_entity_src_gen.pdbx_host_org_organ                ? 
_entity_src_gen.host_org_species                   'Escherichia coli' 
_entity_src_gen.pdbx_host_org_tissue               ? 
_entity_src_gen.pdbx_host_org_tissue_fraction      ? 
_entity_src_gen.pdbx_host_org_strain               'BL21(DE3)' 
_entity_src_gen.pdbx_host_org_variant              ? 
_entity_src_gen.pdbx_host_org_cell_line            ? 
_entity_src_gen.pdbx_host_org_atcc                 ? 
_entity_src_gen.pdbx_host_org_culture_collection   ? 
_entity_src_gen.pdbx_host_org_cell                 ? 
_entity_src_gen.pdbx_host_org_organelle            ? 
_entity_src_gen.pdbx_host_org_cellular_location    ? 
_entity_src_gen.pdbx_host_org_vector_type          'Pet9a(ASA)' 
_entity_src_gen.pdbx_host_org_vector               ? 
_entity_src_gen.host_org_details                   ? 
_entity_src_gen.expression_system_id               ? 
_entity_src_gen.plasmid_name                       ? 
_entity_src_gen.plasmid_details                    ? 
_entity_src_gen.pdbx_description                   ? 
# 
loop_
_chem_comp.id 
_chem_comp.type 
_chem_comp.mon_nstd_flag 
_chem_comp.name 
_chem_comp.pdbx_synonyms 
_chem_comp.formula 
_chem_comp.formula_weight 
ALA 'L-peptide linking' y ALANINE                                               ? 'C3 H7 N O2'      89.093  
ARG 'L-peptide linking' y ARGININE                                              ? 'C6 H15 N4 O2 1'  175.209 
ASN 'L-peptide linking' y ASPARAGINE                                            ? 'C4 H8 N2 O3'     132.118 
ASP 'L-peptide linking' y 'ASPARTIC ACID'                                       ? 'C4 H7 N O4'      133.103 
CU  non-polymer         . 'COPPER (II) ION'                                     ? 'Cu 2'            63.546  
CYS 'L-peptide linking' y CYSTEINE                                              ? 'C3 H7 N O2 S'    121.158 
DRU non-polymer         . 
;DELTA-BIS(2,2'-BIPYRIDINE)IMIDAZOLE RUTHENIUM (II)
;
? 'C23 H19 N6 Ru 2' 480.507 
GLN 'L-peptide linking' y GLUTAMINE                                             ? 'C5 H10 N2 O3'    146.144 
GLU 'L-peptide linking' y 'GLUTAMIC ACID'                                       ? 'C5 H9 N O4'      147.129 
GLY 'peptide linking'   y GLYCINE                                               ? 'C2 H5 N O2'      75.067  
HIS 'L-peptide linking' y HISTIDINE                                             ? 'C6 H10 N3 O2 1'  156.162 
HOH non-polymer         . WATER                                                 ? 'H2 O'            18.015  
ILE 'L-peptide linking' y ISOLEUCINE                                            ? 'C6 H13 N O2'     131.173 
LEU 'L-peptide linking' y LEUCINE                                               ? 'C6 H13 N O2'     131.173 
LRU non-polymer         . 
;LAMBDA-BIS(2,2'-BIPYRIDINE)IMIDAZOLE RUTHENIUM (II)
;
? 'C23 H19 N6 Ru 2' 480.507 
LYS 'L-peptide linking' y LYSINE                                                ? 'C6 H15 N2 O2 1'  147.195 
MET 'L-peptide linking' y METHIONINE                                            ? 'C5 H11 N O2 S'   149.211 
PHE 'L-peptide linking' y PHENYLALANINE                                         ? 'C9 H11 N O2'     165.189 
PRO 'L-peptide linking' y PROLINE                                               ? 'C5 H9 N O2'      115.130 
SER 'L-peptide linking' y SERINE                                                ? 'C3 H7 N O3'      105.093 
THR 'L-peptide linking' y THREONINE                                             ? 'C4 H9 N O3'      119.119 
TRP 'L-peptide linking' y TRYPTOPHAN                                            ? 'C11 H12 N2 O2'   204.225 
TYR 'L-peptide linking' y TYROSINE                                              ? 'C9 H11 N O3'     181.189 
VAL 'L-peptide linking' y VALINE                                                ? 'C5 H11 N O2'     117.146 
# 
loop_
_pdbx_poly_seq_scheme.asym_id 
_pdbx_poly_seq_scheme.entity_id 
_pdbx_poly_seq_scheme.seq_id 
_pdbx_poly_seq_scheme.mon_id 
_pdbx_poly_seq_scheme.ndb_seq_num 
_pdbx_poly_seq_scheme.pdb_seq_num 
_pdbx_poly_seq_scheme.auth_seq_num 
_pdbx_poly_seq_scheme.pdb_mon_id 
_pdbx_poly_seq_scheme.auth_mon_id 
_pdbx_poly_seq_scheme.pdb_strand_id 
_pdbx_poly_seq_scheme.pdb_ins_code 
_pdbx_poly_seq_scheme.hetero 
A 1 1   ALA 1   1   1   ALA ALA A . n 
A 1 2   GLU 2   2   2   GLU GLN A . n 
A 1 3   CYS 3   3   3   CYS CYS A . n 
A 1 4   SER 4   4   4   SER SER A . n 
A 1 5   VAL 5   5   5   VAL VAL A . n 
A 1 6   ASP 6   6   6   ASP ASP A . n 
A 1 7   ILE 7   7   7   ILE ILE A . n 
A 1 8   GLN 8   8   8   GLN GLN A . n 
A 1 9   GLY 9   9   9   GLY GLY A . n 
A 1 10  ASN 10  10  10  ASN ASN A . n 
A 1 11  ASP 11  11  11  ASP ASP A . n 
A 1 12  GLN 12  12  12  GLN GLN A . n 
A 1 13  MET 13  13  13  MET MET A . n 
A 1 14  GLN 14  14  14  GLN GLN A . n 
A 1 15  PHE 15  15  15  PHE PHE A . n 
A 1 16  ASN 16  16  16  ASN ASN A . n 
A 1 17  THR 17  17  17  THR THR A . n 
A 1 18  ASN 18  18  18  ASN ASN A . n 
A 1 19  ALA 19  19  19  ALA ALA A . n 
A 1 20  ILE 20  20  20  ILE ILE A . n 
A 1 21  THR 21  21  21  THR THR A . n 
A 1 22  VAL 22  22  22  VAL VAL A . n 
A 1 23  ASP 23  23  23  ASP ASP A . n 
A 1 24  LYS 24  24  24  LYS LYS A . n 
A 1 25  SER 25  25  25  SER SER A . n 
A 1 26  CYS 26  26  26  CYS CYS A . n 
A 1 27  LYS 27  27  27  LYS LYS A . n 
A 1 28  GLN 28  28  28  GLN GLN A . n 
A 1 29  PHE 29  29  29  PHE PHE A . n 
A 1 30  THR 30  30  30  THR THR A . n 
A 1 31  VAL 31  31  31  VAL VAL A . n 
A 1 32  ASN 32  32  32  ASN ASN A . n 
A 1 33  LEU 33  33  33  LEU LEU A . n 
A 1 34  SER 34  34  34  SER SER A . n 
A 1 35  HIS 35  35  35  HIS HIS A . n 
A 1 36  PRO 36  36  36  PRO PRO A . n 
A 1 37  GLY 37  37  37  GLY GLY A . n 
A 1 38  ASN 38  38  38  ASN ASN A . n 
A 1 39  LEU 39  39  39  LEU LEU A . n 
A 1 40  PRO 40  40  40  PRO PRO A . n 
A 1 41  LYS 41  41  41  LYS LYS A . n 
A 1 42  ASN 42  42  42  ASN ASN A . n 
A 1 43  VAL 43  43  43  VAL VAL A . n 
A 1 44  MET 44  44  44  MET MET A . n 
A 1 45  GLY 45  45  45  GLY GLY A . n 
A 1 46  HIS 46  46  46  HIS HIS A . n 
A 1 47  ASN 47  47  47  ASN ASN A . n 
A 1 48  TRP 48  48  48  TRP TRP A . n 
A 1 49  VAL 49  49  49  VAL VAL A . n 
A 1 50  LEU 50  50  50  LEU LEU A . n 
A 1 51  SER 51  51  51  SER SER A . n 
A 1 52  THR 52  52  52  THR THR A . n 
A 1 53  ALA 53  53  53  ALA ALA A . n 
A 1 54  ALA 54  54  54  ALA ALA A . n 
A 1 55  ASP 55  55  55  ASP ASP A . n 
A 1 56  MET 56  56  56  MET MET A . n 
A 1 57  GLN 57  57  57  GLN GLN A . n 
A 1 58  GLY 58  58  58  GLY GLY A . n 
A 1 59  VAL 59  59  59  VAL VAL A . n 
A 1 60  VAL 60  60  60  VAL VAL A . n 
A 1 61  THR 61  61  61  THR THR A . n 
A 1 62  ASP 62  62  62  ASP ASP A . n 
A 1 63  GLY 63  63  63  GLY GLY A . n 
A 1 64  MET 64  64  64  MET MET A . n 
A 1 65  ALA 65  65  65  ALA ALA A . n 
A 1 66  SER 66  66  66  SER SER A . n 
A 1 67  GLY 67  67  67  GLY GLY A . n 
A 1 68  LEU 68  68  68  LEU LEU A . n 
A 1 69  ASP 69  69  69  ASP ASP A . n 
A 1 70  LYS 70  70  70  LYS LYS A . n 
A 1 71  ASP 71  71  71  ASP ASP A . n 
A 1 72  TYR 72  72  72  TYR TYR A . n 
A 1 73  LEU 73  73  73  LEU LEU A . n 
A 1 74  LYS 74  74  74  LYS LYS A . n 
A 1 75  PRO 75  75  75  PRO PRO A . n 
A 1 76  ASP 76  76  76  ASP ASP A . n 
A 1 77  ASP 77  77  77  ASP ASP A . n 
A 1 78  SER 78  78  78  SER SER A . n 
A 1 79  ARG 79  79  79  ARG ARG A . n 
A 1 80  VAL 80  80  80  VAL VAL A . n 
A 1 81  ILE 81  81  81  ILE ILE A . n 
A 1 82  ALA 82  82  82  ALA ALA A . n 
A 1 83  HIS 83  83  83  HIS HIS A . n 
A 1 84  THR 84  84  84  THR THR A . n 
A 1 85  LYS 85  85  85  LYS LYS A . n 
A 1 86  LEU 86  86  86  LEU LEU A . n 
A 1 87  ILE 87  87  87  ILE ILE A . n 
A 1 88  GLY 88  88  88  GLY GLY A . n 
A 1 89  SER 89  89  89  SER SER A . n 
A 1 90  GLY 90  90  90  GLY GLY A . n 
A 1 91  GLU 91  91  91  GLU GLU A . n 
A 1 92  LYS 92  92  92  LYS LYS A . n 
A 1 93  ASP 93  93  93  ASP ASP A . n 
A 1 94  SER 94  94  94  SER SER A . n 
A 1 95  VAL 95  95  95  VAL VAL A . n 
A 1 96  THR 96  96  96  THR THR A . n 
A 1 97  PHE 97  97  97  PHE PHE A . n 
A 1 98  ASP 98  98  98  ASP ASP A . n 
A 1 99  VAL 99  99  99  VAL VAL A . n 
A 1 100 SER 100 100 100 SER SER A . n 
A 1 101 LYS 101 101 101 LYS LYS A . n 
A 1 102 LEU 102 102 102 LEU LEU A . n 
A 1 103 LYS 103 103 103 LYS LYS A . n 
A 1 104 GLU 104 104 104 GLU GLU A . n 
A 1 105 GLY 105 105 105 GLY GLY A . n 
A 1 106 GLU 106 106 106 GLU GLU A . n 
A 1 107 GLN 107 107 107 GLN GLN A . n 
A 1 108 TYR 108 108 108 TYR TYR A . n 
A 1 109 MET 109 109 109 MET MET A . n 
A 1 110 PHE 110 110 110 PHE PHE A . n 
A 1 111 PHE 111 111 111 PHE PHE A . n 
A 1 112 CYS 112 112 112 CYS CYS A . n 
A 1 113 THR 113 113 113 THR THR A . n 
A 1 114 PHE 114 114 114 PHE PHE A . n 
A 1 115 PRO 115 115 115 PRO PRO A . n 
A 1 116 GLY 116 116 116 GLY GLY A . n 
A 1 117 HIS 117 117 117 HIS HIS A . n 
A 1 118 SER 118 118 118 SER SER A . n 
A 1 119 ALA 119 119 119 ALA ALA A . n 
A 1 120 LEU 120 120 120 LEU LEU A . n 
A 1 121 MET 121 121 121 MET MET A . n 
A 1 122 LYS 122 122 122 LYS LYS A . n 
A 1 123 GLY 123 123 123 GLY GLY A . n 
A 1 124 THR 124 124 124 THR THR A . n 
A 1 125 LEU 125 125 125 LEU LEU A . n 
A 1 126 THR 126 126 126 THR THR A . n 
A 1 127 LEU 127 127 127 LEU LEU A . n 
A 1 128 LYS 128 128 128 LYS LYS A . n 
# 
loop_
_pdbx_nonpoly_scheme.asym_id 
_pdbx_nonpoly_scheme.entity_id 
_pdbx_nonpoly_scheme.mon_id 
_pdbx_nonpoly_scheme.ndb_seq_num 
_pdbx_nonpoly_scheme.pdb_seq_num 
_pdbx_nonpoly_scheme.auth_seq_num 
_pdbx_nonpoly_scheme.pdb_mon_id 
_pdbx_nonpoly_scheme.auth_mon_id 
_pdbx_nonpoly_scheme.pdb_strand_id 
_pdbx_nonpoly_scheme.pdb_ins_code 
B 2 CU  1   901 901 CU  CU  A . 
C 2 CU  1   902 902 CU  CU  A . 
D 3 DRU 1   903 903 DRU RUA A . 
E 4 LRU 1   904 904 LRU RUB A . 
F 5 HOH 1   331 331 HOH WAT A . 
F 5 HOH 2   332 332 HOH WAT A . 
F 5 HOH 3   333 333 HOH WAT A . 
F 5 HOH 4   334 334 HOH WAT A . 
F 5 HOH 5   335 335 HOH WAT A . 
F 5 HOH 6   336 336 HOH WAT A . 
F 5 HOH 7   337 337 HOH WAT A . 
F 5 HOH 8   338 338 HOH WAT A . 
F 5 HOH 9   339 339 HOH WAT A . 
F 5 HOH 10  341 341 HOH WAT A . 
F 5 HOH 11  342 342 HOH WAT A . 
F 5 HOH 12  343 343 HOH WAT A . 
F 5 HOH 13  344 344 HOH WAT A . 
F 5 HOH 14  345 345 HOH WAT A . 
F 5 HOH 15  346 346 HOH WAT A . 
F 5 HOH 16  347 347 HOH WAT A . 
F 5 HOH 17  348 348 HOH WAT A . 
F 5 HOH 18  349 349 HOH WAT A . 
F 5 HOH 19  351 351 HOH WAT A . 
F 5 HOH 20  352 352 HOH WAT A . 
F 5 HOH 21  353 353 HOH WAT A . 
F 5 HOH 22  354 354 HOH WAT A . 
F 5 HOH 23  355 355 HOH WAT A . 
F 5 HOH 24  356 356 HOH WAT A . 
F 5 HOH 25  357 357 HOH WAT A . 
F 5 HOH 26  358 358 HOH WAT A . 
F 5 HOH 27  359 359 HOH WAT A . 
F 5 HOH 28  360 360 HOH WAT A . 
F 5 HOH 29  361 361 HOH WAT A . 
F 5 HOH 30  362 362 HOH WAT A . 
F 5 HOH 31  363 363 HOH WAT A . 
F 5 HOH 32  364 364 HOH WAT A . 
F 5 HOH 33  365 365 HOH WAT A . 
F 5 HOH 34  366 366 HOH WAT A . 
F 5 HOH 35  367 367 HOH WAT A . 
F 5 HOH 36  368 368 HOH WAT A . 
F 5 HOH 37  369 369 HOH WAT A . 
F 5 HOH 38  370 370 HOH WAT A . 
F 5 HOH 39  371 371 HOH WAT A . 
F 5 HOH 40  372 372 HOH WAT A . 
F 5 HOH 41  373 373 HOH WAT A . 
F 5 HOH 42  374 374 HOH WAT A . 
F 5 HOH 43  375 375 HOH WAT A . 
F 5 HOH 44  376 376 HOH WAT A . 
F 5 HOH 45  377 377 HOH WAT A . 
F 5 HOH 46  378 378 HOH WAT A . 
F 5 HOH 47  379 379 HOH WAT A . 
F 5 HOH 48  380 380 HOH WAT A . 
F 5 HOH 49  381 381 HOH WAT A . 
F 5 HOH 50  382 382 HOH WAT A . 
F 5 HOH 51  383 383 HOH WAT A . 
F 5 HOH 52  384 384 HOH WAT A . 
F 5 HOH 53  385 385 HOH WAT A . 
F 5 HOH 54  386 386 HOH WAT A . 
F 5 HOH 55  387 387 HOH WAT A . 
F 5 HOH 56  388 388 HOH WAT A . 
F 5 HOH 57  389 389 HOH WAT A . 
F 5 HOH 58  390 390 HOH WAT A . 
F 5 HOH 59  391 391 HOH WAT A . 
F 5 HOH 60  392 392 HOH WAT A . 
F 5 HOH 61  394 394 HOH WAT A . 
F 5 HOH 62  395 395 HOH WAT A . 
F 5 HOH 63  396 396 HOH WAT A . 
F 5 HOH 64  397 397 HOH WAT A . 
F 5 HOH 65  398 398 HOH WAT A . 
F 5 HOH 66  399 399 HOH WAT A . 
F 5 HOH 67  400 400 HOH WAT A . 
F 5 HOH 68  401 401 HOH WAT A . 
F 5 HOH 69  402 402 HOH WAT A . 
F 5 HOH 70  403 403 HOH WAT A . 
F 5 HOH 71  404 404 HOH WAT A . 
F 5 HOH 72  405 405 HOH WAT A . 
F 5 HOH 73  406 406 HOH WAT A . 
F 5 HOH 74  407 407 HOH WAT A . 
F 5 HOH 75  408 408 HOH WAT A . 
F 5 HOH 76  409 409 HOH WAT A . 
F 5 HOH 77  410 410 HOH WAT A . 
F 5 HOH 78  411 411 HOH WAT A . 
F 5 HOH 79  412 412 HOH WAT A . 
F 5 HOH 80  413 413 HOH WAT A . 
F 5 HOH 81  414 414 HOH WAT A . 
F 5 HOH 82  415 415 HOH WAT A . 
F 5 HOH 83  416 416 HOH WAT A . 
F 5 HOH 84  417 417 HOH WAT A . 
F 5 HOH 85  418 418 HOH WAT A . 
F 5 HOH 86  419 419 HOH WAT A . 
F 5 HOH 87  420 420 HOH WAT A . 
F 5 HOH 88  421 421 HOH WAT A . 
F 5 HOH 89  422 422 HOH WAT A . 
F 5 HOH 90  424 424 HOH WAT A . 
F 5 HOH 91  425 425 HOH WAT A . 
F 5 HOH 92  426 426 HOH WAT A . 
F 5 HOH 93  427 427 HOH WAT A . 
F 5 HOH 94  428 428 HOH WAT A . 
F 5 HOH 95  429 429 HOH WAT A . 
F 5 HOH 96  430 430 HOH WAT A . 
F 5 HOH 97  431 431 HOH WAT A . 
F 5 HOH 98  432 432 HOH WAT A . 
F 5 HOH 99  433 433 HOH WAT A . 
F 5 HOH 100 434 434 HOH WAT A . 
F 5 HOH 101 435 435 HOH WAT A . 
F 5 HOH 102 436 436 HOH WAT A . 
F 5 HOH 103 437 437 HOH WAT A . 
F 5 HOH 104 438 438 HOH WAT A . 
F 5 HOH 105 439 439 HOH WAT A . 
F 5 HOH 106 440 440 HOH WAT A . 
F 5 HOH 107 441 441 HOH WAT A . 
F 5 HOH 108 442 442 HOH WAT A . 
F 5 HOH 109 443 443 HOH WAT A . 
F 5 HOH 110 444 444 HOH WAT A . 
F 5 HOH 111 445 445 HOH WAT A . 
F 5 HOH 112 446 446 HOH WAT A . 
F 5 HOH 113 447 447 HOH WAT A . 
F 5 HOH 114 448 448 HOH WAT A . 
F 5 HOH 115 449 449 HOH WAT A . 
F 5 HOH 116 450 450 HOH WAT A . 
F 5 HOH 117 451 451 HOH WAT A . 
F 5 HOH 118 452 452 HOH WAT A . 
F 5 HOH 119 453 453 HOH WAT A . 
F 5 HOH 120 454 454 HOH WAT A . 
F 5 HOH 121 455 455 HOH WAT A . 
F 5 HOH 122 456 456 HOH WAT A . 
F 5 HOH 123 457 457 HOH WAT A . 
F 5 HOH 124 468 468 HOH WAT A . 
F 5 HOH 125 469 469 HOH WAT A . 
# 
loop_
_software.name 
_software.classification 
_software.version 
_software.citation_id 
_software.pdbx_ordinal 
DENZO     'data reduction' .   ? 1 
SCALEPACK 'data scaling'   .   ? 2 
AMoRE     phasing          .   ? 3 
CNS       refinement       1.0 ? 4 
# 
_cell.entry_id           1JZE 
_cell.length_a           53.430 
_cell.length_b           61.760 
_cell.length_c           68.780 
_cell.angle_alpha        90.00 
_cell.angle_beta         90.00 
_cell.angle_gamma        90.00 
_cell.Z_PDB              8 
_cell.pdbx_unique_axis   ? 
# 
_symmetry.entry_id                         1JZE 
_symmetry.space_group_name_H-M             'I 2 2 2' 
_symmetry.pdbx_full_space_group_name_H-M   ? 
_symmetry.cell_setting                     ? 
_symmetry.Int_Tables_number                23 
# 
_exptl.entry_id          1JZE 
_exptl.method            'X-RAY DIFFRACTION' 
_exptl.crystals_number   1 
# 
_exptl_crystal.id                    1 
_exptl_crystal.density_meas          ? 
_exptl_crystal.density_Matthews      2.03 
_exptl_crystal.density_percent_sol   39.45 
_exptl_crystal.description           ? 
# 
_exptl_crystal_grow.crystal_id      1 
_exptl_crystal_grow.method          'VAPOR DIFFUSION, HANGING DROP' 
_exptl_crystal_grow.temp            293 
_exptl_crystal_grow.temp_details    ? 
_exptl_crystal_grow.pH              7.0 
_exptl_crystal_grow.pdbx_details    'PEG, Imidazole, pH 7.0, VAPOR DIFFUSION, HANGING DROP, temperature 293K' 
_exptl_crystal_grow.pdbx_pH_range   ? 
# 
_diffrn.id                     1 
_diffrn.ambient_temp           100 
_diffrn.ambient_temp_details   ? 
_diffrn.crystal_id             1 
# 
_diffrn_detector.diffrn_id              1 
_diffrn_detector.detector               'IMAGE PLATE' 
_diffrn_detector.type                   MARRESEARCH 
_diffrn_detector.pdbx_collection_date   1998-01-08 
_diffrn_detector.details                ? 
# 
_diffrn_radiation.diffrn_id                        1 
_diffrn_radiation.wavelength_id                    1 
_diffrn_radiation.pdbx_monochromatic_or_laue_m_l   M 
_diffrn_radiation.monochromator                    'Si(111)' 
_diffrn_radiation.pdbx_diffrn_protocol             'SINGLE WAVELENGTH' 
_diffrn_radiation.pdbx_scattering_type             x-ray 
# 
_diffrn_radiation_wavelength.id           1 
_diffrn_radiation_wavelength.wavelength   1.08 
_diffrn_radiation_wavelength.wt           1.0 
# 
_diffrn_source.diffrn_id                   1 
_diffrn_source.source                      SYNCHROTRON 
_diffrn_source.type                        'SSRL BEAMLINE BL7-1' 
_diffrn_source.pdbx_synchrotron_site       SSRL 
_diffrn_source.pdbx_synchrotron_beamline   BL7-1 
_diffrn_source.pdbx_wavelength             ? 
_diffrn_source.pdbx_wavelength_list        1.08 
# 
_reflns.entry_id                     1JZE 
_reflns.observed_criterion_sigma_I   0.0 
_reflns.observed_criterion_sigma_F   0.0 
_reflns.d_resolution_low             26.0 
_reflns.d_resolution_high            1.60 
_reflns.number_obs                   13982 
_reflns.number_all                   13982 
_reflns.percent_possible_obs         92.1 
_reflns.pdbx_Rmerge_I_obs            ? 
_reflns.pdbx_Rsym_value              0.05 
_reflns.pdbx_netI_over_sigmaI        34 
_reflns.B_iso_Wilson_estimate        16.4 
_reflns.pdbx_redundancy              3.6 
_reflns.R_free_details               ? 
_reflns.limit_h_max                  ? 
_reflns.limit_h_min                  ? 
_reflns.limit_k_max                  ? 
_reflns.limit_k_min                  ? 
_reflns.limit_l_max                  ? 
_reflns.limit_l_min                  ? 
_reflns.observed_criterion_F_max     ? 
_reflns.observed_criterion_F_min     ? 
_reflns.pdbx_ordinal                 1 
_reflns.pdbx_diffrn_id               1 
# 
_reflns_shell.d_res_high             1.60 
_reflns_shell.d_res_low              1.66 
_reflns_shell.percent_possible_all   46.1 
_reflns_shell.Rmerge_I_obs           ? 
_reflns_shell.pdbx_Rsym_value        0.213 
_reflns_shell.meanI_over_sigI_obs    2.9 
_reflns_shell.pdbx_redundancy        ? 
_reflns_shell.percent_possible_obs   ? 
_reflns_shell.number_unique_all      688 
_reflns_shell.pdbx_ordinal           1 
_reflns_shell.pdbx_diffrn_id         1 
# 
_refine.entry_id                                 1JZE 
_refine.ls_number_reflns_obs                     11480 
_refine.ls_number_reflns_all                     13982 
_refine.pdbx_ls_sigma_I                          ? 
_refine.pdbx_ls_sigma_F                          2.0 
_refine.pdbx_data_cutoff_high_absF               342245.42 
_refine.pdbx_data_cutoff_low_absF                0.000000 
_refine.ls_d_res_low                             26.72 
_refine.ls_d_res_high                            1.60 
_refine.ls_percent_reflns_obs                    75.5 
_refine.ls_R_factor_obs                          ? 
_refine.ls_R_factor_all                          ? 
_refine.ls_R_factor_R_work                       0.249 
_refine.ls_R_factor_R_free                       0.274 
_refine.ls_R_factor_R_free_error                 0.009 
_refine.ls_R_factor_R_free_error_details         ? 
_refine.ls_percent_reflns_R_free                 8.0 
_refine.ls_number_reflns_R_free                  915 
_refine.ls_number_parameters                     ? 
_refine.ls_number_restraints                     ? 
_refine.occupancy_min                            ? 
_refine.occupancy_max                            ? 
_refine.B_iso_mean                               28.6 
_refine.aniso_B[1][1]                            9.36 
_refine.aniso_B[2][2]                            -10.08 
_refine.aniso_B[3][3]                            0.73 
_refine.aniso_B[1][2]                            0.00 
_refine.aniso_B[1][3]                            0.00 
_refine.aniso_B[2][3]                            0.00 
_refine.solvent_model_details                    'FLAT MODEL' 
_refine.solvent_model_param_ksol                 0.318763 
_refine.solvent_model_param_bsol                 35.3619 
_refine.pdbx_ls_cross_valid_method               ? 
_refine.details                                  ? 
_refine.pdbx_starting_model                      1BEX 
_refine.pdbx_method_to_determine_struct          'MOLECULAR REPLACEMENT' 
_refine.pdbx_isotropic_thermal_model             RESTRAINED 
_refine.pdbx_stereochemistry_target_values       'Engh & Huber' 
_refine.pdbx_stereochem_target_val_spec_case     ? 
_refine.pdbx_R_Free_selection_details            RANDOM 
_refine.pdbx_overall_ESU_R_Free                  ? 
_refine.overall_SU_B                             ? 
_refine.ls_redundancy_reflns_obs                 ? 
_refine.B_iso_min                                ? 
_refine.B_iso_max                                ? 
_refine.correlation_coeff_Fo_to_Fc               ? 
_refine.correlation_coeff_Fo_to_Fc_free          ? 
_refine.overall_SU_R_Cruickshank_DPI             ? 
_refine.overall_SU_R_free                        ? 
_refine.overall_SU_ML                            ? 
_refine.pdbx_overall_ESU_R                       ? 
_refine.pdbx_data_cutoff_high_rms_absF           ? 
_refine.pdbx_refine_id                           'X-RAY DIFFRACTION' 
_refine.pdbx_diffrn_id                           1 
_refine.pdbx_TLS_residual_ADP_flag               ? 
_refine.pdbx_solvent_vdw_probe_radii             ? 
_refine.pdbx_solvent_ion_probe_radii             ? 
_refine.pdbx_solvent_shrinkage_radii             ? 
_refine.pdbx_overall_phase_error                 ? 
_refine.pdbx_overall_SU_R_free_Cruickshank_DPI   ? 
_refine.pdbx_overall_SU_R_Blow_DPI               ? 
_refine.pdbx_overall_SU_R_free_Blow_DPI          ? 
# 
_refine_analyze.entry_id                        1JZE 
_refine_analyze.Luzzati_coordinate_error_obs    0.26 
_refine_analyze.Luzzati_sigma_a_obs             0.27 
_refine_analyze.Luzzati_d_res_low_obs           5.00 
_refine_analyze.Luzzati_coordinate_error_free   0.28 
_refine_analyze.Luzzati_sigma_a_free            0.27 
_refine_analyze.Luzzati_d_res_low_free          ? 
_refine_analyze.number_disordered_residues      ? 
_refine_analyze.occupancy_sum_hydrogen          ? 
_refine_analyze.occupancy_sum_non_hydrogen      ? 
_refine_analyze.pdbx_Luzzati_d_res_high_obs     ? 
_refine_analyze.pdbx_refine_id                  'X-RAY DIFFRACTION' 
# 
_refine_hist.pdbx_refine_id                   'X-RAY DIFFRACTION' 
_refine_hist.cycle_id                         LAST 
_refine_hist.pdbx_number_atoms_protein        974 
_refine_hist.pdbx_number_atoms_nucleic_acid   0 
_refine_hist.pdbx_number_atoms_ligand         62 
_refine_hist.number_atoms_solvent             125 
_refine_hist.number_atoms_total               1161 
_refine_hist.d_res_high                       1.60 
_refine_hist.d_res_low                        26.72 
# 
loop_
_refine_ls_restr.type 
_refine_ls_restr.dev_ideal 
_refine_ls_restr.dev_ideal_target 
_refine_ls_restr.weight 
_refine_ls_restr.number 
_refine_ls_restr.pdbx_refine_id 
_refine_ls_restr.pdbx_restraint_function 
c_bond_d           0.027 ?    ? ? 'X-RAY DIFFRACTION' ? 
c_angle_deg        1.5   ?    ? ? 'X-RAY DIFFRACTION' ? 
c_dihedral_angle_d 25.4  ?    ? ? 'X-RAY DIFFRACTION' ? 
c_improper_angle_d 1.23  ?    ? ? 'X-RAY DIFFRACTION' ? 
c_mcbond_it        0.95  1.50 ? ? 'X-RAY DIFFRACTION' ? 
c_mcangle_it       1.63  2.00 ? ? 'X-RAY DIFFRACTION' ? 
c_scbond_it        1.33  2.00 ? ? 'X-RAY DIFFRACTION' ? 
c_scangle_it       1.93  2.50 ? ? 'X-RAY DIFFRACTION' ? 
# 
_refine_ls_shell.pdbx_total_number_of_bins_used   10 
_refine_ls_shell.d_res_high                       1.60 
_refine_ls_shell.d_res_low                        1.66 
_refine_ls_shell.number_reflns_R_work             275 
_refine_ls_shell.R_factor_R_work                  0.32 
_refine_ls_shell.percent_reflns_obs               19.7 
_refine_ls_shell.R_factor_R_free                  0.386 
_refine_ls_shell.R_factor_R_free_error            0.079 
_refine_ls_shell.percent_reflns_R_free            8.0 
_refine_ls_shell.number_reflns_R_free             24 
_refine_ls_shell.number_reflns_obs                ? 
_refine_ls_shell.redundancy_reflns_obs            ? 
_refine_ls_shell.number_reflns_all                ? 
_refine_ls_shell.pdbx_refine_id                   'X-RAY DIFFRACTION' 
_refine_ls_shell.R_factor_all                     ? 
# 
loop_
_pdbx_xplor_file.serial_no 
_pdbx_xplor_file.param_file 
_pdbx_xplor_file.topol_file 
_pdbx_xplor_file.pdbx_refine_id 
1 PROTEIN_REP.PARAM PROTEIN.TOP  'X-RAY DIFFRACTION' 
2 PARAM19X.HEME     WATER.TOP    'X-RAY DIFFRACTION' 
3 RUA.PAR           REPHEN.TOP   'X-RAY DIFFRACTION' 
4 WATER.PARAM       TOPH19X.HEME 'X-RAY DIFFRACTION' 
5 RUB.PAR           ?            'X-RAY DIFFRACTION' 
# 
_struct.entry_id                  1JZE 
_struct.title                     'Pseudomonas aeruginosa Azurin Ru(bpy)2(im)(His83)' 
_struct.pdbx_model_details        ? 
_struct.pdbx_CASP_flag            ? 
_struct.pdbx_model_type_details   ? 
# 
_struct_keywords.entry_id        1JZE 
_struct_keywords.pdbx_keywords   'ELECTRON TRANSPORT' 
_struct_keywords.text            'Blue-copper, Electron Transfer, Ruthenium, ELECTRON TRANSPORT' 
# 
loop_
_struct_asym.id 
_struct_asym.pdbx_blank_PDB_chainid_flag 
_struct_asym.pdbx_modified 
_struct_asym.entity_id 
_struct_asym.details 
A N N 1 ? 
B N N 2 ? 
C N N 2 ? 
D N N 3 ? 
E N N 4 ? 
F N N 5 ? 
# 
_struct_ref.id                         1 
_struct_ref.db_name                    UNP 
_struct_ref.db_code                    AZUR_PSEAE 
_struct_ref.entity_id                  1 
_struct_ref.pdbx_seq_one_letter_code   
;AECSVDIQGNDQMQFNTNAITVDKSCKQFTVNLSHPGNLPKNVMGHNWVLSTAADMQGVVTDGMASGLDKDYLKPDDSRV
IAHTKLIGSGEKDSVTFDVSKLKEGEQYMFFCTFPGHSALMKGTLTLK
;
_struct_ref.pdbx_align_begin           21 
_struct_ref.pdbx_db_accession          P00282 
_struct_ref.pdbx_db_isoform            ? 
# 
_struct_ref_seq.align_id                      1 
_struct_ref_seq.ref_id                        1 
_struct_ref_seq.pdbx_PDB_id_code              1JZE 
_struct_ref_seq.pdbx_strand_id                A 
_struct_ref_seq.seq_align_beg                 1 
_struct_ref_seq.pdbx_seq_align_beg_ins_code   ? 
_struct_ref_seq.seq_align_end                 128 
_struct_ref_seq.pdbx_seq_align_end_ins_code   ? 
_struct_ref_seq.pdbx_db_accession             P00282 
_struct_ref_seq.db_align_beg                  21 
_struct_ref_seq.pdbx_db_align_beg_ins_code    ? 
_struct_ref_seq.db_align_end                  148 
_struct_ref_seq.pdbx_db_align_end_ins_code    ? 
_struct_ref_seq.pdbx_auth_seq_align_beg       1 
_struct_ref_seq.pdbx_auth_seq_align_end       128 
# 
_pdbx_struct_assembly.id                   1 
_pdbx_struct_assembly.details              author_defined_assembly 
_pdbx_struct_assembly.method_details       ? 
_pdbx_struct_assembly.oligomeric_details   monomeric 
_pdbx_struct_assembly.oligomeric_count     1 
# 
_pdbx_struct_assembly_gen.assembly_id       1 
_pdbx_struct_assembly_gen.oper_expression   1 
_pdbx_struct_assembly_gen.asym_id_list      A,B,C,D,E,F 
# 
_pdbx_struct_oper_list.id                   1 
_pdbx_struct_oper_list.type                 'identity operation' 
_pdbx_struct_oper_list.name                 1_555 
_pdbx_struct_oper_list.symmetry_operation   x,y,z 
_pdbx_struct_oper_list.matrix[1][1]         1.0000000000 
_pdbx_struct_oper_list.matrix[1][2]         0.0000000000 
_pdbx_struct_oper_list.matrix[1][3]         0.0000000000 
_pdbx_struct_oper_list.vector[1]            0.0000000000 
_pdbx_struct_oper_list.matrix[2][1]         0.0000000000 
_pdbx_struct_oper_list.matrix[2][2]         1.0000000000 
_pdbx_struct_oper_list.matrix[2][3]         0.0000000000 
_pdbx_struct_oper_list.vector[2]            0.0000000000 
_pdbx_struct_oper_list.matrix[3][1]         0.0000000000 
_pdbx_struct_oper_list.matrix[3][2]         0.0000000000 
_pdbx_struct_oper_list.matrix[3][3]         1.0000000000 
_pdbx_struct_oper_list.vector[3]            0.0000000000 
# 
_struct_biol.id                    1 
_struct_biol.details               'The biological assembly is a monomer' 
_struct_biol.pdbx_parent_biol_id   ? 
# 
loop_
_struct_conf.conf_type_id 
_struct_conf.id 
_struct_conf.pdbx_PDB_helix_id 
_struct_conf.beg_label_comp_id 
_struct_conf.beg_label_asym_id 
_struct_conf.beg_label_seq_id 
_struct_conf.pdbx_beg_PDB_ins_code 
_struct_conf.end_label_comp_id 
_struct_conf.end_label_asym_id 
_struct_conf.end_label_seq_id 
_struct_conf.pdbx_end_PDB_ins_code 
_struct_conf.beg_auth_comp_id 
_struct_conf.beg_auth_asym_id 
_struct_conf.beg_auth_seq_id 
_struct_conf.end_auth_comp_id 
_struct_conf.end_auth_asym_id 
_struct_conf.end_auth_seq_id 
_struct_conf.pdbx_PDB_helix_class 
_struct_conf.details 
_struct_conf.pdbx_PDB_helix_length 
HELX_P HELX_P1 1 PRO A 40  ? GLY A 45  ? PRO A 40  GLY A 45  1 ? 6  
HELX_P HELX_P2 2 ASP A 55  ? ALA A 65  ? ASP A 55  ALA A 65  1 ? 11 
HELX_P HELX_P3 3 SER A 66  ? ASP A 71  ? SER A 66  ASP A 71  5 ? 6  
HELX_P HELX_P4 4 SER A 100 ? LEU A 102 ? SER A 100 LEU A 102 5 ? 3  
HELX_P HELX_P5 5 GLY A 116 ? LEU A 120 ? GLY A 116 LEU A 120 5 ? 5  
# 
_struct_conf_type.id          HELX_P 
_struct_conf_type.criteria    ? 
_struct_conf_type.reference   ? 
# 
loop_
_struct_conn.id 
_struct_conn.conn_type_id 
_struct_conn.pdbx_leaving_atom_flag 
_struct_conn.pdbx_PDB_id 
_struct_conn.ptnr1_label_asym_id 
_struct_conn.ptnr1_label_comp_id 
_struct_conn.ptnr1_label_seq_id 
_struct_conn.ptnr1_label_atom_id 
_struct_conn.pdbx_ptnr1_label_alt_id 
_struct_conn.pdbx_ptnr1_PDB_ins_code 
_struct_conn.pdbx_ptnr1_standard_comp_id 
_struct_conn.ptnr1_symmetry 
_struct_conn.ptnr2_label_asym_id 
_struct_conn.ptnr2_label_comp_id 
_struct_conn.ptnr2_label_seq_id 
_struct_conn.ptnr2_label_atom_id 
_struct_conn.pdbx_ptnr2_label_alt_id 
_struct_conn.pdbx_ptnr2_PDB_ins_code 
_struct_conn.ptnr1_auth_asym_id 
_struct_conn.ptnr1_auth_comp_id 
_struct_conn.ptnr1_auth_seq_id 
_struct_conn.ptnr2_auth_asym_id 
_struct_conn.ptnr2_auth_comp_id 
_struct_conn.ptnr2_auth_seq_id 
_struct_conn.ptnr2_symmetry 
_struct_conn.pdbx_ptnr3_label_atom_id 
_struct_conn.pdbx_ptnr3_label_seq_id 
_struct_conn.pdbx_ptnr3_label_comp_id 
_struct_conn.pdbx_ptnr3_label_asym_id 
_struct_conn.pdbx_ptnr3_label_alt_id 
_struct_conn.pdbx_ptnr3_PDB_ins_code 
_struct_conn.details 
_struct_conn.pdbx_dist_value 
_struct_conn.pdbx_value_order 
_struct_conn.pdbx_role 
disulf1  disulf ? ? A CYS 3   SG  ? ? ? 1_555 A CYS 26 SG ? ? A CYS 3   A CYS 26  1_555 ? ? ? ? ? ? ? 2.031 ? ? 
metalc1  metalc ? ? A ALA 1   O   ? ? ? 1_555 C CU  .  CU ? ? A ALA 1   A CU  902 1_555 ? ? ? ? ? ? ? 2.420 ? ? 
metalc2  metalc ? ? A ALA 1   N   ? ? ? 1_555 C CU  .  CU ? ? A ALA 1   A CU  902 1_555 ? ? ? ? ? ? ? 2.774 ? ? 
metalc3  metalc ? ? A ALA 1   N   ? ? ? 4_565 C CU  .  CU ? ? A ALA 1   A CU  902 1_555 ? ? ? ? ? ? ? 2.774 ? ? 
metalc4  metalc ? ? A ALA 1   O   ? ? ? 4_565 C CU  .  CU ? ? A ALA 1   A CU  902 1_555 ? ? ? ? ? ? ? 2.420 ? ? 
metalc5  metalc ? ? A GLY 45  O   ? ? ? 1_555 B CU  .  CU ? ? A GLY 45  A CU  901 1_555 ? ? ? ? ? ? ? 2.654 ? ? 
metalc6  metalc ? ? A HIS 46  ND1 ? ? ? 1_555 B CU  .  CU ? ? A HIS 46  A CU  901 1_555 ? ? ? ? ? ? ? 1.956 ? ? 
metalc7  metalc ? ? A HIS 83  NE2 ? ? ? 1_555 D DRU .  RU A ? A HIS 83  A DRU 903 1_555 ? ? ? ? ? ? ? 2.092 ? ? 
metalc8  metalc ? ? A HIS 83  NE2 ? ? ? 1_555 E LRU .  RU B ? A HIS 83  A LRU 904 1_555 ? ? ? ? ? ? ? 2.079 ? ? 
metalc9  metalc ? ? A CYS 112 SG  ? ? ? 1_555 B CU  .  CU ? ? A CYS 112 A CU  901 1_555 ? ? ? ? ? ? ? 2.173 ? ? 
metalc10 metalc ? ? A HIS 117 ND1 ? ? ? 1_555 B CU  .  CU ? ? A HIS 117 A CU  901 1_555 ? ? ? ? ? ? ? 1.970 ? ? 
metalc11 metalc ? ? A MET 121 SD  ? ? ? 1_555 B CU  .  CU ? ? A MET 121 A CU  901 1_555 ? ? ? ? ? ? ? 3.128 ? ? 
# 
loop_
_struct_conn_type.id 
_struct_conn_type.criteria 
_struct_conn_type.reference 
disulf ? ? 
metalc ? ? 
# 
loop_
_pdbx_struct_conn_angle.id 
_pdbx_struct_conn_angle.ptnr1_label_atom_id 
_pdbx_struct_conn_angle.ptnr1_label_alt_id 
_pdbx_struct_conn_angle.ptnr1_label_asym_id 
_pdbx_struct_conn_angle.ptnr1_label_comp_id 
_pdbx_struct_conn_angle.ptnr1_label_seq_id 
_pdbx_struct_conn_angle.ptnr1_auth_atom_id 
_pdbx_struct_conn_angle.ptnr1_auth_asym_id 
_pdbx_struct_conn_angle.ptnr1_auth_comp_id 
_pdbx_struct_conn_angle.ptnr1_auth_seq_id 
_pdbx_struct_conn_angle.ptnr1_PDB_ins_code 
_pdbx_struct_conn_angle.ptnr1_symmetry 
_pdbx_struct_conn_angle.ptnr2_label_atom_id 
_pdbx_struct_conn_angle.ptnr2_label_alt_id 
_pdbx_struct_conn_angle.ptnr2_label_asym_id 
_pdbx_struct_conn_angle.ptnr2_label_comp_id 
_pdbx_struct_conn_angle.ptnr2_label_seq_id 
_pdbx_struct_conn_angle.ptnr2_auth_atom_id 
_pdbx_struct_conn_angle.ptnr2_auth_asym_id 
_pdbx_struct_conn_angle.ptnr2_auth_comp_id 
_pdbx_struct_conn_angle.ptnr2_auth_seq_id 
_pdbx_struct_conn_angle.ptnr2_PDB_ins_code 
_pdbx_struct_conn_angle.ptnr2_symmetry 
_pdbx_struct_conn_angle.ptnr3_label_atom_id 
_pdbx_struct_conn_angle.ptnr3_label_alt_id 
_pdbx_struct_conn_angle.ptnr3_label_asym_id 
_pdbx_struct_conn_angle.ptnr3_label_comp_id 
_pdbx_struct_conn_angle.ptnr3_label_seq_id 
_pdbx_struct_conn_angle.ptnr3_auth_atom_id 
_pdbx_struct_conn_angle.ptnr3_auth_asym_id 
_pdbx_struct_conn_angle.ptnr3_auth_comp_id 
_pdbx_struct_conn_angle.ptnr3_auth_seq_id 
_pdbx_struct_conn_angle.ptnr3_PDB_ins_code 
_pdbx_struct_conn_angle.ptnr3_symmetry 
_pdbx_struct_conn_angle.value 
_pdbx_struct_conn_angle.value_esd 
1  O   ? A ALA 1   ? A ALA 1   ? 1_555 CU ? C CU  . ? A CU  902 ? 1_555 N   ? A ALA 1   ? A ALA 1   ? 1_555 71.7  ? 
2  O   ? A ALA 1   ? A ALA 1   ? 1_555 CU ? C CU  . ? A CU  902 ? 1_555 N   ? A ALA 1   ? A ALA 1   ? 4_565 138.5 ? 
3  N   ? A ALA 1   ? A ALA 1   ? 1_555 CU ? C CU  . ? A CU  902 ? 1_555 N   ? A ALA 1   ? A ALA 1   ? 4_565 144.4 ? 
4  O   ? A ALA 1   ? A ALA 1   ? 1_555 CU ? C CU  . ? A CU  902 ? 1_555 O   ? A ALA 1   ? A ALA 1   ? 4_565 89.4  ? 
5  N   ? A ALA 1   ? A ALA 1   ? 1_555 CU ? C CU  . ? A CU  902 ? 1_555 O   ? A ALA 1   ? A ALA 1   ? 4_565 138.5 ? 
6  N   ? A ALA 1   ? A ALA 1   ? 4_565 CU ? C CU  . ? A CU  902 ? 1_555 O   ? A ALA 1   ? A ALA 1   ? 4_565 71.7  ? 
7  O   ? A GLY 45  ? A GLY 45  ? 1_555 CU ? B CU  . ? A CU  901 ? 1_555 ND1 ? A HIS 46  ? A HIS 46  ? 1_555 81.5  ? 
8  O   ? A GLY 45  ? A GLY 45  ? 1_555 CU ? B CU  . ? A CU  901 ? 1_555 SG  ? A CYS 112 ? A CYS 112 ? 1_555 96.6  ? 
9  ND1 ? A HIS 46  ? A HIS 46  ? 1_555 CU ? B CU  . ? A CU  901 ? 1_555 SG  ? A CYS 112 ? A CYS 112 ? 1_555 136.2 ? 
10 O   ? A GLY 45  ? A GLY 45  ? 1_555 CU ? B CU  . ? A CU  901 ? 1_555 ND1 ? A HIS 117 ? A HIS 117 ? 1_555 88.0  ? 
11 ND1 ? A HIS 46  ? A HIS 46  ? 1_555 CU ? B CU  . ? A CU  901 ? 1_555 ND1 ? A HIS 117 ? A HIS 117 ? 1_555 107.8 ? 
12 SG  ? A CYS 112 ? A CYS 112 ? 1_555 CU ? B CU  . ? A CU  901 ? 1_555 ND1 ? A HIS 117 ? A HIS 117 ? 1_555 115.8 ? 
13 O   ? A GLY 45  ? A GLY 45  ? 1_555 CU ? B CU  . ? A CU  901 ? 1_555 SD  ? A MET 121 ? A MET 121 ? 1_555 148.0 ? 
14 ND1 ? A HIS 46  ? A HIS 46  ? 1_555 CU ? B CU  . ? A CU  901 ? 1_555 SD  ? A MET 121 ? A MET 121 ? 1_555 69.4  ? 
15 SG  ? A CYS 112 ? A CYS 112 ? 1_555 CU ? B CU  . ? A CU  901 ? 1_555 SD  ? A MET 121 ? A MET 121 ? 1_555 113.3 ? 
16 ND1 ? A HIS 117 ? A HIS 117 ? 1_555 CU ? B CU  . ? A CU  901 ? 1_555 SD  ? A MET 121 ? A MET 121 ? 1_555 88.8  ? 
17 NE2 ? A HIS 83  ? A HIS 83  ? 1_555 RU A D DRU . ? A DRU 903 ? 1_555 N13 A D DRU .   ? A DRU 903 ? 1_555 96.6  ? 
18 NE2 ? A HIS 83  ? A HIS 83  ? 1_555 RU A D DRU . ? A DRU 903 ? 1_555 N2  A D DRU .   ? A DRU 903 ? 1_555 90.6  ? 
19 N13 A D DRU .   ? A DRU 903 ? 1_555 RU A D DRU . ? A DRU 903 ? 1_555 N2  A D DRU .   ? A DRU 903 ? 1_555 79.7  ? 
20 NE2 ? A HIS 83  ? A HIS 83  ? 1_555 RU A D DRU . ? A DRU 903 ? 1_555 N37 A D DRU .   ? A DRU 903 ? 1_555 96.9  ? 
21 N13 A D DRU .   ? A DRU 903 ? 1_555 RU A D DRU . ? A DRU 903 ? 1_555 N37 A D DRU .   ? A DRU 903 ? 1_555 98.5  ? 
22 N2  A D DRU .   ? A DRU 903 ? 1_555 RU A D DRU . ? A DRU 903 ? 1_555 N37 A D DRU .   ? A DRU 903 ? 1_555 172.5 ? 
23 NE2 ? A HIS 83  ? A HIS 83  ? 1_555 RU A D DRU . ? A DRU 903 ? 1_555 N26 A D DRU .   ? A DRU 903 ? 1_555 170.3 ? 
24 N13 A D DRU .   ? A DRU 903 ? 1_555 RU A D DRU . ? A DRU 903 ? 1_555 N26 A D DRU .   ? A DRU 903 ? 1_555 92.6  ? 
25 N2  A D DRU .   ? A DRU 903 ? 1_555 RU A D DRU . ? A DRU 903 ? 1_555 N26 A D DRU .   ? A DRU 903 ? 1_555 94.1  ? 
26 N37 A D DRU .   ? A DRU 903 ? 1_555 RU A D DRU . ? A DRU 903 ? 1_555 N26 A D DRU .   ? A DRU 903 ? 1_555 78.7  ? 
27 NE2 ? A HIS 83  ? A HIS 83  ? 1_555 RU A D DRU . ? A DRU 903 ? 1_555 ND1 A D DRU .   ? A DRU 903 ? 1_555 86.1  ? 
28 N13 A D DRU .   ? A DRU 903 ? 1_555 RU A D DRU . ? A DRU 903 ? 1_555 ND1 A D DRU .   ? A DRU 903 ? 1_555 170.3 ? 
29 N2  A D DRU .   ? A DRU 903 ? 1_555 RU A D DRU . ? A DRU 903 ? 1_555 ND1 A D DRU .   ? A DRU 903 ? 1_555 91.0  ? 
30 N37 A D DRU .   ? A DRU 903 ? 1_555 RU A D DRU . ? A DRU 903 ? 1_555 ND1 A D DRU .   ? A DRU 903 ? 1_555 90.4  ? 
31 N26 A D DRU .   ? A DRU 903 ? 1_555 RU A D DRU . ? A DRU 903 ? 1_555 ND1 A D DRU .   ? A DRU 903 ? 1_555 85.3  ? 
32 NE2 ? A HIS 83  ? A HIS 83  ? 1_555 RU B E LRU . ? A LRU 904 ? 1_555 ND1 B E LRU .   ? A LRU 904 ? 1_555 92.3  ? 
33 NE2 ? A HIS 83  ? A HIS 83  ? 1_555 RU B E LRU . ? A LRU 904 ? 1_555 N37 B E LRU .   ? A LRU 904 ? 1_555 86.9  ? 
34 ND1 B E LRU .   ? A LRU 904 ? 1_555 RU B E LRU . ? A LRU 904 ? 1_555 N37 B E LRU .   ? A LRU 904 ? 1_555 95.4  ? 
35 NE2 ? A HIS 83  ? A HIS 83  ? 1_555 RU B E LRU . ? A LRU 904 ? 1_555 N2  B E LRU .   ? A LRU 904 ? 1_555 95.1  ? 
36 ND1 B E LRU .   ? A LRU 904 ? 1_555 RU B E LRU . ? A LRU 904 ? 1_555 N2  B E LRU .   ? A LRU 904 ? 1_555 89.7  ? 
37 N37 B E LRU .   ? A LRU 904 ? 1_555 RU B E LRU . ? A LRU 904 ? 1_555 N2  B E LRU .   ? A LRU 904 ? 1_555 174.4 ? 
38 NE2 ? A HIS 83  ? A HIS 83  ? 1_555 RU B E LRU . ? A LRU 904 ? 1_555 N13 B E LRU .   ? A LRU 904 ? 1_555 171.9 ? 
39 ND1 B E LRU .   ? A LRU 904 ? 1_555 RU B E LRU . ? A LRU 904 ? 1_555 N13 B E LRU .   ? A LRU 904 ? 1_555 93.4  ? 
40 N37 B E LRU .   ? A LRU 904 ? 1_555 RU B E LRU . ? A LRU 904 ? 1_555 N13 B E LRU .   ? A LRU 904 ? 1_555 98.4  ? 
41 N2  B E LRU .   ? A LRU 904 ? 1_555 RU B E LRU . ? A LRU 904 ? 1_555 N13 B E LRU .   ? A LRU 904 ? 1_555 79.1  ? 
42 NE2 ? A HIS 83  ? A HIS 83  ? 1_555 RU B E LRU . ? A LRU 904 ? 1_555 N26 B E LRU .   ? A LRU 904 ? 1_555 85.4  ? 
43 ND1 B E LRU .   ? A LRU 904 ? 1_555 RU B E LRU . ? A LRU 904 ? 1_555 N26 B E LRU .   ? A LRU 904 ? 1_555 172.7 ? 
44 N37 B E LRU .   ? A LRU 904 ? 1_555 RU B E LRU . ? A LRU 904 ? 1_555 N26 B E LRU .   ? A LRU 904 ? 1_555 77.6  ? 
45 N2  B E LRU .   ? A LRU 904 ? 1_555 RU B E LRU . ? A LRU 904 ? 1_555 N26 B E LRU .   ? A LRU 904 ? 1_555 97.3  ? 
46 N13 B E LRU .   ? A LRU 904 ? 1_555 RU B E LRU . ? A LRU 904 ? 1_555 N26 B E LRU .   ? A LRU 904 ? 1_555 89.7  ? 
# 
_pdbx_modification_feature.ordinal                            1 
_pdbx_modification_feature.label_comp_id                      CYS 
_pdbx_modification_feature.label_asym_id                      A 
_pdbx_modification_feature.label_seq_id                       3 
_pdbx_modification_feature.label_alt_id                       ? 
_pdbx_modification_feature.modified_residue_label_comp_id     CYS 
_pdbx_modification_feature.modified_residue_label_asym_id     A 
_pdbx_modification_feature.modified_residue_label_seq_id      26 
_pdbx_modification_feature.modified_residue_label_alt_id      ? 
_pdbx_modification_feature.auth_comp_id                       CYS 
_pdbx_modification_feature.auth_asym_id                       A 
_pdbx_modification_feature.auth_seq_id                        3 
_pdbx_modification_feature.PDB_ins_code                       ? 
_pdbx_modification_feature.symmetry                           1_555 
_pdbx_modification_feature.modified_residue_auth_comp_id      CYS 
_pdbx_modification_feature.modified_residue_auth_asym_id      A 
_pdbx_modification_feature.modified_residue_auth_seq_id       26 
_pdbx_modification_feature.modified_residue_PDB_ins_code      ? 
_pdbx_modification_feature.modified_residue_symmetry          1_555 
_pdbx_modification_feature.comp_id_linking_atom               SG 
_pdbx_modification_feature.modified_residue_id_linking_atom   SG 
_pdbx_modification_feature.modified_residue_id                . 
_pdbx_modification_feature.ref_pcm_id                         . 
_pdbx_modification_feature.ref_comp_id                        . 
_pdbx_modification_feature.type                               None 
_pdbx_modification_feature.category                           'Disulfide bridge' 
# 
loop_
_struct_sheet.id 
_struct_sheet.type 
_struct_sheet.number_strands 
_struct_sheet.details 
A ? 3 ? 
B ? 5 ? 
# 
loop_
_struct_sheet_order.sheet_id 
_struct_sheet_order.range_id_1 
_struct_sheet_order.range_id_2 
_struct_sheet_order.offset 
_struct_sheet_order.sense 
A 1 2 ? parallel      
A 2 3 ? anti-parallel 
B 1 2 ? parallel      
B 2 3 ? anti-parallel 
B 3 4 ? anti-parallel 
B 4 5 ? anti-parallel 
# 
loop_
_struct_sheet_range.sheet_id 
_struct_sheet_range.id 
_struct_sheet_range.beg_label_comp_id 
_struct_sheet_range.beg_label_asym_id 
_struct_sheet_range.beg_label_seq_id 
_struct_sheet_range.pdbx_beg_PDB_ins_code 
_struct_sheet_range.end_label_comp_id 
_struct_sheet_range.end_label_asym_id 
_struct_sheet_range.end_label_seq_id 
_struct_sheet_range.pdbx_end_PDB_ins_code 
_struct_sheet_range.beg_auth_comp_id 
_struct_sheet_range.beg_auth_asym_id 
_struct_sheet_range.beg_auth_seq_id 
_struct_sheet_range.end_auth_comp_id 
_struct_sheet_range.end_auth_asym_id 
_struct_sheet_range.end_auth_seq_id 
A 1 SER A 4   ? GLN A 8   ? SER A 4   GLN A 8   
A 2 GLN A 28  ? SER A 34  ? GLN A 28  SER A 34  
A 3 LYS A 92  ? ASP A 98  ? LYS A 92  ASP A 98  
B 1 ALA A 19  ? ASP A 23  ? ALA A 19  ASP A 23  
B 2 LYS A 122 ? LYS A 128 ? LYS A 122 LYS A 128 
B 3 TYR A 108 ? PHE A 111 ? TYR A 108 PHE A 111 
B 4 VAL A 49  ? THR A 52  ? VAL A 49  THR A 52  
B 5 ALA A 82  ? HIS A 83  ? ALA A 82  HIS A 83  
# 
loop_
_pdbx_struct_sheet_hbond.sheet_id 
_pdbx_struct_sheet_hbond.range_id_1 
_pdbx_struct_sheet_hbond.range_id_2 
_pdbx_struct_sheet_hbond.range_1_label_atom_id 
_pdbx_struct_sheet_hbond.range_1_label_comp_id 
_pdbx_struct_sheet_hbond.range_1_label_asym_id 
_pdbx_struct_sheet_hbond.range_1_label_seq_id 
_pdbx_struct_sheet_hbond.range_1_PDB_ins_code 
_pdbx_struct_sheet_hbond.range_1_auth_atom_id 
_pdbx_struct_sheet_hbond.range_1_auth_comp_id 
_pdbx_struct_sheet_hbond.range_1_auth_asym_id 
_pdbx_struct_sheet_hbond.range_1_auth_seq_id 
_pdbx_struct_sheet_hbond.range_2_label_atom_id 
_pdbx_struct_sheet_hbond.range_2_label_comp_id 
_pdbx_struct_sheet_hbond.range_2_label_asym_id 
_pdbx_struct_sheet_hbond.range_2_label_seq_id 
_pdbx_struct_sheet_hbond.range_2_PDB_ins_code 
_pdbx_struct_sheet_hbond.range_2_auth_atom_id 
_pdbx_struct_sheet_hbond.range_2_auth_comp_id 
_pdbx_struct_sheet_hbond.range_2_auth_asym_id 
_pdbx_struct_sheet_hbond.range_2_auth_seq_id 
A 1 2 N VAL A 5   ? N VAL A 5   O ASN A 32  ? O ASN A 32  
A 2 3 N VAL A 31  ? N VAL A 31  O VAL A 95  ? O VAL A 95  
B 1 2 N VAL A 22  ? N VAL A 22  O THR A 126 ? O THR A 126 
B 2 3 O LEU A 125 ? O LEU A 125 N TYR A 108 ? N TYR A 108 
B 3 4 O MET A 109 ? O MET A 109 N SER A 51  ? N SER A 51  
B 4 5 N LEU A 50  ? N LEU A 50  O ALA A 82  ? O ALA A 82  
# 
loop_
_struct_site.id 
_struct_site.pdbx_evidence_code 
_struct_site.pdbx_auth_asym_id 
_struct_site.pdbx_auth_comp_id 
_struct_site.pdbx_auth_seq_id 
_struct_site.pdbx_auth_ins_code 
_struct_site.pdbx_num_residues 
_struct_site.details 
AC1 Software A CU  901 ? 5  'BINDING SITE FOR RESIDUE CU A 901'  
AC2 Software A CU  902 ? 1  'BINDING SITE FOR RESIDUE CU A 902'  
AC3 Software A DRU 903 ? 10 'BINDING SITE FOR RESIDUE DRU A 903' 
AC4 Software A LRU 904 ? 13 'BINDING SITE FOR RESIDUE LRU A 904' 
# 
loop_
_struct_site_gen.id 
_struct_site_gen.site_id 
_struct_site_gen.pdbx_num_res 
_struct_site_gen.label_comp_id 
_struct_site_gen.label_asym_id 
_struct_site_gen.label_seq_id 
_struct_site_gen.pdbx_auth_ins_code 
_struct_site_gen.auth_comp_id 
_struct_site_gen.auth_asym_id 
_struct_site_gen.auth_seq_id 
_struct_site_gen.label_atom_id 
_struct_site_gen.label_alt_id 
_struct_site_gen.symmetry 
_struct_site_gen.details 
1  AC1 5  GLY A 45  ? GLY A 45  . ? 1_555 ? 
2  AC1 5  HIS A 46  ? HIS A 46  . ? 1_555 ? 
3  AC1 5  CYS A 112 ? CYS A 112 . ? 1_555 ? 
4  AC1 5  HIS A 117 ? HIS A 117 . ? 1_555 ? 
5  AC1 5  MET A 121 ? MET A 121 . ? 1_555 ? 
6  AC2 1  ALA A 1   ? ALA A 1   . ? 1_555 ? 
7  AC3 10 PRO A 36  ? PRO A 36  . ? 8_555 ? 
8  AC3 10 GLY A 37  ? GLY A 37  . ? 8_555 ? 
9  AC3 10 ASN A 38  ? ASN A 38  . ? 8_555 ? 
10 AC3 10 LYS A 74  ? LYS A 74  . ? 1_555 ? 
11 AC3 10 ASP A 76  ? ASP A 76  . ? 1_555 ? 
12 AC3 10 ASP A 77  ? ASP A 77  . ? 1_555 ? 
13 AC3 10 VAL A 80  ? VAL A 80  . ? 1_555 ? 
14 AC3 10 ILE A 81  ? ILE A 81  . ? 1_555 ? 
15 AC3 10 HIS A 83  ? HIS A 83  . ? 1_555 ? 
16 AC3 10 HOH F .   ? HOH A 406 . ? 8_555 ? 
17 AC4 13 PRO A 36  ? PRO A 36  . ? 8_555 ? 
18 AC4 13 GLY A 37  ? GLY A 37  . ? 8_555 ? 
19 AC4 13 ASN A 38  ? ASN A 38  . ? 8_555 ? 
20 AC4 13 LYS A 74  ? LYS A 74  . ? 1_555 ? 
21 AC4 13 ASP A 76  ? ASP A 76  . ? 1_555 ? 
22 AC4 13 ASP A 77  ? ASP A 77  . ? 1_555 ? 
23 AC4 13 ILE A 81  ? ILE A 81  . ? 1_555 ? 
24 AC4 13 HIS A 83  ? HIS A 83  . ? 1_555 ? 
25 AC4 13 HOH F .   ? HOH A 347 . ? 1_555 ? 
26 AC4 13 HOH F .   ? HOH A 348 . ? 1_555 ? 
27 AC4 13 HOH F .   ? HOH A 349 . ? 1_555 ? 
28 AC4 13 HOH F .   ? HOH A 406 . ? 8_555 ? 
29 AC4 13 HOH F .   ? HOH A 418 . ? 1_555 ? 
# 
_pdbx_entry_details.entry_id                   1JZE 
_pdbx_entry_details.compound_details           ? 
_pdbx_entry_details.source_details             ? 
_pdbx_entry_details.nonpolymer_details         ? 
_pdbx_entry_details.sequence_details           ? 
_pdbx_entry_details.has_ligand_of_interest     ? 
_pdbx_entry_details.has_protein_modification   Y 
# 
_pdbx_validate_rmsd_bond.id                        1 
_pdbx_validate_rmsd_bond.PDB_model_num             1 
_pdbx_validate_rmsd_bond.auth_atom_id_1            CD 
_pdbx_validate_rmsd_bond.auth_asym_id_1            A 
_pdbx_validate_rmsd_bond.auth_comp_id_1            GLU 
_pdbx_validate_rmsd_bond.auth_seq_id_1             2 
_pdbx_validate_rmsd_bond.PDB_ins_code_1            ? 
_pdbx_validate_rmsd_bond.label_alt_id_1            ? 
_pdbx_validate_rmsd_bond.auth_atom_id_2            OE2 
_pdbx_validate_rmsd_bond.auth_asym_id_2            A 
_pdbx_validate_rmsd_bond.auth_comp_id_2            GLU 
_pdbx_validate_rmsd_bond.auth_seq_id_2             2 
_pdbx_validate_rmsd_bond.PDB_ins_code_2            ? 
_pdbx_validate_rmsd_bond.label_alt_id_2            ? 
_pdbx_validate_rmsd_bond.bond_value                1.325 
_pdbx_validate_rmsd_bond.bond_target_value         1.252 
_pdbx_validate_rmsd_bond.bond_deviation            0.073 
_pdbx_validate_rmsd_bond.bond_standard_deviation   0.011 
_pdbx_validate_rmsd_bond.linker_flag               N 
# 
loop_
_pdbx_validate_torsion.id 
_pdbx_validate_torsion.PDB_model_num 
_pdbx_validate_torsion.auth_comp_id 
_pdbx_validate_torsion.auth_asym_id 
_pdbx_validate_torsion.auth_seq_id 
_pdbx_validate_torsion.PDB_ins_code 
_pdbx_validate_torsion.label_alt_id 
_pdbx_validate_torsion.phi 
_pdbx_validate_torsion.psi 
1 1 ASN A 10  ? ? -112.03 -168.69 
2 1 PRO A 115 ? ? -35.74  116.19  
# 
loop_
_pdbx_struct_special_symmetry.id 
_pdbx_struct_special_symmetry.PDB_model_num 
_pdbx_struct_special_symmetry.auth_asym_id 
_pdbx_struct_special_symmetry.auth_comp_id 
_pdbx_struct_special_symmetry.auth_seq_id 
_pdbx_struct_special_symmetry.PDB_ins_code 
_pdbx_struct_special_symmetry.label_asym_id 
_pdbx_struct_special_symmetry.label_comp_id 
_pdbx_struct_special_symmetry.label_seq_id 
1 1 A CU  902 ? C CU  . 
2 1 A HOH 355 ? F HOH . 
3 1 A HOH 386 ? F HOH . 
4 1 A HOH 387 ? F HOH . 
5 1 A HOH 389 ? F HOH . 
6 1 A HOH 446 ? F HOH . 
7 1 A HOH 454 ? F HOH . 
# 
loop_
_chem_comp_atom.comp_id 
_chem_comp_atom.atom_id 
_chem_comp_atom.type_symbol 
_chem_comp_atom.pdbx_aromatic_flag 
_chem_comp_atom.pdbx_stereo_config 
_chem_comp_atom.pdbx_ordinal 
ALA N    N  N N 1   
ALA CA   C  N S 2   
ALA C    C  N N 3   
ALA O    O  N N 4   
ALA CB   C  N N 5   
ALA OXT  O  N N 6   
ALA H    H  N N 7   
ALA H2   H  N N 8   
ALA HA   H  N N 9   
ALA HB1  H  N N 10  
ALA HB2  H  N N 11  
ALA HB3  H  N N 12  
ALA HXT  H  N N 13  
ARG N    N  N N 14  
ARG CA   C  N S 15  
ARG C    C  N N 16  
ARG O    O  N N 17  
ARG CB   C  N N 18  
ARG CG   C  N N 19  
ARG CD   C  N N 20  
ARG NE   N  N N 21  
ARG CZ   C  N N 22  
ARG NH1  N  N N 23  
ARG NH2  N  N N 24  
ARG OXT  O  N N 25  
ARG H    H  N N 26  
ARG H2   H  N N 27  
ARG HA   H  N N 28  
ARG HB2  H  N N 29  
ARG HB3  H  N N 30  
ARG HG2  H  N N 31  
ARG HG3  H  N N 32  
ARG HD2  H  N N 33  
ARG HD3  H  N N 34  
ARG HE   H  N N 35  
ARG HH11 H  N N 36  
ARG HH12 H  N N 37  
ARG HH21 H  N N 38  
ARG HH22 H  N N 39  
ARG HXT  H  N N 40  
ASN N    N  N N 41  
ASN CA   C  N S 42  
ASN C    C  N N 43  
ASN O    O  N N 44  
ASN CB   C  N N 45  
ASN CG   C  N N 46  
ASN OD1  O  N N 47  
ASN ND2  N  N N 48  
ASN OXT  O  N N 49  
ASN H    H  N N 50  
ASN H2   H  N N 51  
ASN HA   H  N N 52  
ASN HB2  H  N N 53  
ASN HB3  H  N N 54  
ASN HD21 H  N N 55  
ASN HD22 H  N N 56  
ASN HXT  H  N N 57  
ASP N    N  N N 58  
ASP CA   C  N S 59  
ASP C    C  N N 60  
ASP O    O  N N 61  
ASP CB   C  N N 62  
ASP CG   C  N N 63  
ASP OD1  O  N N 64  
ASP OD2  O  N N 65  
ASP OXT  O  N N 66  
ASP H    H  N N 67  
ASP H2   H  N N 68  
ASP HA   H  N N 69  
ASP HB2  H  N N 70  
ASP HB3  H  N N 71  
ASP HD2  H  N N 72  
ASP HXT  H  N N 73  
CU  CU   CU N N 74  
CYS N    N  N N 75  
CYS CA   C  N R 76  
CYS C    C  N N 77  
CYS O    O  N N 78  
CYS CB   C  N N 79  
CYS SG   S  N N 80  
CYS OXT  O  N N 81  
CYS H    H  N N 82  
CYS H2   H  N N 83  
CYS HA   H  N N 84  
CYS HB2  H  N N 85  
CYS HB3  H  N N 86  
CYS HG   H  N N 87  
CYS HXT  H  N N 88  
DRU RU   RU N N 89  
DRU N2   N  Y N 90  
DRU C3   C  Y N 91  
DRU C4   C  Y N 92  
DRU C5   C  Y N 93  
DRU C6   C  Y N 94  
DRU C7   C  Y N 95  
DRU C8   C  Y N 96  
DRU C9   C  Y N 97  
DRU C10  C  Y N 98  
DRU C11  C  Y N 99  
DRU C12  C  Y N 100 
DRU N13  N  Y N 101 
DRU N26  N  Y N 102 
DRU C27  C  Y N 103 
DRU C28  C  Y N 104 
DRU C29  C  Y N 105 
DRU C30  C  Y N 106 
DRU C31  C  Y N 107 
DRU C32  C  Y N 108 
DRU C33  C  Y N 109 
DRU C34  C  Y N 110 
DRU C35  C  Y N 111 
DRU C36  C  Y N 112 
DRU N37  N  Y N 113 
DRU CG   C  Y N 114 
DRU CD2  C  Y N 115 
DRU ND1  N  Y N 116 
DRU CE1  C  Y N 117 
DRU NE2  N  Y N 118 
DRU H1   H  N N 119 
DRU H2   H  N N 120 
DRU H3   H  N N 121 
DRU H4   H  N N 122 
DRU H5   H  N N 123 
DRU H6   H  N N 124 
DRU H7   H  N N 125 
DRU H8   H  N N 126 
DRU H9   H  N N 127 
DRU H10  H  N N 128 
DRU H11  H  N N 129 
DRU H12  H  N N 130 
DRU H13  H  N N 131 
DRU H14  H  N N 132 
DRU H15  H  N N 133 
DRU H16  H  N N 134 
DRU H17  H  N N 135 
DRU H18  H  N N 136 
DRU H19  H  N N 137 
GLN N    N  N N 138 
GLN CA   C  N S 139 
GLN C    C  N N 140 
GLN O    O  N N 141 
GLN CB   C  N N 142 
GLN CG   C  N N 143 
GLN CD   C  N N 144 
GLN OE1  O  N N 145 
GLN NE2  N  N N 146 
GLN OXT  O  N N 147 
GLN H    H  N N 148 
GLN H2   H  N N 149 
GLN HA   H  N N 150 
GLN HB2  H  N N 151 
GLN HB3  H  N N 152 
GLN HG2  H  N N 153 
GLN HG3  H  N N 154 
GLN HE21 H  N N 155 
GLN HE22 H  N N 156 
GLN HXT  H  N N 157 
GLU N    N  N N 158 
GLU CA   C  N S 159 
GLU C    C  N N 160 
GLU O    O  N N 161 
GLU CB   C  N N 162 
GLU CG   C  N N 163 
GLU CD   C  N N 164 
GLU OE1  O  N N 165 
GLU OE2  O  N N 166 
GLU OXT  O  N N 167 
GLU H    H  N N 168 
GLU H2   H  N N 169 
GLU HA   H  N N 170 
GLU HB2  H  N N 171 
GLU HB3  H  N N 172 
GLU HG2  H  N N 173 
GLU HG3  H  N N 174 
GLU HE2  H  N N 175 
GLU HXT  H  N N 176 
GLY N    N  N N 177 
GLY CA   C  N N 178 
GLY C    C  N N 179 
GLY O    O  N N 180 
GLY OXT  O  N N 181 
GLY H    H  N N 182 
GLY H2   H  N N 183 
GLY HA2  H  N N 184 
GLY HA3  H  N N 185 
GLY HXT  H  N N 186 
HIS N    N  N N 187 
HIS CA   C  N S 188 
HIS C    C  N N 189 
HIS O    O  N N 190 
HIS CB   C  N N 191 
HIS CG   C  Y N 192 
HIS ND1  N  Y N 193 
HIS CD2  C  Y N 194 
HIS CE1  C  Y N 195 
HIS NE2  N  Y N 196 
HIS OXT  O  N N 197 
HIS H    H  N N 198 
HIS H2   H  N N 199 
HIS HA   H  N N 200 
HIS HB2  H  N N 201 
HIS HB3  H  N N 202 
HIS HD1  H  N N 203 
HIS HD2  H  N N 204 
HIS HE1  H  N N 205 
HIS HE2  H  N N 206 
HIS HXT  H  N N 207 
HOH O    O  N N 208 
HOH H1   H  N N 209 
HOH H2   H  N N 210 
ILE N    N  N N 211 
ILE CA   C  N S 212 
ILE C    C  N N 213 
ILE O    O  N N 214 
ILE CB   C  N S 215 
ILE CG1  C  N N 216 
ILE CG2  C  N N 217 
ILE CD1  C  N N 218 
ILE OXT  O  N N 219 
ILE H    H  N N 220 
ILE H2   H  N N 221 
ILE HA   H  N N 222 
ILE HB   H  N N 223 
ILE HG12 H  N N 224 
ILE HG13 H  N N 225 
ILE HG21 H  N N 226 
ILE HG22 H  N N 227 
ILE HG23 H  N N 228 
ILE HD11 H  N N 229 
ILE HD12 H  N N 230 
ILE HD13 H  N N 231 
ILE HXT  H  N N 232 
LEU N    N  N N 233 
LEU CA   C  N S 234 
LEU C    C  N N 235 
LEU O    O  N N 236 
LEU CB   C  N N 237 
LEU CG   C  N N 238 
LEU CD1  C  N N 239 
LEU CD2  C  N N 240 
LEU OXT  O  N N 241 
LEU H    H  N N 242 
LEU H2   H  N N 243 
LEU HA   H  N N 244 
LEU HB2  H  N N 245 
LEU HB3  H  N N 246 
LEU HG   H  N N 247 
LEU HD11 H  N N 248 
LEU HD12 H  N N 249 
LEU HD13 H  N N 250 
LEU HD21 H  N N 251 
LEU HD22 H  N N 252 
LEU HD23 H  N N 253 
LEU HXT  H  N N 254 
LRU RU   RU N N 255 
LRU N2   N  Y N 256 
LRU C3   C  Y N 257 
LRU C4   C  Y N 258 
LRU C5   C  Y N 259 
LRU C6   C  Y N 260 
LRU C7   C  Y N 261 
LRU C8   C  Y N 262 
LRU C9   C  Y N 263 
LRU C10  C  Y N 264 
LRU C11  C  Y N 265 
LRU C12  C  Y N 266 
LRU N13  N  Y N 267 
LRU N26  N  Y N 268 
LRU C27  C  Y N 269 
LRU C28  C  Y N 270 
LRU C29  C  Y N 271 
LRU C30  C  Y N 272 
LRU C31  C  Y N 273 
LRU C32  C  Y N 274 
LRU C33  C  Y N 275 
LRU C34  C  Y N 276 
LRU C35  C  Y N 277 
LRU C36  C  Y N 278 
LRU N37  N  Y N 279 
LRU CG   C  Y N 280 
LRU CD2  C  Y N 281 
LRU ND1  N  Y N 282 
LRU CE1  C  Y N 283 
LRU NE2  N  Y N 284 
LRU H1   H  N N 285 
LRU H2   H  N N 286 
LRU H3   H  N N 287 
LRU H4   H  N N 288 
LRU H5   H  N N 289 
LRU H6   H  N N 290 
LRU H7   H  N N 291 
LRU H8   H  N N 292 
LRU H9   H  N N 293 
LRU H10  H  N N 294 
LRU H11  H  N N 295 
LRU H12  H  N N 296 
LRU H13  H  N N 297 
LRU H14  H  N N 298 
LRU H15  H  N N 299 
LRU H16  H  N N 300 
LRU H17  H  N N 301 
LRU H18  H  N N 302 
LRU H19  H  N N 303 
LYS N    N  N N 304 
LYS CA   C  N S 305 
LYS C    C  N N 306 
LYS O    O  N N 307 
LYS CB   C  N N 308 
LYS CG   C  N N 309 
LYS CD   C  N N 310 
LYS CE   C  N N 311 
LYS NZ   N  N N 312 
LYS OXT  O  N N 313 
LYS H    H  N N 314 
LYS H2   H  N N 315 
LYS HA   H  N N 316 
LYS HB2  H  N N 317 
LYS HB3  H  N N 318 
LYS HG2  H  N N 319 
LYS HG3  H  N N 320 
LYS HD2  H  N N 321 
LYS HD3  H  N N 322 
LYS HE2  H  N N 323 
LYS HE3  H  N N 324 
LYS HZ1  H  N N 325 
LYS HZ2  H  N N 326 
LYS HZ3  H  N N 327 
LYS HXT  H  N N 328 
MET N    N  N N 329 
MET CA   C  N S 330 
MET C    C  N N 331 
MET O    O  N N 332 
MET CB   C  N N 333 
MET CG   C  N N 334 
MET SD   S  N N 335 
MET CE   C  N N 336 
MET OXT  O  N N 337 
MET H    H  N N 338 
MET H2   H  N N 339 
MET HA   H  N N 340 
MET HB2  H  N N 341 
MET HB3  H  N N 342 
MET HG2  H  N N 343 
MET HG3  H  N N 344 
MET HE1  H  N N 345 
MET HE2  H  N N 346 
MET HE3  H  N N 347 
MET HXT  H  N N 348 
PHE N    N  N N 349 
PHE CA   C  N S 350 
PHE C    C  N N 351 
PHE O    O  N N 352 
PHE CB   C  N N 353 
PHE CG   C  Y N 354 
PHE CD1  C  Y N 355 
PHE CD2  C  Y N 356 
PHE CE1  C  Y N 357 
PHE CE2  C  Y N 358 
PHE CZ   C  Y N 359 
PHE OXT  O  N N 360 
PHE H    H  N N 361 
PHE H2   H  N N 362 
PHE HA   H  N N 363 
PHE HB2  H  N N 364 
PHE HB3  H  N N 365 
PHE HD1  H  N N 366 
PHE HD2  H  N N 367 
PHE HE1  H  N N 368 
PHE HE2  H  N N 369 
PHE HZ   H  N N 370 
PHE HXT  H  N N 371 
PRO N    N  N N 372 
PRO CA   C  N S 373 
PRO C    C  N N 374 
PRO O    O  N N 375 
PRO CB   C  N N 376 
PRO CG   C  N N 377 
PRO CD   C  N N 378 
PRO OXT  O  N N 379 
PRO H    H  N N 380 
PRO HA   H  N N 381 
PRO HB2  H  N N 382 
PRO HB3  H  N N 383 
PRO HG2  H  N N 384 
PRO HG3  H  N N 385 
PRO HD2  H  N N 386 
PRO HD3  H  N N 387 
PRO HXT  H  N N 388 
SER N    N  N N 389 
SER CA   C  N S 390 
SER C    C  N N 391 
SER O    O  N N 392 
SER CB   C  N N 393 
SER OG   O  N N 394 
SER OXT  O  N N 395 
SER H    H  N N 396 
SER H2   H  N N 397 
SER HA   H  N N 398 
SER HB2  H  N N 399 
SER HB3  H  N N 400 
SER HG   H  N N 401 
SER HXT  H  N N 402 
THR N    N  N N 403 
THR CA   C  N S 404 
THR C    C  N N 405 
THR O    O  N N 406 
THR CB   C  N R 407 
THR OG1  O  N N 408 
THR CG2  C  N N 409 
THR OXT  O  N N 410 
THR H    H  N N 411 
THR H2   H  N N 412 
THR HA   H  N N 413 
THR HB   H  N N 414 
THR HG1  H  N N 415 
THR HG21 H  N N 416 
THR HG22 H  N N 417 
THR HG23 H  N N 418 
THR HXT  H  N N 419 
TRP N    N  N N 420 
TRP CA   C  N S 421 
TRP C    C  N N 422 
TRP O    O  N N 423 
TRP CB   C  N N 424 
TRP CG   C  Y N 425 
TRP CD1  C  Y N 426 
TRP CD2  C  Y N 427 
TRP NE1  N  Y N 428 
TRP CE2  C  Y N 429 
TRP CE3  C  Y N 430 
TRP CZ2  C  Y N 431 
TRP CZ3  C  Y N 432 
TRP CH2  C  Y N 433 
TRP OXT  O  N N 434 
TRP H    H  N N 435 
TRP H2   H  N N 436 
TRP HA   H  N N 437 
TRP HB2  H  N N 438 
TRP HB3  H  N N 439 
TRP HD1  H  N N 440 
TRP HE1  H  N N 441 
TRP HE3  H  N N 442 
TRP HZ2  H  N N 443 
TRP HZ3  H  N N 444 
TRP HH2  H  N N 445 
TRP HXT  H  N N 446 
TYR N    N  N N 447 
TYR CA   C  N S 448 
TYR C    C  N N 449 
TYR O    O  N N 450 
TYR CB   C  N N 451 
TYR CG   C  Y N 452 
TYR CD1  C  Y N 453 
TYR CD2  C  Y N 454 
TYR CE1  C  Y N 455 
TYR CE2  C  Y N 456 
TYR CZ   C  Y N 457 
TYR OH   O  N N 458 
TYR OXT  O  N N 459 
TYR H    H  N N 460 
TYR H2   H  N N 461 
TYR HA   H  N N 462 
TYR HB2  H  N N 463 
TYR HB3  H  N N 464 
TYR HD1  H  N N 465 
TYR HD2  H  N N 466 
TYR HE1  H  N N 467 
TYR HE2  H  N N 468 
TYR HH   H  N N 469 
TYR HXT  H  N N 470 
VAL N    N  N N 471 
VAL CA   C  N S 472 
VAL C    C  N N 473 
VAL O    O  N N 474 
VAL CB   C  N N 475 
VAL CG1  C  N N 476 
VAL CG2  C  N N 477 
VAL OXT  O  N N 478 
VAL H    H  N N 479 
VAL H2   H  N N 480 
VAL HA   H  N N 481 
VAL HB   H  N N 482 
VAL HG11 H  N N 483 
VAL HG12 H  N N 484 
VAL HG13 H  N N 485 
VAL HG21 H  N N 486 
VAL HG22 H  N N 487 
VAL HG23 H  N N 488 
VAL HXT  H  N N 489 
# 
loop_
_chem_comp_bond.comp_id 
_chem_comp_bond.atom_id_1 
_chem_comp_bond.atom_id_2 
_chem_comp_bond.value_order 
_chem_comp_bond.pdbx_aromatic_flag 
_chem_comp_bond.pdbx_stereo_config 
_chem_comp_bond.pdbx_ordinal 
ALA N   CA   sing N N 1   
ALA N   H    sing N N 2   
ALA N   H2   sing N N 3   
ALA CA  C    sing N N 4   
ALA CA  CB   sing N N 5   
ALA CA  HA   sing N N 6   
ALA C   O    doub N N 7   
ALA C   OXT  sing N N 8   
ALA CB  HB1  sing N N 9   
ALA CB  HB2  sing N N 10  
ALA CB  HB3  sing N N 11  
ALA OXT HXT  sing N N 12  
ARG N   CA   sing N N 13  
ARG N   H    sing N N 14  
ARG N   H2   sing N N 15  
ARG CA  C    sing N N 16  
ARG CA  CB   sing N N 17  
ARG CA  HA   sing N N 18  
ARG C   O    doub N N 19  
ARG C   OXT  sing N N 20  
ARG CB  CG   sing N N 21  
ARG CB  HB2  sing N N 22  
ARG CB  HB3  sing N N 23  
ARG CG  CD   sing N N 24  
ARG CG  HG2  sing N N 25  
ARG CG  HG3  sing N N 26  
ARG CD  NE   sing N N 27  
ARG CD  HD2  sing N N 28  
ARG CD  HD3  sing N N 29  
ARG NE  CZ   sing N N 30  
ARG NE  HE   sing N N 31  
ARG CZ  NH1  sing N N 32  
ARG CZ  NH2  doub N N 33  
ARG NH1 HH11 sing N N 34  
ARG NH1 HH12 sing N N 35  
ARG NH2 HH21 sing N N 36  
ARG NH2 HH22 sing N N 37  
ARG OXT HXT  sing N N 38  
ASN N   CA   sing N N 39  
ASN N   H    sing N N 40  
ASN N   H2   sing N N 41  
ASN CA  C    sing N N 42  
ASN CA  CB   sing N N 43  
ASN CA  HA   sing N N 44  
ASN C   O    doub N N 45  
ASN C   OXT  sing N N 46  
ASN CB  CG   sing N N 47  
ASN CB  HB2  sing N N 48  
ASN CB  HB3  sing N N 49  
ASN CG  OD1  doub N N 50  
ASN CG  ND2  sing N N 51  
ASN ND2 HD21 sing N N 52  
ASN ND2 HD22 sing N N 53  
ASN OXT HXT  sing N N 54  
ASP N   CA   sing N N 55  
ASP N   H    sing N N 56  
ASP N   H2   sing N N 57  
ASP CA  C    sing N N 58  
ASP CA  CB   sing N N 59  
ASP CA  HA   sing N N 60  
ASP C   O    doub N N 61  
ASP C   OXT  sing N N 62  
ASP CB  CG   sing N N 63  
ASP CB  HB2  sing N N 64  
ASP CB  HB3  sing N N 65  
ASP CG  OD1  doub N N 66  
ASP CG  OD2  sing N N 67  
ASP OD2 HD2  sing N N 68  
ASP OXT HXT  sing N N 69  
CYS N   CA   sing N N 70  
CYS N   H    sing N N 71  
CYS N   H2   sing N N 72  
CYS CA  C    sing N N 73  
CYS CA  CB   sing N N 74  
CYS CA  HA   sing N N 75  
CYS C   O    doub N N 76  
CYS C   OXT  sing N N 77  
CYS CB  SG   sing N N 78  
CYS CB  HB2  sing N N 79  
CYS CB  HB3  sing N N 80  
CYS SG  HG   sing N N 81  
CYS OXT HXT  sing N N 82  
DRU C10 C9   doub Y N 83  
DRU C10 C11  sing Y N 84  
DRU C9  C8   sing Y N 85  
DRU C11 C12  doub Y N 86  
DRU C8  C7   sing N N 87  
DRU C8  N13  doub Y N 88  
DRU C6  C7   doub Y N 89  
DRU C6  C5   sing Y N 90  
DRU C12 N13  sing Y N 91  
DRU C7  N2   sing Y N 92  
DRU C5  C4   doub Y N 93  
DRU N13 RU   sing N N 94  
DRU N2  C3   doub Y N 95  
DRU N2  RU   sing N N 96  
DRU C4  C3   sing Y N 97  
DRU RU  N37  sing N N 98  
DRU RU  N26  sing N N 99  
DRU RU  ND1  sing N N 100 
DRU C36 N37  doub Y N 101 
DRU C36 C35  sing Y N 102 
DRU N37 C32  sing Y N 103 
DRU C35 C34  doub Y N 104 
DRU N26 C27  doub Y N 105 
DRU N26 C31  sing Y N 106 
DRU C27 C28  sing Y N 107 
DRU ND1 CE1  sing Y N 108 
DRU ND1 CG   sing Y N 109 
DRU C32 C31  sing N N 110 
DRU C32 C33  doub Y N 111 
DRU C34 C33  sing Y N 112 
DRU C31 C30  doub Y N 113 
DRU CE1 NE2  doub Y N 114 
DRU C28 C29  doub Y N 115 
DRU C30 C29  sing Y N 116 
DRU CG  CD2  doub Y N 117 
DRU NE2 CD2  sing Y N 118 
DRU C3  H1   sing N N 119 
DRU C4  H2   sing N N 120 
DRU C5  H3   sing N N 121 
DRU C6  H4   sing N N 122 
DRU C9  H5   sing N N 123 
DRU C10 H6   sing N N 124 
DRU C11 H7   sing N N 125 
DRU C12 H8   sing N N 126 
DRU C27 H9   sing N N 127 
DRU C28 H10  sing N N 128 
DRU C29 H11  sing N N 129 
DRU C30 H12  sing N N 130 
DRU C33 H13  sing N N 131 
DRU C34 H14  sing N N 132 
DRU C35 H15  sing N N 133 
DRU C36 H16  sing N N 134 
DRU CG  H17  sing N N 135 
DRU CD2 H18  sing N N 136 
DRU CE1 H19  sing N N 137 
GLN N   CA   sing N N 138 
GLN N   H    sing N N 139 
GLN N   H2   sing N N 140 
GLN CA  C    sing N N 141 
GLN CA  CB   sing N N 142 
GLN CA  HA   sing N N 143 
GLN C   O    doub N N 144 
GLN C   OXT  sing N N 145 
GLN CB  CG   sing N N 146 
GLN CB  HB2  sing N N 147 
GLN CB  HB3  sing N N 148 
GLN CG  CD   sing N N 149 
GLN CG  HG2  sing N N 150 
GLN CG  HG3  sing N N 151 
GLN CD  OE1  doub N N 152 
GLN CD  NE2  sing N N 153 
GLN NE2 HE21 sing N N 154 
GLN NE2 HE22 sing N N 155 
GLN OXT HXT  sing N N 156 
GLU N   CA   sing N N 157 
GLU N   H    sing N N 158 
GLU N   H2   sing N N 159 
GLU CA  C    sing N N 160 
GLU CA  CB   sing N N 161 
GLU CA  HA   sing N N 162 
GLU C   O    doub N N 163 
GLU C   OXT  sing N N 164 
GLU CB  CG   sing N N 165 
GLU CB  HB2  sing N N 166 
GLU CB  HB3  sing N N 167 
GLU CG  CD   sing N N 168 
GLU CG  HG2  sing N N 169 
GLU CG  HG3  sing N N 170 
GLU CD  OE1  doub N N 171 
GLU CD  OE2  sing N N 172 
GLU OE2 HE2  sing N N 173 
GLU OXT HXT  sing N N 174 
GLY N   CA   sing N N 175 
GLY N   H    sing N N 176 
GLY N   H2   sing N N 177 
GLY CA  C    sing N N 178 
GLY CA  HA2  sing N N 179 
GLY CA  HA3  sing N N 180 
GLY C   O    doub N N 181 
GLY C   OXT  sing N N 182 
GLY OXT HXT  sing N N 183 
HIS N   CA   sing N N 184 
HIS N   H    sing N N 185 
HIS N   H2   sing N N 186 
HIS CA  C    sing N N 187 
HIS CA  CB   sing N N 188 
HIS CA  HA   sing N N 189 
HIS C   O    doub N N 190 
HIS C   OXT  sing N N 191 
HIS CB  CG   sing N N 192 
HIS CB  HB2  sing N N 193 
HIS CB  HB3  sing N N 194 
HIS CG  ND1  sing Y N 195 
HIS CG  CD2  doub Y N 196 
HIS ND1 CE1  doub Y N 197 
HIS ND1 HD1  sing N N 198 
HIS CD2 NE2  sing Y N 199 
HIS CD2 HD2  sing N N 200 
HIS CE1 NE2  sing Y N 201 
HIS CE1 HE1  sing N N 202 
HIS NE2 HE2  sing N N 203 
HIS OXT HXT  sing N N 204 
HOH O   H1   sing N N 205 
HOH O   H2   sing N N 206 
ILE N   CA   sing N N 207 
ILE N   H    sing N N 208 
ILE N   H2   sing N N 209 
ILE CA  C    sing N N 210 
ILE CA  CB   sing N N 211 
ILE CA  HA   sing N N 212 
ILE C   O    doub N N 213 
ILE C   OXT  sing N N 214 
ILE CB  CG1  sing N N 215 
ILE CB  CG2  sing N N 216 
ILE CB  HB   sing N N 217 
ILE CG1 CD1  sing N N 218 
ILE CG1 HG12 sing N N 219 
ILE CG1 HG13 sing N N 220 
ILE CG2 HG21 sing N N 221 
ILE CG2 HG22 sing N N 222 
ILE CG2 HG23 sing N N 223 
ILE CD1 HD11 sing N N 224 
ILE CD1 HD12 sing N N 225 
ILE CD1 HD13 sing N N 226 
ILE OXT HXT  sing N N 227 
LEU N   CA   sing N N 228 
LEU N   H    sing N N 229 
LEU N   H2   sing N N 230 
LEU CA  C    sing N N 231 
LEU CA  CB   sing N N 232 
LEU CA  HA   sing N N 233 
LEU C   O    doub N N 234 
LEU C   OXT  sing N N 235 
LEU CB  CG   sing N N 236 
LEU CB  HB2  sing N N 237 
LEU CB  HB3  sing N N 238 
LEU CG  CD1  sing N N 239 
LEU CG  CD2  sing N N 240 
LEU CG  HG   sing N N 241 
LEU CD1 HD11 sing N N 242 
LEU CD1 HD12 sing N N 243 
LEU CD1 HD13 sing N N 244 
LEU CD2 HD21 sing N N 245 
LEU CD2 HD22 sing N N 246 
LEU CD2 HD23 sing N N 247 
LEU OXT HXT  sing N N 248 
LRU CD2 NE2  sing Y N 249 
LRU CD2 CG   doub Y N 250 
LRU NE2 CE1  doub Y N 251 
LRU CG  ND1  sing Y N 252 
LRU CE1 ND1  sing Y N 253 
LRU C35 C36  doub Y N 254 
LRU C35 C34  sing Y N 255 
LRU ND1 RU   sing N N 256 
LRU C36 N37  sing Y N 257 
LRU C34 C33  doub Y N 258 
LRU N37 RU   sing N N 259 
LRU N37 C32  doub Y N 260 
LRU RU  N2   sing N N 261 
LRU RU  N13  sing N N 262 
LRU RU  N26  sing N N 263 
LRU C3  N2   doub Y N 264 
LRU C3  C4   sing Y N 265 
LRU C33 C32  sing Y N 266 
LRU C32 C31  sing N N 267 
LRU N2  C7   sing Y N 268 
LRU C4  C5   doub Y N 269 
LRU N13 C12  doub Y N 270 
LRU N13 C8   sing Y N 271 
LRU C7  C8   sing N N 272 
LRU C7  C6   doub Y N 273 
LRU C12 C11  sing Y N 274 
LRU C5  C6   sing Y N 275 
LRU C31 N26  doub Y N 276 
LRU C31 C30  sing Y N 277 
LRU N26 C27  sing Y N 278 
LRU C8  C9   doub Y N 279 
LRU C11 C10  doub Y N 280 
LRU C27 C28  doub Y N 281 
LRU C30 C29  doub Y N 282 
LRU C9  C10  sing Y N 283 
LRU C29 C28  sing Y N 284 
LRU C3  H1   sing N N 285 
LRU C4  H2   sing N N 286 
LRU C5  H3   sing N N 287 
LRU C6  H4   sing N N 288 
LRU C9  H5   sing N N 289 
LRU C10 H6   sing N N 290 
LRU C11 H7   sing N N 291 
LRU C12 H8   sing N N 292 
LRU C27 H9   sing N N 293 
LRU C28 H10  sing N N 294 
LRU C29 H11  sing N N 295 
LRU C30 H12  sing N N 296 
LRU C33 H13  sing N N 297 
LRU C34 H14  sing N N 298 
LRU C35 H15  sing N N 299 
LRU C36 H16  sing N N 300 
LRU CG  H17  sing N N 301 
LRU CD2 H18  sing N N 302 
LRU CE1 H19  sing N N 303 
LYS N   CA   sing N N 304 
LYS N   H    sing N N 305 
LYS N   H2   sing N N 306 
LYS CA  C    sing N N 307 
LYS CA  CB   sing N N 308 
LYS CA  HA   sing N N 309 
LYS C   O    doub N N 310 
LYS C   OXT  sing N N 311 
LYS CB  CG   sing N N 312 
LYS CB  HB2  sing N N 313 
LYS CB  HB3  sing N N 314 
LYS CG  CD   sing N N 315 
LYS CG  HG2  sing N N 316 
LYS CG  HG3  sing N N 317 
LYS CD  CE   sing N N 318 
LYS CD  HD2  sing N N 319 
LYS CD  HD3  sing N N 320 
LYS CE  NZ   sing N N 321 
LYS CE  HE2  sing N N 322 
LYS CE  HE3  sing N N 323 
LYS NZ  HZ1  sing N N 324 
LYS NZ  HZ2  sing N N 325 
LYS NZ  HZ3  sing N N 326 
LYS OXT HXT  sing N N 327 
MET N   CA   sing N N 328 
MET N   H    sing N N 329 
MET N   H2   sing N N 330 
MET CA  C    sing N N 331 
MET CA  CB   sing N N 332 
MET CA  HA   sing N N 333 
MET C   O    doub N N 334 
MET C   OXT  sing N N 335 
MET CB  CG   sing N N 336 
MET CB  HB2  sing N N 337 
MET CB  HB3  sing N N 338 
MET CG  SD   sing N N 339 
MET CG  HG2  sing N N 340 
MET CG  HG3  sing N N 341 
MET SD  CE   sing N N 342 
MET CE  HE1  sing N N 343 
MET CE  HE2  sing N N 344 
MET CE  HE3  sing N N 345 
MET OXT HXT  sing N N 346 
PHE N   CA   sing N N 347 
PHE N   H    sing N N 348 
PHE N   H2   sing N N 349 
PHE CA  C    sing N N 350 
PHE CA  CB   sing N N 351 
PHE CA  HA   sing N N 352 
PHE C   O    doub N N 353 
PHE C   OXT  sing N N 354 
PHE CB  CG   sing N N 355 
PHE CB  HB2  sing N N 356 
PHE CB  HB3  sing N N 357 
PHE CG  CD1  doub Y N 358 
PHE CG  CD2  sing Y N 359 
PHE CD1 CE1  sing Y N 360 
PHE CD1 HD1  sing N N 361 
PHE CD2 CE2  doub Y N 362 
PHE CD2 HD2  sing N N 363 
PHE CE1 CZ   doub Y N 364 
PHE CE1 HE1  sing N N 365 
PHE CE2 CZ   sing Y N 366 
PHE CE2 HE2  sing N N 367 
PHE CZ  HZ   sing N N 368 
PHE OXT HXT  sing N N 369 
PRO N   CA   sing N N 370 
PRO N   CD   sing N N 371 
PRO N   H    sing N N 372 
PRO CA  C    sing N N 373 
PRO CA  CB   sing N N 374 
PRO CA  HA   sing N N 375 
PRO C   O    doub N N 376 
PRO C   OXT  sing N N 377 
PRO CB  CG   sing N N 378 
PRO CB  HB2  sing N N 379 
PRO CB  HB3  sing N N 380 
PRO CG  CD   sing N N 381 
PRO CG  HG2  sing N N 382 
PRO CG  HG3  sing N N 383 
PRO CD  HD2  sing N N 384 
PRO CD  HD3  sing N N 385 
PRO OXT HXT  sing N N 386 
SER N   CA   sing N N 387 
SER N   H    sing N N 388 
SER N   H2   sing N N 389 
SER CA  C    sing N N 390 
SER CA  CB   sing N N 391 
SER CA  HA   sing N N 392 
SER C   O    doub N N 393 
SER C   OXT  sing N N 394 
SER CB  OG   sing N N 395 
SER CB  HB2  sing N N 396 
SER CB  HB3  sing N N 397 
SER OG  HG   sing N N 398 
SER OXT HXT  sing N N 399 
THR N   CA   sing N N 400 
THR N   H    sing N N 401 
THR N   H2   sing N N 402 
THR CA  C    sing N N 403 
THR CA  CB   sing N N 404 
THR CA  HA   sing N N 405 
THR C   O    doub N N 406 
THR C   OXT  sing N N 407 
THR CB  OG1  sing N N 408 
THR CB  CG2  sing N N 409 
THR CB  HB   sing N N 410 
THR OG1 HG1  sing N N 411 
THR CG2 HG21 sing N N 412 
THR CG2 HG22 sing N N 413 
THR CG2 HG23 sing N N 414 
THR OXT HXT  sing N N 415 
TRP N   CA   sing N N 416 
TRP N   H    sing N N 417 
TRP N   H2   sing N N 418 
TRP CA  C    sing N N 419 
TRP CA  CB   sing N N 420 
TRP CA  HA   sing N N 421 
TRP C   O    doub N N 422 
TRP C   OXT  sing N N 423 
TRP CB  CG   sing N N 424 
TRP CB  HB2  sing N N 425 
TRP CB  HB3  sing N N 426 
TRP CG  CD1  doub Y N 427 
TRP CG  CD2  sing Y N 428 
TRP CD1 NE1  sing Y N 429 
TRP CD1 HD1  sing N N 430 
TRP CD2 CE2  doub Y N 431 
TRP CD2 CE3  sing Y N 432 
TRP NE1 CE2  sing Y N 433 
TRP NE1 HE1  sing N N 434 
TRP CE2 CZ2  sing Y N 435 
TRP CE3 CZ3  doub Y N 436 
TRP CE3 HE3  sing N N 437 
TRP CZ2 CH2  doub Y N 438 
TRP CZ2 HZ2  sing N N 439 
TRP CZ3 CH2  sing Y N 440 
TRP CZ3 HZ3  sing N N 441 
TRP CH2 HH2  sing N N 442 
TRP OXT HXT  sing N N 443 
TYR N   CA   sing N N 444 
TYR N   H    sing N N 445 
TYR N   H2   sing N N 446 
TYR CA  C    sing N N 447 
TYR CA  CB   sing N N 448 
TYR CA  HA   sing N N 449 
TYR C   O    doub N N 450 
TYR C   OXT  sing N N 451 
TYR CB  CG   sing N N 452 
TYR CB  HB2  sing N N 453 
TYR CB  HB3  sing N N 454 
TYR CG  CD1  doub Y N 455 
TYR CG  CD2  sing Y N 456 
TYR CD1 CE1  sing Y N 457 
TYR CD1 HD1  sing N N 458 
TYR CD2 CE2  doub Y N 459 
TYR CD2 HD2  sing N N 460 
TYR CE1 CZ   doub Y N 461 
TYR CE1 HE1  sing N N 462 
TYR CE2 CZ   sing Y N 463 
TYR CE2 HE2  sing N N 464 
TYR CZ  OH   sing N N 465 
TYR OH  HH   sing N N 466 
TYR OXT HXT  sing N N 467 
VAL N   CA   sing N N 468 
VAL N   H    sing N N 469 
VAL N   H2   sing N N 470 
VAL CA  C    sing N N 471 
VAL CA  CB   sing N N 472 
VAL CA  HA   sing N N 473 
VAL C   O    doub N N 474 
VAL C   OXT  sing N N 475 
VAL CB  CG1  sing N N 476 
VAL CB  CG2  sing N N 477 
VAL CB  HB   sing N N 478 
VAL CG1 HG11 sing N N 479 
VAL CG1 HG12 sing N N 480 
VAL CG1 HG13 sing N N 481 
VAL CG2 HG21 sing N N 482 
VAL CG2 HG22 sing N N 483 
VAL CG2 HG23 sing N N 484 
VAL OXT HXT  sing N N 485 
# 
_pdbx_initial_refinement_model.id               1 
_pdbx_initial_refinement_model.entity_id_list   ? 
_pdbx_initial_refinement_model.type             'experimental model' 
_pdbx_initial_refinement_model.source_name      PDB 
_pdbx_initial_refinement_model.accession_code   1BEX 
_pdbx_initial_refinement_model.details          ? 
# 
_atom_sites.entry_id                    1JZE 
_atom_sites.fract_transf_matrix[1][1]   0.01132761 
_atom_sites.fract_transf_matrix[1][2]   -0.01479243 
_atom_sites.fract_transf_matrix[1][3]   0.00177706 
_atom_sites.fract_transf_matrix[2][1]   -0.00618682 
_atom_sites.fract_transf_matrix[2][2]   -0.00297600 
_atom_sites.fract_transf_matrix[2][3]   0.01466450 
_atom_sites.fract_transf_matrix[3][1]   -0.01015333 
_atom_sites.fract_transf_matrix[3][2]   -0.00849688 
_atom_sites.fract_transf_matrix[3][3]   -0.00600795 
_atom_sites.fract_transf_vector[1]      0.203350 
_atom_sites.fract_transf_vector[2]      0.178473 
_atom_sites.fract_transf_vector[3]      0.120453 
# 
loop_
_atom_type.symbol 
C  
CU 
N  
O  
RU 
S  
# 
loop_
_atom_site.group_PDB 
_atom_site.id 
_atom_site.type_symbol 
_atom_site.label_atom_id 
_atom_site.label_alt_id 
_atom_site.label_comp_id 
_atom_site.label_asym_id 
_atom_site.label_entity_id 
_atom_site.label_seq_id 
_atom_site.pdbx_PDB_ins_code 
_atom_site.Cartn_x 
_atom_site.Cartn_y 
_atom_site.Cartn_z 
_atom_site.occupancy 
_atom_site.B_iso_or_equiv 
_atom_site.pdbx_formal_charge 
_atom_site.auth_seq_id 
_atom_site.auth_comp_id 
_atom_site.auth_asym_id 
_atom_site.auth_atom_id 
_atom_site.pdbx_PDB_model_num 
ATOM   1    N  N   . ALA A 1 1   ? 3.037   -1.394  20.527  1.00 42.32 ? 1   ALA A N   1 
ATOM   2    C  CA  . ALA A 1 1   ? 2.536   0.017   20.528  1.00 42.44 ? 1   ALA A CA  1 
ATOM   3    C  C   . ALA A 1 1   ? 1.240   0.142   19.720  1.00 42.11 ? 1   ALA A C   1 
ATOM   4    O  O   . ALA A 1 1   ? 0.195   -0.378  20.055  1.00 42.13 ? 1   ALA A O   1 
ATOM   5    C  CB  . ALA A 1 1   ? 3.586   0.911   19.932  1.00 41.82 ? 1   ALA A CB  1 
ATOM   6    N  N   . GLU A 1 2   ? 1.224   0.963   18.693  1.00 42.27 ? 2   GLU A N   1 
ATOM   7    C  CA  . GLU A 1 2   ? -0.025  0.930   18.003  1.00 41.59 ? 2   GLU A CA  1 
ATOM   8    C  C   . GLU A 1 2   ? 0.292   -0.008  16.853  1.00 39.41 ? 2   GLU A C   1 
ATOM   9    O  O   . GLU A 1 2   ? 1.135   0.311   16.027  1.00 39.56 ? 2   GLU A O   1 
ATOM   10   C  CB  . GLU A 1 2   ? -0.463  2.320   17.586  1.00 43.78 ? 2   GLU A CB  1 
ATOM   11   C  CG  . GLU A 1 2   ? -1.911  2.317   17.203  1.00 46.78 ? 2   GLU A CG  1 
ATOM   12   C  CD  . GLU A 1 2   ? -2.642  3.564   17.584  1.00 48.35 ? 2   GLU A CD  1 
ATOM   13   O  OE1 . GLU A 1 2   ? -3.291  3.620   18.621  1.00 49.84 ? 2   GLU A OE1 1 
ATOM   14   O  OE2 . GLU A 1 2   ? -2.576  4.570   16.725  1.00 49.63 ? 2   GLU A OE2 1 
ATOM   15   N  N   . CYS A 1 3   ? -0.324  -1.184  16.841  1.00 36.15 ? 3   CYS A N   1 
ATOM   16   C  CA  . CYS A 1 3   ? -0.058  -2.151  15.789  1.00 32.38 ? 3   CYS A CA  1 
ATOM   17   C  C   . CYS A 1 3   ? -1.027  -2.073  14.613  1.00 31.45 ? 3   CYS A C   1 
ATOM   18   O  O   . CYS A 1 3   ? -1.265  -3.057  13.906  1.00 30.84 ? 3   CYS A O   1 
ATOM   19   C  CB  . CYS A 1 3   ? 0.001   -3.547  16.386  1.00 30.90 ? 3   CYS A CB  1 
ATOM   20   S  SG  . CYS A 1 3   ? 1.150   -3.625  17.792  1.00 26.44 ? 3   CYS A SG  1 
ATOM   21   N  N   . SER A 1 4   ? -1.584  -0.882  14.413  1.00 30.21 ? 4   SER A N   1 
ATOM   22   C  CA  . SER A 1 4   ? -2.495  -0.638  13.315  1.00 29.34 ? 4   SER A CA  1 
ATOM   23   C  C   . SER A 1 4   ? -2.470  0.814   12.918  1.00 29.76 ? 4   SER A C   1 
ATOM   24   O  O   . SER A 1 4   ? -2.119  1.724   13.691  1.00 29.15 ? 4   SER A O   1 
ATOM   25   C  CB  . SER A 1 4   ? -3.921  -1.067  13.649  1.00 29.92 ? 4   SER A CB  1 
ATOM   26   O  OG  . SER A 1 4   ? -4.568  -0.091  14.434  1.00 29.83 ? 4   SER A OG  1 
ATOM   27   N  N   . VAL A 1 5   ? -2.841  1.018   11.668  1.00 29.31 ? 5   VAL A N   1 
ATOM   28   C  CA  . VAL A 1 5   ? -2.860  2.373   11.130  1.00 29.07 ? 5   VAL A CA  1 
ATOM   29   C  C   . VAL A 1 5   ? -4.012  2.466   10.147  1.00 28.69 ? 5   VAL A C   1 
ATOM   30   O  O   . VAL A 1 5   ? -4.197  1.587   9.312   1.00 28.85 ? 5   VAL A O   1 
ATOM   31   C  CB  . VAL A 1 5   ? -1.487  2.790   10.457  1.00 30.06 ? 5   VAL A CB  1 
ATOM   32   C  CG1 . VAL A 1 5   ? -0.375  2.761   11.492  1.00 31.15 ? 5   VAL A CG1 1 
ATOM   33   C  CG2 . VAL A 1 5   ? -1.217  1.836   9.261   1.00 28.90 ? 5   VAL A CG2 1 
ATOM   34   N  N   . ASP A 1 6   ? -4.853  3.486   10.316  1.00 28.21 ? 6   ASP A N   1 
ATOM   35   C  CA  . ASP A 1 6   ? -6.016  3.708   9.428   1.00 27.82 ? 6   ASP A CA  1 
ATOM   36   C  C   . ASP A 1 6   ? -5.630  4.714   8.338   1.00 26.76 ? 6   ASP A C   1 
ATOM   37   O  O   . ASP A 1 6   ? -5.303  5.853   8.641   1.00 25.69 ? 6   ASP A O   1 
ATOM   38   C  CB  . ASP A 1 6   ? -7.215  4.253   10.229  1.00 28.71 ? 6   ASP A CB  1 
ATOM   39   C  CG  . ASP A 1 6   ? -7.708  3.280   11.307  1.00 29.95 ? 6   ASP A CG  1 
ATOM   40   O  OD1 . ASP A 1 6   ? -7.186  2.134   11.370  1.00 29.99 ? 6   ASP A OD1 1 
ATOM   41   O  OD2 . ASP A 1 6   ? -8.609  3.671   12.072  1.00 31.19 ? 6   ASP A OD2 1 
ATOM   42   N  N   . ILE A 1 7   ? -5.699  4.306   7.072   1.00 25.44 ? 7   ILE A N   1 
ATOM   43   C  CA  . ILE A 1 7   ? -5.308  5.177   5.961   1.00 24.53 ? 7   ILE A CA  1 
ATOM   44   C  C   . ILE A 1 7   ? -6.438  5.460   4.972   1.00 24.15 ? 7   ILE A C   1 
ATOM   45   O  O   . ILE A 1 7   ? -7.274  4.599   4.718   1.00 23.55 ? 7   ILE A O   1 
ATOM   46   C  CB  . ILE A 1 7   ? -4.112  4.563   5.193   1.00 24.78 ? 7   ILE A CB  1 
ATOM   47   C  CG1 . ILE A 1 7   ? -2.985  4.213   6.164   1.00 24.85 ? 7   ILE A CG1 1 
ATOM   48   C  CG2 . ILE A 1 7   ? -3.598  5.519   4.119   1.00 24.50 ? 7   ILE A CG2 1 
ATOM   49   C  CD1 . ILE A 1 7   ? -1.742  3.673   5.501   1.00 26.40 ? 7   ILE A CD1 1 
ATOM   50   N  N   . GLN A 1 8   ? -6.425  6.663   4.398   1.00 24.45 ? 8   GLN A N   1 
ATOM   51   C  CA  . GLN A 1 8   ? -7.429  7.085   3.424   1.00 25.83 ? 8   GLN A CA  1 
ATOM   52   C  C   . GLN A 1 8   ? -6.811  7.456   2.071   1.00 25.55 ? 8   GLN A C   1 
ATOM   53   O  O   . GLN A 1 8   ? -5.761  8.097   1.999   1.00 25.32 ? 8   GLN A O   1 
ATOM   54   C  CB  . GLN A 1 8   ? -8.204  8.314   3.932   1.00 26.86 ? 8   GLN A CB  1 
ATOM   55   C  CG  . GLN A 1 8   ? -9.381  8.026   4.857   1.00 28.45 ? 8   GLN A CG  1 
ATOM   56   C  CD  . GLN A 1 8   ? -10.013 9.297   5.416   1.00 29.96 ? 8   GLN A CD  1 
ATOM   57   O  OE1 . GLN A 1 8   ? -9.877  10.388  4.844   1.00 30.58 ? 8   GLN A OE1 1 
ATOM   58   N  NE2 . GLN A 1 8   ? -10.697 9.166   6.544   1.00 29.72 ? 8   GLN A NE2 1 
ATOM   59   N  N   . GLY A 1 9   ? -7.471  7.020   0.996   1.00 25.55 ? 9   GLY A N   1 
ATOM   60   C  CA  . GLY A 1 9   ? -7.033  7.321   -0.356  1.00 26.19 ? 9   GLY A CA  1 
ATOM   61   C  C   . GLY A 1 9   ? -8.157  8.126   -0.970  1.00 25.90 ? 9   GLY A C   1 
ATOM   62   O  O   . GLY A 1 9   ? -9.303  7.673   -0.975  1.00 25.48 ? 9   GLY A O   1 
ATOM   63   N  N   . ASN A 1 10  ? -7.855  9.290   -1.546  1.00 26.34 ? 10  ASN A N   1 
ATOM   64   C  CA  . ASN A 1 10  ? -8.909  10.145  -2.107  1.00 26.74 ? 10  ASN A CA  1 
ATOM   65   C  C   . ASN A 1 10  ? -8.970  10.336  -3.625  1.00 26.12 ? 10  ASN A C   1 
ATOM   66   O  O   . ASN A 1 10  ? -8.277  9.666   -4.394  1.00 25.35 ? 10  ASN A O   1 
ATOM   67   C  CB  . ASN A 1 10  ? -8.847  11.531  -1.454  1.00 27.46 ? 10  ASN A CB  1 
ATOM   68   C  CG  . ASN A 1 10  ? -7.647  12.334  -1.907  1.00 27.18 ? 10  ASN A CG  1 
ATOM   69   O  OD1 . ASN A 1 10  ? -6.938  11.948  -2.829  1.00 28.99 ? 10  ASN A OD1 1 
ATOM   70   N  ND2 . ASN A 1 10  ? -7.418  13.463  -1.259  1.00 28.95 ? 10  ASN A ND2 1 
ATOM   71   N  N   . ASP A 1 11  ? -9.793  11.300  -4.027  1.00 27.23 ? 11  ASP A N   1 
ATOM   72   C  CA  . ASP A 1 11  ? -9.977  11.646  -5.428  1.00 27.61 ? 11  ASP A CA  1 
ATOM   73   C  C   . ASP A 1 11  ? -8.861  12.541  -5.952  1.00 28.51 ? 11  ASP A C   1 
ATOM   74   O  O   . ASP A 1 11  ? -8.760  12.766  -7.159  1.00 28.75 ? 11  ASP A O   1 
ATOM   75   C  CB  . ASP A 1 11  ? -11.336 12.295  -5.646  1.00 27.47 ? 11  ASP A CB  1 
ATOM   76   C  CG  . ASP A 1 11  ? -12.480 11.306  -5.569  1.00 26.80 ? 11  ASP A CG  1 
ATOM   77   O  OD1 . ASP A 1 11  ? -12.251 10.081  -5.600  1.00 25.61 ? 11  ASP A OD1 1 
ATOM   78   O  OD2 . ASP A 1 11  ? -13.634 11.773  -5.518  1.00 25.13 ? 11  ASP A OD2 1 
ATOM   79   N  N   . GLN A 1 12  ? -8.043  13.071  -5.046  1.00 29.73 ? 12  GLN A N   1 
ATOM   80   C  CA  . GLN A 1 12  ? -6.912  13.911  -5.424  1.00 30.07 ? 12  GLN A CA  1 
ATOM   81   C  C   . GLN A 1 12  ? -5.649  13.058  -5.418  1.00 29.23 ? 12  GLN A C   1 
ATOM   82   O  O   . GLN A 1 12  ? -4.538  13.575  -5.290  1.00 30.67 ? 12  GLN A O   1 
ATOM   83   C  CB  . GLN A 1 12  ? -6.745  15.082  -4.448  1.00 32.07 ? 12  GLN A CB  1 
ATOM   84   C  CG  . GLN A 1 12  ? -7.941  16.011  -4.352  1.00 34.56 ? 12  GLN A CG  1 
ATOM   85   C  CD  . GLN A 1 12  ? -9.142  15.360  -3.687  1.00 36.24 ? 12  GLN A CD  1 
ATOM   86   O  OE1 . GLN A 1 12  ? -10.174 15.144  -4.318  1.00 38.35 ? 12  GLN A OE1 1 
ATOM   87   N  NE2 . GLN A 1 12  ? -9.003  15.029  -2.407  1.00 36.62 ? 12  GLN A NE2 1 
ATOM   88   N  N   . MET A 1 13  ? -5.837  11.750  -5.568  1.00 28.29 ? 13  MET A N   1 
ATOM   89   C  CA  . MET A 1 13  ? -4.720  10.819  -5.585  1.00 27.30 ? 13  MET A CA  1 
ATOM   90   C  C   . MET A 1 13  ? -3.835  11.051  -4.383  1.00 26.16 ? 13  MET A C   1 
ATOM   91   O  O   . MET A 1 13  ? -2.626  11.165  -4.521  1.00 26.97 ? 13  MET A O   1 
ATOM   92   C  CB  . MET A 1 13  ? -3.854  11.033  -6.828  1.00 27.23 ? 13  MET A CB  1 
ATOM   93   C  CG  . MET A 1 13  ? -4.212  10.240  -8.047  1.00 26.78 ? 13  MET A CG  1 
ATOM   94   S  SD  . MET A 1 13  ? -2.890  10.343  -9.273  1.00 24.93 ? 13  MET A SD  1 
ATOM   95   C  CE  . MET A 1 13  ? -2.035  11.882  -8.751  1.00 24.56 ? 13  MET A CE  1 
ATOM   96   N  N   . GLN A 1 14  ? -4.429  11.154  -3.208  1.00 25.13 ? 14  GLN A N   1 
ATOM   97   C  CA  . GLN A 1 14  ? -3.635  11.389  -2.026  1.00 23.89 ? 14  GLN A CA  1 
ATOM   98   C  C   . GLN A 1 14  ? -3.960  10.439  -0.889  1.00 23.36 ? 14  GLN A C   1 
ATOM   99   O  O   . GLN A 1 14  ? -5.108  10.027  -0.724  1.00 21.34 ? 14  GLN A O   1 
ATOM   100  C  CB  . GLN A 1 14  ? -3.836  12.835  -1.552  1.00 24.75 ? 14  GLN A CB  1 
ATOM   101  C  CG  . GLN A 1 14  ? -3.169  13.869  -2.448  1.00 24.07 ? 14  GLN A CG  1 
ATOM   102  C  CD  . GLN A 1 14  ? -3.615  15.287  -2.141  1.00 25.79 ? 14  GLN A CD  1 
ATOM   103  O  OE1 . GLN A 1 14  ? -2.818  16.227  -2.189  1.00 26.89 ? 14  GLN A OE1 1 
ATOM   104  N  NE2 . GLN A 1 14  ? -4.900  15.448  -1.826  1.00 23.13 ? 14  GLN A NE2 1 
ATOM   105  N  N   . PHE A 1 15  ? -2.899  10.014  -0.204  1.00 24.02 ? 15  PHE A N   1 
ATOM   106  C  CA  . PHE A 1 15  ? -2.994  9.181   0.987   1.00 26.23 ? 15  PHE A CA  1 
ATOM   107  C  C   . PHE A 1 15  ? -2.929  10.266  2.063   1.00 27.96 ? 15  PHE A C   1 
ATOM   108  O  O   . PHE A 1 15  ? -2.294  11.308  1.857   1.00 28.43 ? 15  PHE A O   1 
ATOM   109  C  CB  . PHE A 1 15  ? -1.749  8.302   1.175   1.00 25.30 ? 15  PHE A CB  1 
ATOM   110  C  CG  . PHE A 1 15  ? -1.822  6.968   0.494   1.00 23.15 ? 15  PHE A CG  1 
ATOM   111  C  CD1 . PHE A 1 15  ? -3.024  6.257   0.430   1.00 22.50 ? 15  PHE A CD1 1 
ATOM   112  C  CD2 . PHE A 1 15  ? -0.675  6.403   -0.051  1.00 22.10 ? 15  PHE A CD2 1 
ATOM   113  C  CE1 . PHE A 1 15  ? -3.077  4.999   -0.167  1.00 21.33 ? 15  PHE A CE1 1 
ATOM   114  C  CE2 . PHE A 1 15  ? -0.724  5.138   -0.654  1.00 21.84 ? 15  PHE A CE2 1 
ATOM   115  C  CZ  . PHE A 1 15  ? -1.934  4.445   -0.705  1.00 22.11 ? 15  PHE A CZ  1 
ATOM   116  N  N   . ASN A 1 16  ? -3.549  10.020  3.208   1.00 29.27 ? 16  ASN A N   1 
ATOM   117  C  CA  . ASN A 1 16  ? -3.540  10.988  4.304   1.00 30.77 ? 16  ASN A CA  1 
ATOM   118  C  C   . ASN A 1 16  ? -2.426  10.651  5.286   1.00 31.37 ? 16  ASN A C   1 
ATOM   119  O  O   . ASN A 1 16  ? -2.481  11.030  6.455   1.00 32.56 ? 16  ASN A O   1 
ATOM   120  C  CB  . ASN A 1 16  ? -4.888  10.958  5.020   1.00 30.72 ? 16  ASN A CB  1 
ATOM   121  C  CG  . ASN A 1 16  ? -5.211  9.589   5.610   1.00 31.63 ? 16  ASN A CG  1 
ATOM   122  O  OD1 . ASN A 1 16  ? -4.422  8.644   5.490   1.00 30.97 ? 16  ASN A OD1 1 
ATOM   123  N  ND2 . ASN A 1 16  ? -6.366  9.479   6.248   1.00 32.67 ? 16  ASN A ND2 1 
ATOM   124  N  N   . THR A 1 17  ? -1.422  9.932   4.798   1.00 32.61 ? 17  THR A N   1 
ATOM   125  C  CA  . THR A 1 17  ? -0.299  9.497   5.620   1.00 34.08 ? 17  THR A CA  1 
ATOM   126  C  C   . THR A 1 17  ? 0.930   9.338   4.733   1.00 33.92 ? 17  THR A C   1 
ATOM   127  O  O   . THR A 1 17  ? 0.862   8.728   3.663   1.00 33.91 ? 17  THR A O   1 
ATOM   128  C  CB  . THR A 1 17  ? -0.616  8.135   6.274   1.00 35.51 ? 17  THR A CB  1 
ATOM   129  O  OG1 . THR A 1 17  ? -1.879  8.222   6.950   1.00 37.23 ? 17  THR A OG1 1 
ATOM   130  C  CG2 . THR A 1 17  ? 0.466   7.749   7.269   1.00 35.81 ? 17  THR A CG2 1 
ATOM   131  N  N   . ASN A 1 18  ? 2.063   9.832   5.213   1.00 33.29 ? 18  ASN A N   1 
ATOM   132  C  CA  . ASN A 1 18  ? 3.304   9.780   4.459   1.00 32.90 ? 18  ASN A CA  1 
ATOM   133  C  C   . ASN A 1 18  ? 4.374   8.984   5.178   1.00 32.29 ? 18  ASN A C   1 
ATOM   134  O  O   . ASN A 1 18  ? 5.404   8.640   4.597   1.00 32.55 ? 18  ASN A O   1 
ATOM   135  C  CB  . ASN A 1 18  ? 3.821   11.204  4.228   1.00 34.47 ? 18  ASN A CB  1 
ATOM   136  C  CG  . ASN A 1 18  ? 2.712   12.239  4.242   1.00 35.37 ? 18  ASN A CG  1 
ATOM   137  O  OD1 . ASN A 1 18  ? 1.999   12.416  3.255   1.00 36.96 ? 18  ASN A OD1 1 
ATOM   138  N  ND2 . ASN A 1 18  ? 2.552   12.916  5.371   1.00 35.31 ? 18  ASN A ND2 1 
ATOM   139  N  N   . ALA A 1 19  ? 4.129   8.683   6.446   1.00 31.65 ? 19  ALA A N   1 
ATOM   140  C  CA  . ALA A 1 19  ? 5.103   7.949   7.239   1.00 31.18 ? 19  ALA A CA  1 
ATOM   141  C  C   . ALA A 1 19  ? 4.433   6.947   8.157   1.00 30.74 ? 19  ALA A C   1 
ATOM   142  O  O   . ALA A 1 19  ? 3.492   7.281   8.873   1.00 30.58 ? 19  ALA A O   1 
ATOM   143  C  CB  . ALA A 1 19  ? 5.934   8.931   8.060   1.00 31.06 ? 19  ALA A CB  1 
ATOM   144  N  N   . ILE A 1 20  ? 4.914   5.711   8.115   1.00 30.43 ? 20  ILE A N   1 
ATOM   145  C  CA  . ILE A 1 20  ? 4.378   4.653   8.960   1.00 30.08 ? 20  ILE A CA  1 
ATOM   146  C  C   . ILE A 1 20  ? 5.511   4.036   9.758   1.00 29.39 ? 20  ILE A C   1 
ATOM   147  O  O   . ILE A 1 20  ? 6.545   3.661   9.204   1.00 29.18 ? 20  ILE A O   1 
ATOM   148  C  CB  . ILE A 1 20  ? 3.685   3.529   8.138   1.00 29.58 ? 20  ILE A CB  1 
ATOM   149  C  CG1 . ILE A 1 20  ? 2.463   4.066   7.400   1.00 29.42 ? 20  ILE A CG1 1 
ATOM   150  C  CG2 . ILE A 1 20  ? 3.214   2.423   9.051   1.00 30.06 ? 20  ILE A CG2 1 
ATOM   151  C  CD1 . ILE A 1 20  ? 1.818   3.039   6.491   1.00 29.93 ? 20  ILE A CD1 1 
ATOM   152  N  N   . THR A 1 21  ? 5.324   3.997   11.068  1.00 29.01 ? 21  THR A N   1 
ATOM   153  C  CA  . THR A 1 21  ? 6.296   3.414   11.970  1.00 28.89 ? 21  THR A CA  1 
ATOM   154  C  C   . THR A 1 21  ? 5.702   2.132   12.535  1.00 28.10 ? 21  THR A C   1 
ATOM   155  O  O   . THR A 1 21  ? 4.603   2.136   13.080  1.00 29.39 ? 21  THR A O   1 
ATOM   156  C  CB  . THR A 1 21  ? 6.622   4.380   13.127  1.00 29.14 ? 21  THR A CB  1 
ATOM   157  O  OG1 . THR A 1 21  ? 7.441   5.445   12.635  1.00 29.26 ? 21  THR A OG1 1 
ATOM   158  C  CG2 . THR A 1 21  ? 7.343   3.657   14.259  1.00 29.32 ? 21  THR A CG2 1 
ATOM   159  N  N   . VAL A 1 22  ? 6.426   1.033   12.369  1.00 27.89 ? 22  VAL A N   1 
ATOM   160  C  CA  . VAL A 1 22  ? 5.978   -0.258  12.871  1.00 27.69 ? 22  VAL A CA  1 
ATOM   161  C  C   . VAL A 1 22  ? 6.804   -0.620  14.097  1.00 28.43 ? 22  VAL A C   1 
ATOM   162  O  O   . VAL A 1 22  ? 8.006   -0.866  13.997  1.00 27.56 ? 22  VAL A O   1 
ATOM   163  C  CB  . VAL A 1 22  ? 6.127   -1.355  11.795  1.00 27.89 ? 22  VAL A CB  1 
ATOM   164  C  CG1 . VAL A 1 22  ? 5.806   -2.718  12.373  1.00 27.24 ? 22  VAL A CG1 1 
ATOM   165  C  CG2 . VAL A 1 22  ? 5.188   -1.055  10.637  1.00 27.33 ? 22  VAL A CG2 1 
ATOM   166  N  N   . ASP A 1 23  ? 6.155   -0.629  15.256  1.00 29.28 ? 23  ASP A N   1 
ATOM   167  C  CA  . ASP A 1 23  ? 6.833   -0.962  16.504  1.00 29.99 ? 23  ASP A CA  1 
ATOM   168  C  C   . ASP A 1 23  ? 7.301   -2.415  16.479  1.00 30.16 ? 23  ASP A C   1 
ATOM   169  O  O   . ASP A 1 23  ? 6.506   -3.337  16.290  1.00 28.94 ? 23  ASP A O   1 
ATOM   170  C  CB  . ASP A 1 23  ? 5.898   -0.728  17.692  1.00 31.30 ? 23  ASP A CB  1 
ATOM   171  C  CG  . ASP A 1 23  ? 6.635   -0.706  19.036  1.00 32.65 ? 23  ASP A CG  1 
ATOM   172  O  OD1 . ASP A 1 23  ? 7.359   -1.667  19.359  1.00 32.12 ? 23  ASP A OD1 1 
ATOM   173  O  OD2 . ASP A 1 23  ? 6.460   0.279   19.781  1.00 34.30 ? 23  ASP A OD2 1 
ATOM   174  N  N   . LYS A 1 24  ? 8.602   -2.590  16.684  1.00 31.03 ? 24  LYS A N   1 
ATOM   175  C  CA  . LYS A 1 24  ? 9.275   -3.887  16.707  1.00 32.39 ? 24  LYS A CA  1 
ATOM   176  C  C   . LYS A 1 24  ? 8.607   -4.887  17.666  1.00 32.51 ? 24  LYS A C   1 
ATOM   177  O  O   . LYS A 1 24  ? 8.840   -6.091  17.572  1.00 32.78 ? 24  LYS A O   1 
ATOM   178  C  CB  . LYS A 1 24  ? 10.748  -3.653  17.094  1.00 34.52 ? 24  LYS A CB  1 
ATOM   179  C  CG  . LYS A 1 24  ? 11.606  -4.883  17.327  1.00 36.64 ? 24  LYS A CG  1 
ATOM   180  C  CD  . LYS A 1 24  ? 13.105  -4.567  17.238  1.00 37.78 ? 24  LYS A CD  1 
ATOM   181  C  CE  . LYS A 1 24  ? 13.656  -3.836  18.457  1.00 38.94 ? 24  LYS A CE  1 
ATOM   182  N  NZ  . LYS A 1 24  ? 15.145  -3.989  18.535  1.00 39.08 ? 24  LYS A NZ  1 
ATOM   183  N  N   . SER A 1 25  ? 7.775   -4.371  18.573  1.00 31.67 ? 25  SER A N   1 
ATOM   184  C  CA  . SER A 1 25  ? 7.067   -5.185  19.563  1.00 31.58 ? 25  SER A CA  1 
ATOM   185  C  C   . SER A 1 25  ? 5.770   -5.811  19.064  1.00 30.70 ? 25  SER A C   1 
ATOM   186  O  O   . SER A 1 25  ? 5.175   -6.646  19.750  1.00 30.96 ? 25  SER A O   1 
ATOM   187  C  CB  . SER A 1 25  ? 6.755   -4.370  20.817  1.00 31.86 ? 25  SER A CB  1 
ATOM   188  O  OG  . SER A 1 25  ? 7.933   -4.047  21.526  1.00 33.28 ? 25  SER A OG  1 
ATOM   189  N  N   . CYS A 1 26  ? 5.298   -5.371  17.902  1.00 30.13 ? 26  CYS A N   1 
ATOM   190  C  CA  . CYS A 1 26  ? 4.073   -5.927  17.335  1.00 29.07 ? 26  CYS A CA  1 
ATOM   191  C  C   . CYS A 1 26  ? 4.419   -7.235  16.619  1.00 28.59 ? 26  CYS A C   1 
ATOM   192  O  O   . CYS A 1 26  ? 5.456   -7.317  15.955  1.00 29.00 ? 26  CYS A O   1 
ATOM   193  C  CB  . CYS A 1 26  ? 3.460   -4.947  16.324  1.00 29.28 ? 26  CYS A CB  1 
ATOM   194  S  SG  . CYS A 1 26  ? 2.985   -3.316  16.981  1.00 28.73 ? 26  CYS A SG  1 
ATOM   195  N  N   . LYS A 1 27  ? 3.627   -8.280  16.848  1.00 27.24 ? 27  LYS A N   1 
ATOM   196  C  CA  . LYS A 1 27  ? 3.852   -9.541  16.159  1.00 27.55 ? 27  LYS A CA  1 
ATOM   197  C  C   . LYS A 1 27  ? 3.310   -9.389  14.743  1.00 25.65 ? 27  LYS A C   1 
ATOM   198  O  O   . LYS A 1 27  ? 3.851   -9.939  13.786  1.00 25.54 ? 27  LYS A O   1 
ATOM   199  C  CB  . LYS A 1 27  ? 3.123   -10.679 16.865  1.00 29.79 ? 27  LYS A CB  1 
ATOM   200  C  CG  . LYS A 1 27  ? 4.031   -11.587 17.662  1.00 33.28 ? 27  LYS A CG  1 
ATOM   201  C  CD  . LYS A 1 27  ? 3.676   -11.551 19.134  1.00 36.48 ? 27  LYS A CD  1 
ATOM   202  C  CE  . LYS A 1 27  ? 4.622   -12.406 19.951  1.00 38.44 ? 27  LYS A CE  1 
ATOM   203  N  NZ  . LYS A 1 27  ? 4.247   -12.378 21.392  1.00 40.79 ? 27  LYS A NZ  1 
ATOM   204  N  N   . GLN A 1 28  ? 2.212   -8.649  14.635  1.00 24.62 ? 28  GLN A N   1 
ATOM   205  C  CA  . GLN A 1 28  ? 1.541   -8.381  13.366  1.00 24.57 ? 28  GLN A CA  1 
ATOM   206  C  C   . GLN A 1 28  ? 1.271   -6.888  13.304  1.00 23.36 ? 28  GLN A C   1 
ATOM   207  O  O   . GLN A 1 28  ? 1.254   -6.200  14.329  1.00 23.61 ? 28  GLN A O   1 
ATOM   208  C  CB  . GLN A 1 28  ? 0.181   -9.092  13.316  1.00 26.77 ? 28  GLN A CB  1 
ATOM   209  C  CG  . GLN A 1 28  ? 0.199   -10.584 12.996  1.00 29.41 ? 28  GLN A CG  1 
ATOM   210  C  CD  . GLN A 1 28  ? -1.201  -11.194 13.035  1.00 31.18 ? 28  GLN A CD  1 
ATOM   211  O  OE1 . GLN A 1 28  ? -1.810  -11.459 12.000  1.00 32.31 ? 28  GLN A OE1 1 
ATOM   212  N  NE2 . GLN A 1 28  ? -1.722  -11.405 14.239  1.00 32.97 ? 28  GLN A NE2 1 
ATOM   213  N  N   . PHE A 1 29  ? 1.037   -6.392  12.098  1.00 21.49 ? 29  PHE A N   1 
ATOM   214  C  CA  . PHE A 1 29  ? 0.730   -4.988  11.911  1.00 20.17 ? 29  PHE A CA  1 
ATOM   215  C  C   . PHE A 1 29  ? -0.401  -4.910  10.896  1.00 19.58 ? 29  PHE A C   1 
ATOM   216  O  O   . PHE A 1 29  ? -0.388  -5.620  9.891   1.00 18.59 ? 29  PHE A O   1 
ATOM   217  C  CB  . PHE A 1 29  ? 1.944   -4.203  11.430  1.00 21.82 ? 29  PHE A CB  1 
ATOM   218  C  CG  . PHE A 1 29  ? 1.736   -2.718  11.475  1.00 21.14 ? 29  PHE A CG  1 
ATOM   219  C  CD1 . PHE A 1 29  ? 1.882   -2.018  12.667  1.00 22.37 ? 29  PHE A CD1 1 
ATOM   220  C  CD2 . PHE A 1 29  ? 1.361   -2.025  10.332  1.00 22.08 ? 29  PHE A CD2 1 
ATOM   221  C  CE1 . PHE A 1 29  ? 1.646   -0.646  12.725  1.00 23.39 ? 29  PHE A CE1 1 
ATOM   222  C  CE2 . PHE A 1 29  ? 1.122   -0.659  10.371  1.00 23.63 ? 29  PHE A CE2 1 
ATOM   223  C  CZ  . PHE A 1 29  ? 1.268   0.034   11.575  1.00 23.58 ? 29  PHE A CZ  1 
ATOM   224  N  N   . THR A 1 30  ? -1.365  -4.037  11.166  1.00 17.95 ? 30  THR A N   1 
ATOM   225  C  CA  . THR A 1 30  ? -2.533  -3.911  10.321  1.00 17.82 ? 30  THR A CA  1 
ATOM   226  C  C   . THR A 1 30  ? -2.751  -2.540  9.713   1.00 17.88 ? 30  THR A C   1 
ATOM   227  O  O   . THR A 1 30  ? -2.626  -1.523  10.391  1.00 19.25 ? 30  THR A O   1 
ATOM   228  C  CB  . THR A 1 30  ? -3.799  -4.292  11.115  1.00 18.43 ? 30  THR A CB  1 
ATOM   229  O  OG1 . THR A 1 30  ? -3.685  -5.643  11.575  1.00 18.53 ? 30  THR A OG1 1 
ATOM   230  C  CG2 . THR A 1 30  ? -5.065  -4.143  10.269  1.00 18.08 ? 30  THR A CG2 1 
ATOM   231  N  N   . VAL A 1 31  ? -3.102  -2.525  8.431   1.00 18.27 ? 31  VAL A N   1 
ATOM   232  C  CA  . VAL A 1 31  ? -3.385  -1.274  7.739   1.00 17.64 ? 31  VAL A CA  1 
ATOM   233  C  C   . VAL A 1 31  ? -4.851  -1.296  7.318   1.00 17.70 ? 31  VAL A C   1 
ATOM   234  O  O   . VAL A 1 31  ? -5.299  -2.234  6.657   1.00 17.75 ? 31  VAL A O   1 
ATOM   235  C  CB  . VAL A 1 31  ? -2.500  -1.075  6.501   1.00 17.37 ? 31  VAL A CB  1 
ATOM   236  C  CG1 . VAL A 1 31  ? -2.966  0.153   5.710   1.00 15.72 ? 31  VAL A CG1 1 
ATOM   237  C  CG2 . VAL A 1 31  ? -1.044  -0.905  6.905   1.00 17.96 ? 31  VAL A CG2 1 
ATOM   238  N  N   . ASN A 1 32  ? -5.606  -0.281  7.731   1.00 18.52 ? 32  ASN A N   1 
ATOM   239  C  CA  . ASN A 1 32  ? -7.019  -0.203  7.380   1.00 19.45 ? 32  ASN A CA  1 
ATOM   240  C  C   . ASN A 1 32  ? -7.232  0.917   6.377   1.00 19.74 ? 32  ASN A C   1 
ATOM   241  O  O   . ASN A 1 32  ? -7.297  2.100   6.729   1.00 19.51 ? 32  ASN A O   1 
ATOM   242  C  CB  . ASN A 1 32  ? -7.866  -0.009  8.633   1.00 20.51 ? 32  ASN A CB  1 
ATOM   243  C  CG  . ASN A 1 32  ? -7.690  -1.148  9.619   1.00 22.84 ? 32  ASN A CG  1 
ATOM   244  O  OD1 . ASN A 1 32  ? -8.169  -2.264  9.391   1.00 22.89 ? 32  ASN A OD1 1 
ATOM   245  N  ND2 . ASN A 1 32  ? -6.962  -0.887  10.701  1.00 23.63 ? 32  ASN A ND2 1 
ATOM   246  N  N   . LEU A 1 33  ? -7.313  0.522   5.110   1.00 19.23 ? 33  LEU A N   1 
ATOM   247  C  CA  . LEU A 1 33  ? -7.481  1.458   4.011   1.00 19.88 ? 33  LEU A CA  1 
ATOM   248  C  C   . LEU A 1 33  ? -8.928  1.749   3.655   1.00 20.80 ? 33  LEU A C   1 
ATOM   249  O  O   . LEU A 1 33  ? -9.738  0.828   3.533   1.00 21.52 ? 33  LEU A O   1 
ATOM   250  C  CB  . LEU A 1 33  ? -6.762  0.935   2.768   1.00 18.62 ? 33  LEU A CB  1 
ATOM   251  C  CG  . LEU A 1 33  ? -6.929  1.774   1.502   1.00 19.01 ? 33  LEU A CG  1 
ATOM   252  C  CD1 . LEU A 1 33  ? -6.115  3.062   1.619   1.00 18.18 ? 33  LEU A CD1 1 
ATOM   253  C  CD2 . LEU A 1 33  ? -6.513  0.963   0.269   1.00 19.40 ? 33  LEU A CD2 1 
ATOM   254  N  N   . SER A 1 34  ? -9.244  3.032   3.485   1.00 21.26 ? 34  SER A N   1 
ATOM   255  C  CA  . SER A 1 34  ? -10.586 3.422   3.083   1.00 22.06 ? 34  SER A CA  1 
ATOM   256  C  C   . SER A 1 34  ? -10.534 4.434   1.949   1.00 21.59 ? 34  SER A C   1 
ATOM   257  O  O   . SER A 1 34  ? -9.517  5.089   1.731   1.00 20.93 ? 34  SER A O   1 
ATOM   258  C  CB  . SER A 1 34  ? -11.388 3.973   4.267   1.00 21.67 ? 34  SER A CB  1 
ATOM   259  O  OG  . SER A 1 34  ? -10.881 5.222   4.705   1.00 23.26 ? 34  SER A OG  1 
ATOM   260  N  N   . HIS A 1 35  ? -11.650 4.582   1.247   1.00 23.15 ? 35  HIS A N   1 
ATOM   261  C  CA  . HIS A 1 35  ? -11.724 5.485   0.111   1.00 24.29 ? 35  HIS A CA  1 
ATOM   262  C  C   . HIS A 1 35  ? -12.875 6.474   0.267   1.00 25.12 ? 35  HIS A C   1 
ATOM   263  O  O   . HIS A 1 35  ? -14.013 6.176   -0.102  1.00 25.77 ? 35  HIS A O   1 
ATOM   264  C  CB  . HIS A 1 35  ? -11.905 4.646   -1.164  1.00 24.43 ? 35  HIS A CB  1 
ATOM   265  C  CG  . HIS A 1 35  ? -11.620 5.372   -2.434  1.00 24.97 ? 35  HIS A CG  1 
ATOM   266  N  ND1 . HIS A 1 35  ? -12.163 6.607   -2.738  1.00 24.14 ? 35  HIS A ND1 1 
ATOM   267  C  CD2 . HIS A 1 35  ? -10.891 5.007   -3.520  1.00 25.34 ? 35  HIS A CD2 1 
ATOM   268  C  CE1 . HIS A 1 35  ? -11.788 6.959   -3.952  1.00 26.28 ? 35  HIS A CE1 1 
ATOM   269  N  NE2 . HIS A 1 35  ? -11.017 6.017   -4.448  1.00 25.47 ? 35  HIS A NE2 1 
ATOM   270  N  N   . PRO A 1 36  ? -12.595 7.661   0.833   1.00 25.88 ? 36  PRO A N   1 
ATOM   271  C  CA  . PRO A 1 36  ? -13.634 8.683   1.023   1.00 26.19 ? 36  PRO A CA  1 
ATOM   272  C  C   . PRO A 1 36  ? -14.060 9.436   -0.248  1.00 26.46 ? 36  PRO A C   1 
ATOM   273  O  O   . PRO A 1 36  ? -14.974 10.261  -0.208  1.00 27.16 ? 36  PRO A O   1 
ATOM   274  C  CB  . PRO A 1 36  ? -13.003 9.618   2.058   1.00 26.61 ? 36  PRO A CB  1 
ATOM   275  C  CG  . PRO A 1 36  ? -11.536 9.501   1.773   1.00 26.46 ? 36  PRO A CG  1 
ATOM   276  C  CD  . PRO A 1 36  ? -11.365 8.020   1.555   1.00 25.53 ? 36  PRO A CD  1 
ATOM   277  N  N   . GLY A 1 37  ? -13.406 9.153   -1.369  1.00 25.90 ? 37  GLY A N   1 
ATOM   278  C  CA  . GLY A 1 37  ? -13.746 9.811   -2.622  1.00 25.28 ? 37  GLY A CA  1 
ATOM   279  C  C   . GLY A 1 37  ? -15.066 9.378   -3.247  1.00 25.43 ? 37  GLY A C   1 
ATOM   280  O  O   . GLY A 1 37  ? -15.792 8.580   -2.657  1.00 26.10 ? 37  GLY A O   1 
ATOM   281  N  N   . ASN A 1 38  ? -15.379 9.906   -4.434  1.00 24.40 ? 38  ASN A N   1 
ATOM   282  C  CA  . ASN A 1 38  ? -16.610 9.574   -5.160  1.00 24.63 ? 38  ASN A CA  1 
ATOM   283  C  C   . ASN A 1 38  ? -16.345 8.703   -6.382  1.00 23.33 ? 38  ASN A C   1 
ATOM   284  O  O   . ASN A 1 38  ? -17.257 8.090   -6.933  1.00 24.33 ? 38  ASN A O   1 
ATOM   285  C  CB  . ASN A 1 38  ? -17.298 10.840  -5.682  1.00 25.22 ? 38  ASN A CB  1 
ATOM   286  C  CG  . ASN A 1 38  ? -17.777 11.757  -4.589  1.00 27.87 ? 38  ASN A CG  1 
ATOM   287  O  OD1 . ASN A 1 38  ? -17.322 12.895  -4.480  1.00 28.97 ? 38  ASN A OD1 1 
ATOM   288  N  ND2 . ASN A 1 38  ? -18.731 11.291  -3.802  1.00 28.02 ? 38  ASN A ND2 1 
ATOM   289  N  N   . LEU A 1 39  ? -15.104 8.700   -6.842  1.00 22.65 ? 39  LEU A N   1 
ATOM   290  C  CA  . LEU A 1 39  ? -14.740 7.961   -8.040  1.00 21.43 ? 39  LEU A CA  1 
ATOM   291  C  C   . LEU A 1 39  ? -14.577 6.449   -7.884  1.00 21.18 ? 39  LEU A C   1 
ATOM   292  O  O   . LEU A 1 39  ? -14.083 5.972   -6.862  1.00 21.78 ? 39  LEU A O   1 
ATOM   293  C  CB  . LEU A 1 39  ? -13.487 8.579   -8.640  1.00 21.55 ? 39  LEU A CB  1 
ATOM   294  C  CG  . LEU A 1 39  ? -13.620 10.014  -9.153  1.00 21.76 ? 39  LEU A CG  1 
ATOM   295  C  CD1 . LEU A 1 39  ? -12.264 10.546  -9.524  1.00 21.29 ? 39  LEU A CD1 1 
ATOM   296  C  CD2 . LEU A 1 39  ? -14.578 10.081  -10.331 1.00 22.28 ? 39  LEU A CD2 1 
ATOM   297  N  N   . PRO A 1 40  ? -15.031 5.679   -8.901  1.00 21.04 ? 40  PRO A N   1 
ATOM   298  C  CA  . PRO A 1 40  ? -14.923 4.212   -8.867  1.00 20.85 ? 40  PRO A CA  1 
ATOM   299  C  C   . PRO A 1 40  ? -13.474 3.777   -8.965  1.00 20.59 ? 40  PRO A C   1 
ATOM   300  O  O   . PRO A 1 40  ? -12.602 4.564   -9.348  1.00 20.07 ? 40  PRO A O   1 
ATOM   301  C  CB  . PRO A 1 40  ? -15.742 3.785   -10.086 1.00 21.85 ? 40  PRO A CB  1 
ATOM   302  C  CG  . PRO A 1 40  ? -15.612 4.941   -11.035 1.00 20.58 ? 40  PRO A CG  1 
ATOM   303  C  CD  . PRO A 1 40  ? -15.730 6.129   -10.111 1.00 20.53 ? 40  PRO A CD  1 
ATOM   304  N  N   . LYS A 1 41  ? -13.205 2.513   -8.651  1.00 20.17 ? 41  LYS A N   1 
ATOM   305  C  CA  . LYS A 1 41  ? -11.829 2.041   -8.679  1.00 19.51 ? 41  LYS A CA  1 
ATOM   306  C  C   . LYS A 1 41  ? -11.198 1.926   -10.039 1.00 18.99 ? 41  LYS A C   1 
ATOM   307  O  O   . LYS A 1 41  ? -9.981  1.791   -10.127 1.00 18.41 ? 41  LYS A O   1 
ATOM   308  C  CB  . LYS A 1 41  ? -11.667 0.732   -7.908  1.00 19.46 ? 41  LYS A CB  1 
ATOM   309  C  CG  . LYS A 1 41  ? -12.308 -0.464  -8.532  1.00 20.88 ? 41  LYS A CG  1 
ATOM   310  C  CD  . LYS A 1 41  ? -12.111 -1.655  -7.624  1.00 20.14 ? 41  LYS A CD  1 
ATOM   311  C  CE  . LYS A 1 41  ? -12.664 -2.909  -8.260  1.00 23.60 ? 41  LYS A CE  1 
ATOM   312  N  NZ  . LYS A 1 41  ? -12.550 -4.077  -7.349  1.00 23.48 ? 41  LYS A NZ  1 
ATOM   313  N  N   . ASN A 1 42  ? -12.007 1.965   -11.099 1.00 18.85 ? 42  ASN A N   1 
ATOM   314  C  CA  . ASN A 1 42  ? -11.435 1.882   -12.434 1.00 20.19 ? 42  ASN A CA  1 
ATOM   315  C  C   . ASN A 1 42  ? -10.829 3.204   -12.899 1.00 19.63 ? 42  ASN A C   1 
ATOM   316  O  O   . ASN A 1 42  ? -10.040 3.222   -13.834 1.00 19.86 ? 42  ASN A O   1 
ATOM   317  C  CB  . ASN A 1 42  ? -12.418 1.305   -13.459 1.00 21.50 ? 42  ASN A CB  1 
ATOM   318  C  CG  . ASN A 1 42  ? -13.648 2.170   -13.678 1.00 23.47 ? 42  ASN A CG  1 
ATOM   319  O  OD1 . ASN A 1 42  ? -14.180 2.240   -14.788 1.00 26.79 ? 42  ASN A OD1 1 
ATOM   320  N  ND2 . ASN A 1 42  ? -14.132 2.790   -12.619 1.00 24.21 ? 42  ASN A ND2 1 
ATOM   321  N  N   . VAL A 1 43  ? -11.172 4.302   -12.227 1.00 20.32 ? 43  VAL A N   1 
ATOM   322  C  CA  . VAL A 1 43  ? -10.627 5.615   -12.580 1.00 21.33 ? 43  VAL A CA  1 
ATOM   323  C  C   . VAL A 1 43  ? -9.790  6.176   -11.442 1.00 20.87 ? 43  VAL A C   1 
ATOM   324  O  O   . VAL A 1 43  ? -8.823  6.875   -11.681 1.00 22.08 ? 43  VAL A O   1 
ATOM   325  C  CB  . VAL A 1 43  ? -11.728 6.681   -12.956 1.00 21.04 ? 43  VAL A CB  1 
ATOM   326  C  CG1 . VAL A 1 43  ? -12.832 6.081   -13.795 1.00 22.36 ? 43  VAL A CG1 1 
ATOM   327  C  CG2 . VAL A 1 43  ? -12.276 7.381   -11.712 1.00 24.46 ? 43  VAL A CG2 1 
ATOM   328  N  N   . MET A 1 44  ? -10.131 5.824   -10.205 1.00 21.62 ? 44  MET A N   1 
ATOM   329  C  CA  . MET A 1 44  ? -9.407  6.342   -9.049  1.00 20.71 ? 44  MET A CA  1 
ATOM   330  C  C   . MET A 1 44  ? -9.207  5.250   -8.004  1.00 20.68 ? 44  MET A C   1 
ATOM   331  O  O   . MET A 1 44  ? -9.316  5.488   -6.802  1.00 20.76 ? 44  MET A O   1 
ATOM   332  C  CB  . MET A 1 44  ? -10.204 7.505   -8.447  1.00 20.66 ? 44  MET A CB  1 
ATOM   333  C  CG  . MET A 1 44  ? -9.481  8.329   -7.393  1.00 21.29 ? 44  MET A CG  1 
ATOM   334  S  SD  . MET A 1 44  ? -7.852  8.860   -7.879  1.00 25.77 ? 44  MET A SD  1 
ATOM   335  C  CE  . MET A 1 44  ? -8.295  10.164  -9.041  1.00 21.17 ? 44  MET A CE  1 
ATOM   336  N  N   . GLY A 1 45  ? -8.909  4.042   -8.473  1.00 18.62 ? 45  GLY A N   1 
ATOM   337  C  CA  . GLY A 1 45  ? -8.707  2.942   -7.551  1.00 18.39 ? 45  GLY A CA  1 
ATOM   338  C  C   . GLY A 1 45  ? -7.463  3.106   -6.705  1.00 17.94 ? 45  GLY A C   1 
ATOM   339  O  O   . GLY A 1 45  ? -6.449  3.642   -7.154  1.00 18.10 ? 45  GLY A O   1 
ATOM   340  N  N   . HIS A 1 46  ? -7.544  2.648   -5.465  1.00 17.23 ? 46  HIS A N   1 
ATOM   341  C  CA  . HIS A 1 46  ? -6.410  2.734   -4.565  1.00 17.33 ? 46  HIS A CA  1 
ATOM   342  C  C   . HIS A 1 46  ? -6.147  1.458   -3.797  1.00 17.12 ? 46  HIS A C   1 
ATOM   343  O  O   . HIS A 1 46  ? -7.059  0.789   -3.307  1.00 17.47 ? 46  HIS A O   1 
ATOM   344  C  CB  . HIS A 1 46  ? -6.590  3.838   -3.519  1.00 16.99 ? 46  HIS A CB  1 
ATOM   345  C  CG  . HIS A 1 46  ? -6.740  5.212   -4.086  1.00 18.86 ? 46  HIS A CG  1 
ATOM   346  N  ND1 . HIS A 1 46  ? -5.875  5.746   -5.014  1.00 19.48 ? 46  HIS A ND1 1 
ATOM   347  C  CD2 . HIS A 1 46  ? -7.652  6.183   -3.820  1.00 19.44 ? 46  HIS A CD2 1 
ATOM   348  C  CE1 . HIS A 1 46  ? -6.243  6.983   -5.291  1.00 19.44 ? 46  HIS A CE1 1 
ATOM   349  N  NE2 . HIS A 1 46  ? -7.312  7.268   -4.583  1.00 19.02 ? 46  HIS A NE2 1 
ATOM   350  N  N   . ASN A 1 47  ? -4.874  1.118   -3.702  1.00 16.75 ? 47  ASN A N   1 
ATOM   351  C  CA  . ASN A 1 47  ? -4.483  -0.007  -2.895  1.00 16.42 ? 47  ASN A CA  1 
ATOM   352  C  C   . ASN A 1 47  ? -3.301  0.455   -2.071  1.00 16.86 ? 47  ASN A C   1 
ATOM   353  O  O   . ASN A 1 47  ? -2.753  1.544   -2.297  1.00 17.03 ? 47  ASN A O   1 
ATOM   354  C  CB  . ASN A 1 47  ? -4.145  -1.263  -3.720  1.00 16.78 ? 47  ASN A CB  1 
ATOM   355  C  CG  . ASN A 1 47  ? -3.082  -1.034  -4.771  1.00 16.57 ? 47  ASN A CG  1 
ATOM   356  O  OD1 . ASN A 1 47  ? -2.401  -0.010  -4.791  1.00 17.92 ? 47  ASN A OD1 1 
ATOM   357  N  ND2 . ASN A 1 47  ? -2.913  -2.014  -5.652  1.00 17.57 ? 47  ASN A ND2 1 
ATOM   358  N  N   . TRP A 1 48  ? -2.972  -0.325  -1.056  1.00 16.24 ? 48  TRP A N   1 
ATOM   359  C  CA  . TRP A 1 48  ? -1.839  -0.008  -0.209  1.00 17.17 ? 48  TRP A CA  1 
ATOM   360  C  C   . TRP A 1 48  ? -0.920  -1.203  -0.384  1.00 17.41 ? 48  TRP A C   1 
ATOM   361  O  O   . TRP A 1 48  ? -1.264  -2.305  0.018   1.00 17.63 ? 48  TRP A O   1 
ATOM   362  C  CB  . TRP A 1 48  ? -2.291  0.132   1.241   1.00 17.39 ? 48  TRP A CB  1 
ATOM   363  C  CG  . TRP A 1 48  ? -1.206  0.578   2.170   1.00 18.78 ? 48  TRP A CG  1 
ATOM   364  C  CD1 . TRP A 1 48  ? -0.881  1.860   2.500   1.00 19.46 ? 48  TRP A CD1 1 
ATOM   365  C  CD2 . TRP A 1 48  ? -0.288  -0.268  2.908   1.00 18.56 ? 48  TRP A CD2 1 
ATOM   366  N  NE1 . TRP A 1 48  ? 0.173   1.870   3.394   1.00 19.47 ? 48  TRP A NE1 1 
ATOM   367  C  CE2 . TRP A 1 48  ? 0.546   0.576   3.656   1.00 17.87 ? 48  TRP A CE2 1 
ATOM   368  C  CE3 . TRP A 1 48  ? -0.115  -1.654  2.996   1.00 18.40 ? 48  TRP A CE3 1 
ATOM   369  C  CZ2 . TRP A 1 48  ? 1.570   0.089   4.489   1.00 19.16 ? 48  TRP A CZ2 1 
ATOM   370  C  CZ3 . TRP A 1 48  ? 0.910   -2.149  3.831   1.00 17.94 ? 48  TRP A CZ3 1 
ATOM   371  C  CH2 . TRP A 1 48  ? 1.726   -1.277  4.570   1.00 18.63 ? 48  TRP A CH2 1 
ATOM   372  N  N   . VAL A 1 49  ? 0.226   -0.979  -1.018  1.00 17.80 ? 49  VAL A N   1 
ATOM   373  C  CA  . VAL A 1 49  ? 1.180   -2.043  -1.294  1.00 18.36 ? 49  VAL A CA  1 
ATOM   374  C  C   . VAL A 1 49  ? 2.505   -1.749  -0.616  1.00 18.97 ? 49  VAL A C   1 
ATOM   375  O  O   . VAL A 1 49  ? 2.998   -0.632  -0.672  1.00 20.37 ? 49  VAL A O   1 
ATOM   376  C  CB  . VAL A 1 49  ? 1.398   -2.183  -2.802  1.00 18.49 ? 49  VAL A CB  1 
ATOM   377  C  CG1 . VAL A 1 49  ? 2.269   -3.388  -3.126  1.00 17.62 ? 49  VAL A CG1 1 
ATOM   378  C  CG2 . VAL A 1 49  ? 0.039   -2.295  -3.493  1.00 15.73 ? 49  VAL A CG2 1 
ATOM   379  N  N   . LEU A 1 50  ? 3.072   -2.753  0.039   1.00 20.12 ? 50  LEU A N   1 
ATOM   380  C  CA  . LEU A 1 50  ? 4.334   -2.570  0.728   1.00 21.43 ? 50  LEU A CA  1 
ATOM   381  C  C   . LEU A 1 50  ? 5.471   -3.369  0.104   1.00 22.58 ? 50  LEU A C   1 
ATOM   382  O  O   . LEU A 1 50  ? 5.292   -4.506  -0.320  1.00 23.58 ? 50  LEU A O   1 
ATOM   383  C  CB  . LEU A 1 50  ? 4.178   -2.959  2.201   1.00 21.06 ? 50  LEU A CB  1 
ATOM   384  C  CG  . LEU A 1 50  ? 5.379   -2.732  3.117   1.00 19.35 ? 50  LEU A CG  1 
ATOM   385  C  CD1 . LEU A 1 50  ? 5.614   -1.249  3.294   1.00 20.48 ? 50  LEU A CD1 1 
ATOM   386  C  CD2 . LEU A 1 50  ? 5.100   -3.381  4.460   1.00 20.37 ? 50  LEU A CD2 1 
ATOM   387  N  N   . SER A 1 51  ? 6.647   -2.754  0.055   1.00 24.00 ? 51  SER A N   1 
ATOM   388  C  CA  . SER A 1 51  ? 7.846   -3.390  -0.490  1.00 25.16 ? 51  SER A CA  1 
ATOM   389  C  C   . SER A 1 51  ? 9.012   -2.561  -0.001  1.00 26.44 ? 51  SER A C   1 
ATOM   390  O  O   . SER A 1 51  ? 8.817   -1.466  0.528   1.00 27.76 ? 51  SER A O   1 
ATOM   391  C  CB  . SER A 1 51  ? 7.827   -3.367  -2.025  1.00 25.55 ? 51  SER A CB  1 
ATOM   392  O  OG  . SER A 1 51  ? 7.997   -2.048  -2.519  1.00 23.06 ? 51  SER A OG  1 
ATOM   393  N  N   . THR A 1 52  ? 10.219  -3.099  -0.148  1.00 28.55 ? 52  THR A N   1 
ATOM   394  C  CA  . THR A 1 52  ? 11.417  -2.371  0.248   1.00 30.18 ? 52  THR A CA  1 
ATOM   395  C  C   . THR A 1 52  ? 11.460  -1.138  -0.648  1.00 31.80 ? 52  THR A C   1 
ATOM   396  O  O   . THR A 1 52  ? 10.999  -1.190  -1.796  1.00 31.99 ? 52  THR A O   1 
ATOM   397  C  CB  . THR A 1 52  ? 12.684  -3.191  -0.035  1.00 30.32 ? 52  THR A CB  1 
ATOM   398  O  OG1 . THR A 1 52  ? 12.746  -3.523  -1.432  1.00 30.90 ? 52  THR A OG1 1 
ATOM   399  C  CG2 . THR A 1 52  ? 12.700  -4.452  0.787   1.00 30.68 ? 52  THR A CG2 1 
ATOM   400  N  N   . ALA A 1 53  ? 11.981  -0.032  -0.131  1.00 32.70 ? 53  ALA A N   1 
ATOM   401  C  CA  . ALA A 1 53  ? 12.072  1.193   -0.905  1.00 33.50 ? 53  ALA A CA  1 
ATOM   402  C  C   . ALA A 1 53  ? 12.773  0.974   -2.243  1.00 33.74 ? 53  ALA A C   1 
ATOM   403  O  O   . ALA A 1 53  ? 12.584  1.742   -3.185  1.00 35.19 ? 53  ALA A O   1 
ATOM   404  C  CB  . ALA A 1 53  ? 12.798  2.276   -0.105  1.00 33.47 ? 53  ALA A CB  1 
ATOM   405  N  N   . ALA A 1 54  ? 13.550  -0.101  -2.336  1.00 33.72 ? 54  ALA A N   1 
ATOM   406  C  CA  . ALA A 1 54  ? 14.273  -0.420  -3.558  1.00 34.13 ? 54  ALA A CA  1 
ATOM   407  C  C   . ALA A 1 54  ? 13.453  -1.205  -4.574  1.00 34.34 ? 54  ALA A C   1 
ATOM   408  O  O   . ALA A 1 54  ? 13.704  -1.105  -5.774  1.00 35.37 ? 54  ALA A O   1 
ATOM   409  C  CB  . ALA A 1 54  ? 15.549  -1.182  -3.219  1.00 33.62 ? 54  ALA A CB  1 
ATOM   410  N  N   . ASP A 1 55  ? 12.510  -2.012  -4.103  1.00 34.21 ? 55  ASP A N   1 
ATOM   411  C  CA  . ASP A 1 55  ? 11.672  -2.800  -5.005  1.00 33.53 ? 55  ASP A CA  1 
ATOM   412  C  C   . ASP A 1 55  ? 10.444  -2.077  -5.505  1.00 32.99 ? 55  ASP A C   1 
ATOM   413  O  O   . ASP A 1 55  ? 9.758   -2.585  -6.384  1.00 32.36 ? 55  ASP A O   1 
ATOM   414  C  CB  . ASP A 1 55  ? 11.232  -4.102  -4.339  1.00 33.67 ? 55  ASP A CB  1 
ATOM   415  C  CG  . ASP A 1 55  ? 12.272  -5.187  -4.438  1.00 34.51 ? 55  ASP A CG  1 
ATOM   416  O  OD1 . ASP A 1 55  ? 13.118  -5.127  -5.359  1.00 34.05 ? 55  ASP A OD1 1 
ATOM   417  O  OD2 . ASP A 1 55  ? 12.232  -6.114  -3.601  1.00 33.83 ? 55  ASP A OD2 1 
ATOM   418  N  N   . MET A 1 56  ? 10.172  -0.900  -4.957  1.00 32.75 ? 56  MET A N   1 
ATOM   419  C  CA  . MET A 1 56  ? 8.996   -0.141  -5.349  1.00 33.29 ? 56  MET A CA  1 
ATOM   420  C  C   . MET A 1 56  ? 8.805   -0.014  -6.863  1.00 33.83 ? 56  MET A C   1 
ATOM   421  O  O   . MET A 1 56  ? 7.831   -0.532  -7.413  1.00 33.44 ? 56  MET A O   1 
ATOM   422  C  CB  . MET A 1 56  ? 8.991   1.241   -4.700  1.00 33.30 ? 56  MET A CB  1 
ATOM   423  C  CG  . MET A 1 56  ? 7.882   2.145   -5.202  1.00 33.59 ? 56  MET A CG  1 
ATOM   424  S  SD  . MET A 1 56  ? 7.777   3.632   -4.227  1.00 34.53 ? 56  MET A SD  1 
ATOM   425  C  CE  . MET A 1 56  ? 9.158   4.508   -4.889  1.00 36.19 ? 56  MET A CE  1 
ATOM   426  N  N   . GLN A 1 57  ? 9.754   0.635   -7.531  1.00 33.52 ? 57  GLN A N   1 
ATOM   427  C  CA  . GLN A 1 57  ? 9.685   0.861   -8.974  1.00 33.00 ? 57  GLN A CA  1 
ATOM   428  C  C   . GLN A 1 57  ? 9.263   -0.301  -9.863  1.00 31.81 ? 57  GLN A C   1 
ATOM   429  O  O   . GLN A 1 57  ? 8.356   -0.144  -10.678 1.00 31.19 ? 57  GLN A O   1 
ATOM   430  C  CB  . GLN A 1 57  ? 10.994  1.465   -9.474  1.00 34.36 ? 57  GLN A CB  1 
ATOM   431  C  CG  . GLN A 1 57  ? 11.009  2.975   -9.409  1.00 36.41 ? 57  GLN A CG  1 
ATOM   432  C  CD  . GLN A 1 57  ? 10.066  3.593   -10.425 1.00 38.23 ? 57  GLN A CD  1 
ATOM   433  O  OE1 . GLN A 1 57  ? 9.277   4.482   -10.104 1.00 39.56 ? 57  GLN A OE1 1 
ATOM   434  N  NE2 . GLN A 1 57  ? 10.149  3.123   -11.666 1.00 38.65 ? 57  GLN A NE2 1 
ATOM   435  N  N   . GLY A 1 58  ? 9.902   -1.454  -9.705  1.00 30.53 ? 58  GLY A N   1 
ATOM   436  C  CA  . GLY A 1 58  ? 9.562   -2.616  -10.511 1.00 29.72 ? 58  GLY A CA  1 
ATOM   437  C  C   . GLY A 1 58  ? 8.176   -3.134  -10.198 1.00 29.31 ? 58  GLY A C   1 
ATOM   438  O  O   . GLY A 1 58  ? 7.509   -3.700  -11.068 1.00 29.17 ? 58  GLY A O   1 
ATOM   439  N  N   . VAL A 1 59  ? 7.764   -2.996  -8.940  1.00 28.52 ? 59  VAL A N   1 
ATOM   440  C  CA  . VAL A 1 59  ? 6.437   -3.440  -8.519  1.00 27.69 ? 59  VAL A CA  1 
ATOM   441  C  C   . VAL A 1 59  ? 5.393   -2.543  -9.180  1.00 27.11 ? 59  VAL A C   1 
ATOM   442  O  O   . VAL A 1 59  ? 4.435   -3.037  -9.773  1.00 27.25 ? 59  VAL A O   1 
ATOM   443  C  CB  . VAL A 1 59  ? 6.283   -3.407  -6.975  1.00 27.63 ? 59  VAL A CB  1 
ATOM   444  C  CG1 . VAL A 1 59  ? 4.823   -3.603  -6.578  1.00 26.92 ? 59  VAL A CG1 1 
ATOM   445  C  CG2 . VAL A 1 59  ? 7.135   -4.504  -6.356  1.00 27.52 ? 59  VAL A CG2 1 
ATOM   446  N  N   . VAL A 1 60  ? 5.611   -1.229  -9.105  1.00 27.15 ? 60  VAL A N   1 
ATOM   447  C  CA  . VAL A 1 60  ? 4.715   -0.251  -9.713  1.00 28.02 ? 60  VAL A CA  1 
ATOM   448  C  C   . VAL A 1 60  ? 4.653   -0.502  -11.222 1.00 28.60 ? 60  VAL A C   1 
ATOM   449  O  O   . VAL A 1 60  ? 3.576   -0.725  -11.778 1.00 28.10 ? 60  VAL A O   1 
ATOM   450  C  CB  . VAL A 1 60  ? 5.226   1.200   -9.477  1.00 28.75 ? 60  VAL A CB  1 
ATOM   451  C  CG1 . VAL A 1 60  ? 4.366   2.204   -10.239 1.00 29.39 ? 60  VAL A CG1 1 
ATOM   452  C  CG2 . VAL A 1 60  ? 5.212   1.525   -7.994  1.00 29.29 ? 60  VAL A CG2 1 
ATOM   453  N  N   . THR A 1 61  ? 5.825   -0.521  -11.857 1.00 28.46 ? 61  THR A N   1 
ATOM   454  C  CA  . THR A 1 61  ? 5.942   -0.728  -13.294 1.00 28.34 ? 61  THR A CA  1 
ATOM   455  C  C   . THR A 1 61  ? 5.228   -1.985  -13.784 1.00 28.69 ? 61  THR A C   1 
ATOM   456  O  O   . THR A 1 61  ? 4.408   -1.910  -14.699 1.00 28.92 ? 61  THR A O   1 
ATOM   457  C  CB  . THR A 1 61  ? 7.418   -0.767  -13.749 1.00 27.84 ? 61  THR A CB  1 
ATOM   458  O  OG1 . THR A 1 61  ? 8.072   0.449   -13.371 1.00 26.32 ? 61  THR A OG1 1 
ATOM   459  C  CG2 . THR A 1 61  ? 7.507   -0.897  -15.239 1.00 28.01 ? 61  THR A CG2 1 
ATOM   460  N  N   . ASP A 1 62  ? 5.522   -3.136  -13.182 1.00 29.04 ? 62  ASP A N   1 
ATOM   461  C  CA  . ASP A 1 62  ? 4.875   -4.382  -13.605 1.00 29.24 ? 62  ASP A CA  1 
ATOM   462  C  C   . ASP A 1 62  ? 3.412   -4.434  -13.210 1.00 29.15 ? 62  ASP A C   1 
ATOM   463  O  O   . ASP A 1 62  ? 2.620   -5.157  -13.823 1.00 28.89 ? 62  ASP A O   1 
ATOM   464  C  CB  . ASP A 1 62  ? 5.594   -5.596  -13.031 1.00 30.65 ? 62  ASP A CB  1 
ATOM   465  C  CG  . ASP A 1 62  ? 7.020   -5.723  -13.524 1.00 32.54 ? 62  ASP A CG  1 
ATOM   466  O  OD1 . ASP A 1 62  ? 7.373   -5.087  -14.544 1.00 33.17 ? 62  ASP A OD1 1 
ATOM   467  O  OD2 . ASP A 1 62  ? 7.790   -6.470  -12.884 1.00 32.16 ? 62  ASP A OD2 1 
ATOM   468  N  N   . GLY A 1 63  ? 3.070   -3.695  -12.161 1.00 29.60 ? 63  GLY A N   1 
ATOM   469  C  CA  . GLY A 1 63  ? 1.702   -3.656  -11.686 1.00 29.48 ? 63  GLY A CA  1 
ATOM   470  C  C   . GLY A 1 63  ? 0.809   -2.948  -12.676 1.00 29.74 ? 63  GLY A C   1 
ATOM   471  O  O   . GLY A 1 63  ? -0.280  -3.427  -12.988 1.00 29.33 ? 63  GLY A O   1 
ATOM   472  N  N   . MET A 1 64  ? 1.287   -1.837  -13.221 1.00 30.90 ? 64  MET A N   1 
ATOM   473  C  CA  . MET A 1 64  ? 0.490   -1.087  -14.184 1.00 32.27 ? 64  MET A CA  1 
ATOM   474  C  C   . MET A 1 64  ? 0.213   -1.910  -15.431 1.00 31.99 ? 64  MET A C   1 
ATOM   475  O  O   . MET A 1 64  ? -0.844  -1.781  -16.041 1.00 32.84 ? 64  MET A O   1 
ATOM   476  C  CB  . MET A 1 64  ? 1.184   0.211   -14.587 1.00 34.78 ? 64  MET A CB  1 
ATOM   477  C  CG  . MET A 1 64  ? 2.288   0.054   -15.605 1.00 37.14 ? 64  MET A CG  1 
ATOM   478  S  SD  . MET A 1 64  ? 2.363   1.477   -16.709 1.00 40.69 ? 64  MET A SD  1 
ATOM   479  C  CE  . MET A 1 64  ? 2.138   2.825   -15.609 1.00 38.29 ? 64  MET A CE  1 
ATOM   480  N  N   . ALA A 1 65  ? 1.166   -2.768  -15.782 1.00 31.24 ? 65  ALA A N   1 
ATOM   481  C  CA  . ALA A 1 65  ? 1.069   -3.622  -16.964 1.00 29.92 ? 65  ALA A CA  1 
ATOM   482  C  C   . ALA A 1 65  ? 0.168   -4.842  -16.775 1.00 29.58 ? 65  ALA A C   1 
ATOM   483  O  O   . ALA A 1 65  ? -0.141  -5.543  -17.743 1.00 29.91 ? 65  ALA A O   1 
ATOM   484  C  CB  . ALA A 1 65  ? 2.455   -4.073  -17.388 1.00 30.95 ? 65  ALA A CB  1 
ATOM   485  N  N   . SER A 1 66  ? -0.243  -5.095  -15.538 1.00 27.67 ? 66  SER A N   1 
ATOM   486  C  CA  . SER A 1 66  ? -1.072  -6.253  -15.230 1.00 27.27 ? 66  SER A CA  1 
ATOM   487  C  C   . SER A 1 66  ? -2.576  -6.075  -15.380 1.00 26.79 ? 66  SER A C   1 
ATOM   488  O  O   . SER A 1 66  ? -3.305  -7.062  -15.474 1.00 27.06 ? 66  SER A O   1 
ATOM   489  C  CB  . SER A 1 66  ? -0.754  -6.767  -13.828 1.00 27.29 ? 66  SER A CB  1 
ATOM   490  O  OG  . SER A 1 66  ? 0.611   -7.119  -13.725 1.00 27.49 ? 66  SER A OG  1 
ATOM   491  N  N   . GLY A 1 67  ? -3.049  -4.833  -15.367 1.00 26.85 ? 67  GLY A N   1 
ATOM   492  C  CA  . GLY A 1 67  ? -4.480  -4.594  -15.509 1.00 26.94 ? 67  GLY A CA  1 
ATOM   493  C  C   . GLY A 1 67  ? -5.295  -4.565  -14.221 1.00 27.53 ? 67  GLY A C   1 
ATOM   494  O  O   . GLY A 1 67  ? -4.853  -5.038  -13.170 1.00 26.96 ? 67  GLY A O   1 
ATOM   495  N  N   . LEU A 1 68  ? -6.486  -3.976  -14.338 1.00 27.25 ? 68  LEU A N   1 
ATOM   496  C  CA  . LEU A 1 68  ? -7.433  -3.818  -13.239 1.00 28.22 ? 68  LEU A CA  1 
ATOM   497  C  C   . LEU A 1 68  ? -7.893  -5.136  -12.632 1.00 28.33 ? 68  LEU A C   1 
ATOM   498  O  O   . LEU A 1 68  ? -8.058  -5.241  -11.418 1.00 28.83 ? 68  LEU A O   1 
ATOM   499  C  CB  . LEU A 1 68  ? -8.661  -3.044  -13.725 1.00 27.77 ? 68  LEU A CB  1 
ATOM   500  C  CG  . LEU A 1 68  ? -9.769  -2.743  -12.717 1.00 28.59 ? 68  LEU A CG  1 
ATOM   501  C  CD1 . LEU A 1 68  ? -9.311  -1.676  -11.735 1.00 28.84 ? 68  LEU A CD1 1 
ATOM   502  C  CD2 . LEU A 1 68  ? -10.997 -2.270  -13.464 1.00 29.59 ? 68  LEU A CD2 1 
ATOM   503  N  N   . ASP A 1 69  ? -8.143  -6.125  -13.489 1.00 29.80 ? 69  ASP A N   1 
ATOM   504  C  CA  . ASP A 1 69  ? -8.599  -7.434  -13.031 1.00 31.08 ? 69  ASP A CA  1 
ATOM   505  C  C   . ASP A 1 69  ? -7.537  -8.163  -12.219 1.00 30.63 ? 69  ASP A C   1 
ATOM   506  O  O   . ASP A 1 69  ? -7.776  -9.245  -11.688 1.00 31.44 ? 69  ASP A O   1 
ATOM   507  C  CB  . ASP A 1 69  ? -9.074  -8.288  -14.214 1.00 34.06 ? 69  ASP A CB  1 
ATOM   508  C  CG  . ASP A 1 69  ? -8.034  -8.409  -15.312 1.00 36.53 ? 69  ASP A CG  1 
ATOM   509  O  OD1 . ASP A 1 69  ? -7.286  -7.439  -15.564 1.00 38.34 ? 69  ASP A OD1 1 
ATOM   510  O  OD2 . ASP A 1 69  ? -7.959  -9.489  -15.935 1.00 37.69 ? 69  ASP A OD2 1 
ATOM   511  N  N   . LYS A 1 70  ? -6.353  -7.563  -12.132 1.00 29.11 ? 70  LYS A N   1 
ATOM   512  C  CA  . LYS A 1 70  ? -5.239  -8.130  -11.371 1.00 27.88 ? 70  LYS A CA  1 
ATOM   513  C  C   . LYS A 1 70  ? -4.823  -7.151  -10.268 1.00 26.05 ? 70  LYS A C   1 
ATOM   514  O  O   . LYS A 1 70  ? -3.789  -7.321  -9.614  1.00 25.67 ? 70  LYS A O   1 
ATOM   515  C  CB  . LYS A 1 70  ? -4.071  -8.409  -12.316 1.00 28.95 ? 70  LYS A CB  1 
ATOM   516  C  CG  . LYS A 1 70  ? -4.377  -9.479  -13.346 1.00 30.71 ? 70  LYS A CG  1 
ATOM   517  C  CD  . LYS A 1 70  ? -4.046  -10.857 -12.806 1.00 32.86 ? 70  LYS A CD  1 
ATOM   518  C  CE  . LYS A 1 70  ? -4.643  -11.974 -13.668 1.00 34.20 ? 70  LYS A CE  1 
ATOM   519  N  NZ  . LYS A 1 70  ? -6.075  -12.198 -13.385 1.00 36.61 ? 70  LYS A NZ  1 
ATOM   520  N  N   . ASP A 1 71  ? -5.679  -6.159  -10.035 1.00 23.45 ? 71  ASP A N   1 
ATOM   521  C  CA  . ASP A 1 71  ? -5.450  -5.124  -9.031  1.00 21.18 ? 71  ASP A CA  1 
ATOM   522  C  C   . ASP A 1 71  ? -4.153  -4.362  -9.253  1.00 19.13 ? 71  ASP A C   1 
ATOM   523  O  O   . ASP A 1 71  ? -3.543  -3.862  -8.301  1.00 17.55 ? 71  ASP A O   1 
ATOM   524  C  CB  . ASP A 1 71  ? -5.473  -5.710  -7.620  1.00 21.73 ? 71  ASP A CB  1 
ATOM   525  C  CG  . ASP A 1 71  ? -6.852  -5.724  -7.027  1.00 21.92 ? 71  ASP A CG  1 
ATOM   526  O  OD1 . ASP A 1 71  ? -7.832  -5.543  -7.782  1.00 23.36 ? 71  ASP A OD1 1 
ATOM   527  O  OD2 . ASP A 1 71  ? -6.965  -5.910  -5.802  1.00 22.61 ? 71  ASP A OD2 1 
ATOM   528  N  N   . TYR A 1 72  ? -3.766  -4.246  -10.515 1.00 18.45 ? 72  TYR A N   1 
ATOM   529  C  CA  . TYR A 1 72  ? -2.547  -3.548  -10.879 1.00 18.58 ? 72  TYR A CA  1 
ATOM   530  C  C   . TYR A 1 72  ? -1.356  -4.062  -10.087 1.00 19.27 ? 72  TYR A C   1 
ATOM   531  O  O   . TYR A 1 72  ? -0.547  -3.308  -9.548  1.00 19.89 ? 72  TYR A O   1 
ATOM   532  C  CB  . TYR A 1 72  ? -2.741  -2.047  -10.730 1.00 18.40 ? 72  TYR A CB  1 
ATOM   533  C  CG  . TYR A 1 72  ? -3.682  -1.520  -11.786 1.00 17.01 ? 72  TYR A CG  1 
ATOM   534  C  CD1 . TYR A 1 72  ? -3.321  -1.547  -13.136 1.00 17.19 ? 72  TYR A CD1 1 
ATOM   535  C  CD2 . TYR A 1 72  ? -4.933  -1.009  -11.449 1.00 17.81 ? 72  TYR A CD2 1 
ATOM   536  C  CE1 . TYR A 1 72  ? -4.173  -1.083  -14.121 1.00 17.52 ? 72  TYR A CE1 1 
ATOM   537  C  CE2 . TYR A 1 72  ? -5.798  -0.535  -12.425 1.00 17.11 ? 72  TYR A CE2 1 
ATOM   538  C  CZ  . TYR A 1 72  ? -5.415  -0.573  -13.754 1.00 17.93 ? 72  TYR A CZ  1 
ATOM   539  O  OH  . TYR A 1 72  ? -6.262  -0.077  -14.716 1.00 18.17 ? 72  TYR A OH  1 
ATOM   540  N  N   . LEU A 1 73  ? -1.288  -5.378  -10.001 1.00 21.12 ? 73  LEU A N   1 
ATOM   541  C  CA  . LEU A 1 73  ? -0.210  -6.053  -9.305  1.00 23.25 ? 73  LEU A CA  1 
ATOM   542  C  C   . LEU A 1 73  ? 0.184   -7.248  -10.146 1.00 25.60 ? 73  LEU A C   1 
ATOM   543  O  O   . LEU A 1 73  ? -0.677  -8.006  -10.610 1.00 25.50 ? 73  LEU A O   1 
ATOM   544  C  CB  . LEU A 1 73  ? -0.663  -6.511  -7.917  1.00 22.54 ? 73  LEU A CB  1 
ATOM   545  C  CG  . LEU A 1 73  ? -0.547  -5.540  -6.749  1.00 22.44 ? 73  LEU A CG  1 
ATOM   546  C  CD1 . LEU A 1 73  ? -1.062  -6.224  -5.493  1.00 22.14 ? 73  LEU A CD1 1 
ATOM   547  C  CD2 . LEU A 1 73  ? 0.909   -5.134  -6.565  1.00 21.18 ? 73  LEU A CD2 1 
ATOM   548  N  N   . LYS A 1 74  ? 1.476   -7.391  -10.414 1.00 28.43 ? 74  LYS A N   1 
ATOM   549  C  CA  . LYS A 1 74  ? 1.901   -8.542  -11.192 1.00 31.82 ? 74  LYS A CA  1 
ATOM   550  C  C   . LYS A 1 74  ? 1.626   -9.764  -10.352 1.00 33.31 ? 74  LYS A C   1 
ATOM   551  O  O   . LYS A 1 74  ? 1.918   -9.774  -9.162  1.00 34.47 ? 74  LYS A O   1 
ATOM   552  C  CB  . LYS A 1 74  ? 3.389   -8.518  -11.524 1.00 32.85 ? 74  LYS A CB  1 
ATOM   553  C  CG  . LYS A 1 74  ? 3.789   -9.794  -12.272 1.00 33.89 ? 74  LYS A CG  1 
ATOM   554  C  CD  . LYS A 1 74  ? 5.271   -9.944  -12.513 1.00 34.98 ? 74  LYS A CD  1 
ATOM   555  C  CE  . LYS A 1 74  ? 6.083   -8.982  -11.686 1.00 34.98 ? 74  LYS A CE  1 
ATOM   556  N  NZ  . LYS A 1 74  ? 7.535   -9.223  -11.891 1.00 36.53 ? 74  LYS A NZ  1 
ATOM   557  N  N   . PRO A 1 75  ? 1.041   -10.793 -10.964 1.00 34.45 ? 75  PRO A N   1 
ATOM   558  C  CA  . PRO A 1 75  ? 0.744   -12.012 -10.208 1.00 35.24 ? 75  PRO A CA  1 
ATOM   559  C  C   . PRO A 1 75  ? 2.001   -12.649 -9.671  1.00 35.72 ? 75  PRO A C   1 
ATOM   560  O  O   . PRO A 1 75  ? 3.060   -12.661 -10.313 1.00 35.06 ? 75  PRO A O   1 
ATOM   561  C  CB  . PRO A 1 75  ? 0.097   -12.906 -11.262 1.00 35.84 ? 75  PRO A CB  1 
ATOM   562  C  CG  . PRO A 1 75  ? -0.600  -11.925 -12.138 1.00 35.75 ? 75  PRO A CG  1 
ATOM   563  C  CD  . PRO A 1 75  ? 0.447   -10.853 -12.307 1.00 34.70 ? 75  PRO A CD  1 
ATOM   564  N  N   . ASP A 1 76  ? 1.890   -13.096 -8.420  1.00 36.40 ? 76  ASP A N   1 
ATOM   565  C  CA  . ASP A 1 76  ? 2.968   -13.795 -7.768  1.00 37.17 ? 76  ASP A CA  1 
ATOM   566  C  C   . ASP A 1 76  ? 4.279   -13.008 -7.581  1.00 36.74 ? 76  ASP A C   1 
ATOM   567  O  O   . ASP A 1 76  ? 5.353   -13.590 -7.410  1.00 37.95 ? 76  ASP A O   1 
ATOM   568  C  CB  . ASP A 1 76  ? 3.210   -15.071 -8.545  1.00 38.53 ? 76  ASP A CB  1 
ATOM   569  C  CG  . ASP A 1 76  ? 1.951   -15.944 -8.634  1.00 39.96 ? 76  ASP A CG  1 
ATOM   570  O  OD1 . ASP A 1 76  ? 1.359   -16.261 -7.574  1.00 40.71 ? 76  ASP A OD1 1 
ATOM   571  O  OD2 . ASP A 1 76  ? 1.524   -16.293 -9.760  1.00 40.01 ? 76  ASP A OD2 1 
ATOM   572  N  N   . ASP A 1 77  ? 4.165   -11.679 -7.566  1.00 35.75 ? 77  ASP A N   1 
ATOM   573  C  CA  . ASP A 1 77  ? 5.302   -10.769 -7.403  1.00 34.52 ? 77  ASP A CA  1 
ATOM   574  C  C   . ASP A 1 77  ? 5.880   -10.826 -5.972  1.00 34.53 ? 77  ASP A C   1 
ATOM   575  O  O   . ASP A 1 77  ? 5.344   -10.220 -5.043  1.00 34.03 ? 77  ASP A O   1 
ATOM   576  C  CB  . ASP A 1 77  ? 4.852   -9.344  -7.774  1.00 34.39 ? 77  ASP A CB  1 
ATOM   577  C  CG  . ASP A 1 77  ? 5.991   -8.362  -7.863  1.00 34.25 ? 77  ASP A CG  1 
ATOM   578  O  OD1 . ASP A 1 77  ? 7.097   -8.648  -7.353  1.00 33.92 ? 77  ASP A OD1 1 
ATOM   579  O  OD2 . ASP A 1 77  ? 5.780   -7.267  -8.442  1.00 32.85 ? 77  ASP A OD2 1 
ATOM   580  N  N   . SER A 1 78  ? 7.023   -11.498 -5.842  1.00 33.95 ? 78  SER A N   1 
ATOM   581  C  CA  . SER A 1 78  ? 7.734   -11.700 -4.572  1.00 33.47 ? 78  SER A CA  1 
ATOM   582  C  C   . SER A 1 78  ? 8.193   -10.478 -3.800  1.00 32.34 ? 78  SER A C   1 
ATOM   583  O  O   . SER A 1 78  ? 8.517   -10.569 -2.615  1.00 33.20 ? 78  SER A O   1 
ATOM   584  C  CB  . SER A 1 78  ? 8.938   -12.625 -4.796  1.00 34.62 ? 78  SER A CB  1 
ATOM   585  O  OG  . SER A 1 78  ? 9.335   -12.629 -6.157  1.00 35.98 ? 78  SER A OG  1 
ATOM   586  N  N   . ARG A 1 79  ? 8.275   -9.348  -4.483  1.00 31.11 ? 79  ARG A N   1 
ATOM   587  C  CA  . ARG A 1 79  ? 8.700   -8.115  -3.846  1.00 29.77 ? 79  ARG A CA  1 
ATOM   588  C  C   . ARG A 1 79  ? 7.606   -7.527  -2.975  1.00 27.62 ? 79  ARG A C   1 
ATOM   589  O  O   . ARG A 1 79  ? 7.876   -6.712  -2.101  1.00 27.59 ? 79  ARG A O   1 
ATOM   590  C  CB  . ARG A 1 79  ? 9.125   -7.113  -4.907  1.00 31.63 ? 79  ARG A CB  1 
ATOM   591  C  CG  . ARG A 1 79  ? 10.330  -7.581  -5.672  1.00 34.50 ? 79  ARG A CG  1 
ATOM   592  C  CD  . ARG A 1 79  ? 10.412  -6.897  -7.025  1.00 36.52 ? 79  ARG A CD  1 
ATOM   593  N  NE  . ARG A 1 79  ? 9.336   -7.348  -7.899  1.00 38.27 ? 79  ARG A NE  1 
ATOM   594  C  CZ  . ARG A 1 79  ? 9.052   -6.814  -9.082  1.00 39.64 ? 79  ARG A CZ  1 
ATOM   595  N  NH1 . ARG A 1 79  ? 9.765   -5.794  -9.541  1.00 40.00 ? 79  ARG A NH1 1 
ATOM   596  N  NH2 . ARG A 1 79  ? 8.076   -7.323  -9.821  1.00 40.41 ? 79  ARG A NH2 1 
ATOM   597  N  N   . VAL A 1 80  ? 6.366   -7.946  -3.214  1.00 26.20 ? 80  VAL A N   1 
ATOM   598  C  CA  . VAL A 1 80  ? 5.247   -7.460  -2.422  1.00 25.23 ? 80  VAL A CA  1 
ATOM   599  C  C   . VAL A 1 80  ? 5.252   -8.132  -1.047  1.00 25.21 ? 80  VAL A C   1 
ATOM   600  O  O   . VAL A 1 80  ? 5.065   -9.342  -0.940  1.00 24.93 ? 80  VAL A O   1 
ATOM   601  C  CB  . VAL A 1 80  ? 3.884   -7.735  -3.108  1.00 26.03 ? 80  VAL A CB  1 
ATOM   602  C  CG1 . VAL A 1 80  ? 2.750   -7.218  -2.244  1.00 24.30 ? 80  VAL A CG1 1 
ATOM   603  C  CG2 . VAL A 1 80  ? 3.835   -7.080  -4.481  1.00 24.42 ? 80  VAL A CG2 1 
ATOM   604  N  N   . ILE A 1 81  ? 5.539   -7.351  -0.017  1.00 24.73 ? 81  ILE A N   1 
ATOM   605  C  CA  . ILE A 1 81  ? 5.558   -7.871  1.338   1.00 24.60 ? 81  ILE A CA  1 
ATOM   606  C  C   . ILE A 1 81  ? 4.114   -8.074  1.792   1.00 24.15 ? 81  ILE A C   1 
ATOM   607  O  O   . ILE A 1 81  ? 3.765   -9.133  2.313   1.00 25.04 ? 81  ILE A O   1 
ATOM   608  C  CB  . ILE A 1 81  ? 6.286   -6.896  2.282   1.00 25.10 ? 81  ILE A CB  1 
ATOM   609  C  CG1 . ILE A 1 81  ? 7.741   -6.762  1.835   1.00 25.07 ? 81  ILE A CG1 1 
ATOM   610  C  CG2 . ILE A 1 81  ? 6.188   -7.385  3.725   1.00 26.16 ? 81  ILE A CG2 1 
ATOM   611  C  CD1 . ILE A 1 81  ? 8.475   -5.631  2.498   1.00 25.02 ? 81  ILE A CD1 1 
ATOM   612  N  N   . ALA A 1 82  ? 3.272   -7.081  1.503   1.00 22.54 ? 82  ALA A N   1 
ATOM   613  C  CA  . ALA A 1 82  ? 1.857   -7.115  1.864   1.00 22.22 ? 82  ALA A CA  1 
ATOM   614  C  C   . ALA A 1 82  ? 1.094   -6.152  0.974   1.00 21.70 ? 82  ALA A C   1 
ATOM   615  O  O   . ALA A 1 82  ? 1.678   -5.233  0.392   1.00 21.08 ? 82  ALA A O   1 
ATOM   616  C  CB  . ALA A 1 82  ? 1.674   -6.755  3.327   1.00 23.05 ? 82  ALA A CB  1 
ATOM   617  N  N   . HIS A 1 83  ? -0.214  -6.355  0.881   1.00 20.53 ? 83  HIS A N   1 
ATOM   618  C  CA  . HIS A 1 83  ? -1.033  -5.509  0.035   1.00 19.44 ? 83  HIS A CA  1 
ATOM   619  C  C   . HIS A 1 83  ? -2.516  -5.638  0.337   1.00 18.58 ? 83  HIS A C   1 
ATOM   620  O  O   . HIS A 1 83  ? -2.983  -6.705  0.759   1.00 16.62 ? 83  HIS A O   1 
ATOM   621  C  CB  . HIS A 1 83  ? -0.807  -5.885  -1.436  1.00 20.87 ? 83  HIS A CB  1 
ATOM   622  C  CG  . HIS A 1 83  ? -1.293  -7.266  -1.797  1.00 22.57 ? 83  HIS A CG  1 
ATOM   623  N  ND1 . HIS A 1 83  ? -2.615  -7.537  -2.055  1.00 24.92 ? 83  HIS A ND1 1 
ATOM   624  C  CD2 . HIS A 1 83  ? -0.628  -8.438  -1.956  1.00 24.94 ? 83  HIS A CD2 1 
ATOM   625  C  CE1 . HIS A 1 83  ? -2.747  -8.821  -2.354  1.00 25.39 ? 83  HIS A CE1 1 
ATOM   626  N  NE2 . HIS A 1 83  ? -1.562  -9.388  -2.302  1.00 25.80 ? 83  HIS A NE2 1 
ATOM   627  N  N   . THR A 1 84  ? -3.247  -4.533  0.194   1.00 17.34 ? 84  THR A N   1 
ATOM   628  C  CA  . THR A 1 84  ? -4.699  -4.575  0.347   1.00 17.35 ? 84  THR A CA  1 
ATOM   629  C  C   . THR A 1 84  ? -5.156  -4.776  -1.092  1.00 17.68 ? 84  THR A C   1 
ATOM   630  O  O   . THR A 1 84  ? -4.332  -4.837  -2.003  1.00 17.83 ? 84  THR A O   1 
ATOM   631  C  CB  . THR A 1 84  ? -5.288  -3.219  0.824   1.00 16.22 ? 84  THR A CB  1 
ATOM   632  O  OG1 . THR A 1 84  ? -5.069  -2.218  -0.182  1.00 15.43 ? 84  THR A OG1 1 
ATOM   633  C  CG2 . THR A 1 84  ? -4.665  -2.794  2.129   1.00 15.69 ? 84  THR A CG2 1 
ATOM   634  N  N   . LYS A 1 85  ? -6.450  -4.924  -1.317  1.00 18.96 ? 85  LYS A N   1 
ATOM   635  C  CA  . LYS A 1 85  ? -6.901  -5.048  -2.701  1.00 19.67 ? 85  LYS A CA  1 
ATOM   636  C  C   . LYS A 1 85  ? -7.160  -3.632  -3.206  1.00 19.53 ? 85  LYS A C   1 
ATOM   637  O  O   . LYS A 1 85  ? -7.034  -2.668  -2.444  1.00 18.69 ? 85  LYS A O   1 
ATOM   638  C  CB  . LYS A 1 85  ? -8.145  -5.917  -2.801  1.00 22.69 ? 85  LYS A CB  1 
ATOM   639  C  CG  . LYS A 1 85  ? -9.224  -5.570  -1.836  1.00 25.45 ? 85  LYS A CG  1 
ATOM   640  C  CD  . LYS A 1 85  ? -10.306 -6.633  -1.873  1.00 29.42 ? 85  LYS A CD  1 
ATOM   641  C  CE  . LYS A 1 85  ? -11.559 -6.166  -1.146  1.00 31.00 ? 85  LYS A CE  1 
ATOM   642  N  NZ  . LYS A 1 85  ? -11.985 -4.814  -1.597  1.00 34.03 ? 85  LYS A NZ  1 
ATOM   643  N  N   . LEU A 1 86  ? -7.440  -3.490  -4.501  1.00 19.96 ? 86  LEU A N   1 
ATOM   644  C  CA  . LEU A 1 86  ? -7.712  -2.176  -5.059  1.00 18.37 ? 86  LEU A CA  1 
ATOM   645  C  C   . LEU A 1 86  ? -9.147  -1.820  -4.697  1.00 18.93 ? 86  LEU A C   1 
ATOM   646  O  O   . LEU A 1 86  ? -10.044 -2.641  -4.871  1.00 19.32 ? 86  LEU A O   1 
ATOM   647  C  CB  . LEU A 1 86  ? -7.556  -2.186  -6.578  1.00 18.68 ? 86  LEU A CB  1 
ATOM   648  C  CG  . LEU A 1 86  ? -7.489  -0.802  -7.239  1.00 18.34 ? 86  LEU A CG  1 
ATOM   649  C  CD1 . LEU A 1 86  ? -6.082  -0.256  -7.078  1.00 18.28 ? 86  LEU A CD1 1 
ATOM   650  C  CD2 . LEU A 1 86  ? -7.850  -0.904  -8.708  1.00 19.41 ? 86  LEU A CD2 1 
ATOM   651  N  N   . ILE A 1 87  ? -9.360  -0.612  -4.179  1.00 17.95 ? 87  ILE A N   1 
ATOM   652  C  CA  . ILE A 1 87  ? -10.706 -0.171  -3.797  1.00 17.48 ? 87  ILE A CA  1 
ATOM   653  C  C   . ILE A 1 87  ? -11.133 1.156   -4.428  1.00 18.34 ? 87  ILE A C   1 
ATOM   654  O  O   . ILE A 1 87  ? -10.302 1.989   -4.783  1.00 19.07 ? 87  ILE A O   1 
ATOM   655  C  CB  . ILE A 1 87  ? -10.851 -0.043  -2.266  1.00 18.58 ? 87  ILE A CB  1 
ATOM   656  C  CG1 . ILE A 1 87  ? -9.865  1.002   -1.726  1.00 15.43 ? 87  ILE A CG1 1 
ATOM   657  C  CG2 . ILE A 1 87  ? -10.600 -1.379  -1.602  1.00 17.70 ? 87  ILE A CG2 1 
ATOM   658  C  CD1 . ILE A 1 87  ? -10.062 1.316   -0.263  1.00 18.11 ? 87  ILE A CD1 1 
ATOM   659  N  N   . GLY A 1 88  ? -12.446 1.340   -4.540  1.00 18.68 ? 88  GLY A N   1 
ATOM   660  C  CA  . GLY A 1 88  ? -12.996 2.559   -5.107  1.00 19.92 ? 88  GLY A CA  1 
ATOM   661  C  C   . GLY A 1 88  ? -13.831 3.292   -4.078  1.00 20.46 ? 88  GLY A C   1 
ATOM   662  O  O   . GLY A 1 88  ? -13.889 2.884   -2.923  1.00 20.40 ? 88  GLY A O   1 
ATOM   663  N  N   . SER A 1 89  ? -14.504 4.358   -4.499  1.00 22.46 ? 89  SER A N   1 
ATOM   664  C  CA  . SER A 1 89  ? -15.342 5.161   -3.602  1.00 23.44 ? 89  SER A CA  1 
ATOM   665  C  C   . SER A 1 89  ? -16.251 4.348   -2.695  1.00 22.95 ? 89  SER A C   1 
ATOM   666  O  O   . SER A 1 89  ? -16.932 3.436   -3.152  1.00 23.78 ? 89  SER A O   1 
ATOM   667  C  CB  . SER A 1 89  ? -16.219 6.111   -4.419  1.00 24.39 ? 89  SER A CB  1 
ATOM   668  O  OG  . SER A 1 89  ? -17.252 6.658   -3.617  1.00 28.22 ? 89  SER A OG  1 
ATOM   669  N  N   . GLY A 1 90  ? -16.275 4.712   -1.414  1.00 23.78 ? 90  GLY A N   1 
ATOM   670  C  CA  . GLY A 1 90  ? -17.129 4.035   -0.452  1.00 23.34 ? 90  GLY A CA  1 
ATOM   671  C  C   . GLY A 1 90  ? -16.650 2.689   0.056   1.00 24.02 ? 90  GLY A C   1 
ATOM   672  O  O   . GLY A 1 90  ? -17.220 2.137   1.000   1.00 24.41 ? 90  GLY A O   1 
ATOM   673  N  N   . GLU A 1 91  ? -15.606 2.155   -0.563  1.00 23.68 ? 91  GLU A N   1 
ATOM   674  C  CA  . GLU A 1 91  ? -15.062 0.869   -0.147  1.00 23.42 ? 91  GLU A CA  1 
ATOM   675  C  C   . GLU A 1 91  ? -13.972 0.954   0.917   1.00 23.60 ? 91  GLU A C   1 
ATOM   676  O  O   . GLU A 1 91  ? -13.409 2.018   1.192   1.00 23.40 ? 91  GLU A O   1 
ATOM   677  C  CB  . GLU A 1 91  ? -14.541 0.101   -1.359  1.00 23.96 ? 91  GLU A CB  1 
ATOM   678  C  CG  . GLU A 1 91  ? -15.634 -0.242  -2.353  1.00 23.32 ? 91  GLU A CG  1 
ATOM   679  C  CD  . GLU A 1 91  ? -15.098 -0.963  -3.576  1.00 25.04 ? 91  GLU A CD  1 
ATOM   680  O  OE1 . GLU A 1 91  ? -13.883 -0.897  -3.832  1.00 24.38 ? 91  GLU A OE1 1 
ATOM   681  O  OE2 . GLU A 1 91  ? -15.901 -1.597  -4.280  1.00 26.52 ? 91  GLU A OE2 1 
ATOM   682  N  N   . LYS A 1 92  ? -13.667 -0.201  1.493   1.00 23.60 ? 92  LYS A N   1 
ATOM   683  C  CA  . LYS A 1 92  ? -12.655 -0.317  2.534   1.00 23.32 ? 92  LYS A CA  1 
ATOM   684  C  C   . LYS A 1 92  ? -12.025 -1.703  2.504   1.00 22.02 ? 92  LYS A C   1 
ATOM   685  O  O   . LYS A 1 92  ? -12.614 -2.658  1.986   1.00 22.21 ? 92  LYS A O   1 
ATOM   686  C  CB  . LYS A 1 92  ? -13.287 -0.069  3.903   1.00 24.71 ? 92  LYS A CB  1 
ATOM   687  C  CG  . LYS A 1 92  ? -14.559 -0.870  4.138   1.00 28.21 ? 92  LYS A CG  1 
ATOM   688  C  CD  . LYS A 1 92  ? -14.523 -1.528  5.500   1.00 30.52 ? 92  LYS A CD  1 
ATOM   689  C  CE  . LYS A 1 92  ? -15.785 -1.254  6.278   1.00 31.81 ? 92  LYS A CE  1 
ATOM   690  N  NZ  . LYS A 1 92  ? -15.691 -1.687  7.693   1.00 33.81 ? 92  LYS A NZ  1 
ATOM   691  N  N   . ASP A 1 93  ? -10.814 -1.801  3.029   1.00 21.10 ? 93  ASP A N   1 
ATOM   692  C  CA  . ASP A 1 93  ? -10.111 -3.080  3.085   1.00 19.79 ? 93  ASP A CA  1 
ATOM   693  C  C   . ASP A 1 93  ? -8.953  -2.985  4.071   1.00 20.54 ? 93  ASP A C   1 
ATOM   694  O  O   . ASP A 1 93  ? -8.365  -1.916  4.269   1.00 20.84 ? 93  ASP A O   1 
ATOM   695  C  CB  . ASP A 1 93  ? -9.606  -3.501  1.699   1.00 18.95 ? 93  ASP A CB  1 
ATOM   696  C  CG  . ASP A 1 93  ? -9.171  -4.958  1.655   1.00 19.35 ? 93  ASP A CG  1 
ATOM   697  O  OD1 . ASP A 1 93  ? -9.957  -5.854  2.045   1.00 19.08 ? 93  ASP A OD1 1 
ATOM   698  O  OD2 . ASP A 1 93  ? -8.029  -5.233  1.222   1.00 15.64 ? 93  ASP A OD2 1 
ATOM   699  N  N   . SER A 1 94  ? -8.629  -4.110  4.695   1.00 19.06 ? 94  SER A N   1 
ATOM   700  C  CA  . SER A 1 94  ? -7.556  -4.144  5.671   1.00 19.87 ? 94  SER A CA  1 
ATOM   701  C  C   . SER A 1 94  ? -6.564  -5.232  5.340   1.00 19.80 ? 94  SER A C   1 
ATOM   702  O  O   . SER A 1 94  ? -6.940  -6.259  4.766   1.00 20.78 ? 94  SER A O   1 
ATOM   703  C  CB  . SER A 1 94  ? -8.119  -4.443  7.055   1.00 20.72 ? 94  SER A CB  1 
ATOM   704  O  OG  . SER A 1 94  ? -9.160  -3.558  7.395   1.00 22.53 ? 94  SER A OG  1 
ATOM   705  N  N   . VAL A 1 95  ? -5.303  -5.020  5.705   1.00 19.66 ? 95  VAL A N   1 
ATOM   706  C  CA  . VAL A 1 95  ? -4.285  -6.042  5.487   1.00 19.31 ? 95  VAL A CA  1 
ATOM   707  C  C   . VAL A 1 95  ? -3.466  -6.199  6.775   1.00 18.10 ? 95  VAL A C   1 
ATOM   708  O  O   . VAL A 1 95  ? -3.105  -5.203  7.414   1.00 18.23 ? 95  VAL A O   1 
ATOM   709  C  CB  . VAL A 1 95  ? -3.357  -5.706  4.302   1.00 19.15 ? 95  VAL A CB  1 
ATOM   710  C  CG1 . VAL A 1 95  ? -2.629  -4.390  4.538   1.00 17.81 ? 95  VAL A CG1 1 
ATOM   711  C  CG2 . VAL A 1 95  ? -2.362  -6.859  4.065   1.00 18.55 ? 95  VAL A CG2 1 
ATOM   712  N  N   . THR A 1 96  ? -3.265  -7.433  7.189   1.00 17.75 ? 96  THR A N   1 
ATOM   713  C  CA  . THR A 1 96  ? -2.467  -7.686  8.360   1.00 17.55 ? 96  THR A CA  1 
ATOM   714  C  C   . THR A 1 96  ? -1.300  -8.536  7.904   1.00 17.55 ? 96  THR A C   1 
ATOM   715  O  O   . THR A 1 96  ? -1.481  -9.464  7.123   1.00 19.47 ? 96  THR A O   1 
ATOM   716  C  CB  . THR A 1 96  ? -3.252  -8.439  9.440   1.00 17.98 ? 96  THR A CB  1 
ATOM   717  O  OG1 . THR A 1 96  ? -4.367  -7.651  9.883   1.00 16.17 ? 96  THR A OG1 1 
ATOM   718  C  CG2 . THR A 1 96  ? -2.344  -8.725  10.615  1.00 15.66 ? 96  THR A CG2 1 
ATOM   719  N  N   . PHE A 1 97  ? -0.097  -8.169  8.329   1.00 18.23 ? 97  PHE A N   1 
ATOM   720  C  CA  . PHE A 1 97  ? 1.089   -8.923  7.944   1.00 18.01 ? 97  PHE A CA  1 
ATOM   721  C  C   . PHE A 1 97  ? 2.010   -9.153  9.142   1.00 19.48 ? 97  PHE A C   1 
ATOM   722  O  O   . PHE A 1 97  ? 1.962   -8.411  10.130  1.00 19.34 ? 97  PHE A O   1 
ATOM   723  C  CB  . PHE A 1 97  ? 1.829   -8.226  6.786   1.00 18.29 ? 97  PHE A CB  1 
ATOM   724  C  CG  . PHE A 1 97  ? 2.325   -6.836  7.113   1.00 18.07 ? 97  PHE A CG  1 
ATOM   725  C  CD1 . PHE A 1 97  ? 1.527   -5.714  6.883   1.00 19.43 ? 97  PHE A CD1 1 
ATOM   726  C  CD2 . PHE A 1 97  ? 3.590   -6.658  7.656   1.00 18.72 ? 97  PHE A CD2 1 
ATOM   727  C  CE1 . PHE A 1 97  ? 1.987   -4.443  7.190   1.00 20.67 ? 97  PHE A CE1 1 
ATOM   728  C  CE2 . PHE A 1 97  ? 4.061   -5.386  7.970   1.00 19.22 ? 97  PHE A CE2 1 
ATOM   729  C  CZ  . PHE A 1 97  ? 3.260   -4.278  7.736   1.00 20.00 ? 97  PHE A CZ  1 
ATOM   730  N  N   . ASP A 1 98  ? 2.791   -10.233 9.075   1.00 20.23 ? 98  ASP A N   1 
ATOM   731  C  CA  . ASP A 1 98  ? 3.734   -10.584 10.136  1.00 22.70 ? 98  ASP A CA  1 
ATOM   732  C  C   . ASP A 1 98  ? 4.873   -9.556  10.196  1.00 23.22 ? 98  ASP A C   1 
ATOM   733  O  O   . ASP A 1 98  ? 5.511   -9.249  9.185   1.00 22.07 ? 98  ASP A O   1 
ATOM   734  C  CB  . ASP A 1 98  ? 4.319   -11.989 9.912   1.00 24.35 ? 98  ASP A CB  1 
ATOM   735  C  CG  . ASP A 1 98  ? 3.352   -13.120 10.303  1.00 26.40 ? 98  ASP A CG  1 
ATOM   736  O  OD1 . ASP A 1 98  ? 3.581   -14.276 9.892   1.00 28.13 ? 98  ASP A OD1 1 
ATOM   737  O  OD2 . ASP A 1 98  ? 2.378   -12.855 11.041  1.00 25.54 ? 98  ASP A OD2 1 
ATOM   738  N  N   . VAL A 1 99  ? 5.106   -9.012  11.384  1.00 23.18 ? 99  VAL A N   1 
ATOM   739  C  CA  . VAL A 1 99  ? 6.166   -8.034  11.568  1.00 23.73 ? 99  VAL A CA  1 
ATOM   740  C  C   . VAL A 1 99  ? 7.550   -8.640  11.312  1.00 24.72 ? 99  VAL A C   1 
ATOM   741  O  O   . VAL A 1 99  ? 8.485   -7.919  10.946  1.00 24.57 ? 99  VAL A O   1 
ATOM   742  C  CB  . VAL A 1 99  ? 6.067   -7.369  12.958  1.00 22.67 ? 99  VAL A CB  1 
ATOM   743  C  CG1 . VAL A 1 99  ? 7.335   -6.609  13.294  1.00 23.66 ? 99  VAL A CG1 1 
ATOM   744  C  CG2 . VAL A 1 99  ? 4.875   -6.419  12.968  1.00 21.90 ? 99  VAL A CG2 1 
ATOM   745  N  N   . SER A 1 100 ? 7.654   -9.965  11.421  1.00 26.12 ? 100 SER A N   1 
ATOM   746  C  CA  . SER A 1 100 ? 8.910   -10.678 11.182  1.00 27.68 ? 100 SER A CA  1 
ATOM   747  C  C   . SER A 1 100 ? 9.330   -10.694 9.708   1.00 28.55 ? 100 SER A C   1 
ATOM   748  O  O   . SER A 1 100 ? 10.426  -11.148 9.377   1.00 28.22 ? 100 SER A O   1 
ATOM   749  C  CB  . SER A 1 100 ? 8.849   -12.096 11.747  1.00 27.34 ? 100 SER A CB  1 
ATOM   750  O  OG  . SER A 1 100 ? 7.650   -12.761 11.375  1.00 29.47 ? 100 SER A OG  1 
ATOM   751  N  N   . LYS A 1 101 ? 8.455   -10.211 8.833   1.00 29.42 ? 101 LYS A N   1 
ATOM   752  C  CA  . LYS A 1 101 ? 8.751   -10.137 7.400   1.00 29.99 ? 101 LYS A CA  1 
ATOM   753  C  C   . LYS A 1 101 ? 9.517   -8.839  7.126   1.00 29.06 ? 101 LYS A C   1 
ATOM   754  O  O   . LYS A 1 101 ? 9.903   -8.551  6.001   1.00 29.15 ? 101 LYS A O   1 
ATOM   755  C  CB  . LYS A 1 101 ? 7.467   -10.159 6.567   1.00 31.83 ? 101 LYS A CB  1 
ATOM   756  C  CG  . LYS A 1 101 ? 6.763   -11.506 6.500   1.00 34.61 ? 101 LYS A CG  1 
ATOM   757  C  CD  . LYS A 1 101 ? 5.511   -11.350 5.657   1.00 37.78 ? 101 LYS A CD  1 
ATOM   758  C  CE  . LYS A 1 101 ? 4.730   -12.636 5.542   1.00 39.42 ? 101 LYS A CE  1 
ATOM   759  N  NZ  . LYS A 1 101 ? 3.496   -12.474 4.764   1.00 40.52 ? 101 LYS A NZ  1 
ATOM   760  N  N   . LEU A 1 102 ? 9.704   -8.043  8.176   1.00 28.85 ? 102 LEU A N   1 
ATOM   761  C  CA  . LEU A 1 102 ? 10.431  -6.782  8.091   1.00 29.30 ? 102 LEU A CA  1 
ATOM   762  C  C   . LEU A 1 102 ? 11.698  -6.856  8.943   1.00 30.81 ? 102 LEU A C   1 
ATOM   763  O  O   . LEU A 1 102 ? 11.765  -7.613  9.919   1.00 31.09 ? 102 LEU A O   1 
ATOM   764  C  CB  . LEU A 1 102 ? 9.583   -5.620  8.596   1.00 29.12 ? 102 LEU A CB  1 
ATOM   765  C  CG  . LEU A 1 102 ? 8.205   -5.338  8.019   1.00 28.43 ? 102 LEU A CG  1 
ATOM   766  C  CD1 . LEU A 1 102 ? 7.605   -4.168  8.784   1.00 27.71 ? 102 LEU A CD1 1 
ATOM   767  C  CD2 . LEU A 1 102 ? 8.265   -5.032  6.526   1.00 27.88 ? 102 LEU A CD2 1 
ATOM   768  N  N   . LYS A 1 103 ? 12.712  -6.091  8.563   1.00 31.82 ? 103 LYS A N   1 
ATOM   769  C  CA  . LYS A 1 103 ? 13.943  -6.065  9.342   1.00 33.13 ? 103 LYS A CA  1 
ATOM   770  C  C   . LYS A 1 103 ? 14.366  -4.624  9.571   1.00 33.96 ? 103 LYS A C   1 
ATOM   771  O  O   . LYS A 1 103 ? 14.076  -3.743  8.765   1.00 34.20 ? 103 LYS A O   1 
ATOM   772  C  CB  . LYS A 1 103 ? 15.057  -6.884  8.685   1.00 33.24 ? 103 LYS A CB  1 
ATOM   773  C  CG  . LYS A 1 103 ? 15.559  -6.365  7.358   1.00 34.12 ? 103 LYS A CG  1 
ATOM   774  C  CD  . LYS A 1 103 ? 16.672  -7.253  6.829   1.00 34.45 ? 103 LYS A CD  1 
ATOM   775  C  CE  . LYS A 1 103 ? 17.228  -6.695  5.534   1.00 35.07 ? 103 LYS A CE  1 
ATOM   776  N  NZ  . LYS A 1 103 ? 18.153  -7.648  4.858   1.00 35.30 ? 103 LYS A NZ  1 
ATOM   777  N  N   . GLU A 1 104 ? 14.997  -4.382  10.714  1.00 34.23 ? 104 GLU A N   1 
ATOM   778  C  CA  . GLU A 1 104 ? 15.463  -3.057  11.083  1.00 34.47 ? 104 GLU A CA  1 
ATOM   779  C  C   . GLU A 1 104 ? 16.516  -2.490  10.131  1.00 34.82 ? 104 GLU A C   1 
ATOM   780  O  O   . GLU A 1 104 ? 17.297  -3.237  9.535   1.00 33.71 ? 104 GLU A O   1 
ATOM   781  C  CB  . GLU A 1 104 ? 16.028  -3.056  12.505  1.00 34.53 ? 104 GLU A CB  1 
ATOM   782  C  CG  . GLU A 1 104 ? 15.016  -2.796  13.614  1.00 34.73 ? 104 GLU A CG  1 
ATOM   783  C  CD  . GLU A 1 104 ? 15.670  -2.769  14.982  1.00 35.03 ? 104 GLU A CD  1 
ATOM   784  O  OE1 . GLU A 1 104 ? 16.394  -3.724  15.291  1.00 34.68 ? 104 GLU A OE1 1 
ATOM   785  O  OE2 . GLU A 1 104 ? 15.465  -1.794  15.733  1.00 35.96 ? 104 GLU A OE2 1 
ATOM   786  N  N   . GLY A 1 105 ? 16.520  -1.162  10.003  1.00 35.31 ? 105 GLY A N   1 
ATOM   787  C  CA  . GLY A 1 105 ? 17.471  -0.457  9.149   1.00 36.57 ? 105 GLY A CA  1 
ATOM   788  C  C   . GLY A 1 105 ? 17.022  -0.266  7.717   1.00 37.42 ? 105 GLY A C   1 
ATOM   789  O  O   . GLY A 1 105 ? 17.179  0.812   7.135   1.00 37.36 ? 105 GLY A O   1 
ATOM   790  N  N   . GLU A 1 106 ? 16.527  -1.355  7.137   1.00 37.65 ? 106 GLU A N   1 
ATOM   791  C  CA  . GLU A 1 106 ? 16.066  -1.347  5.762   1.00 37.57 ? 106 GLU A CA  1 
ATOM   792  C  C   . GLU A 1 106 ? 14.874  -0.417  5.661   1.00 37.42 ? 106 GLU A C   1 
ATOM   793  O  O   . GLU A 1 106 ? 14.029  -0.374  6.557   1.00 36.73 ? 106 GLU A O   1 
ATOM   794  C  CB  . GLU A 1 106 ? 15.690  -2.758  5.336   1.00 37.72 ? 106 GLU A CB  1 
ATOM   795  C  CG  . GLU A 1 106 ? 15.400  -2.901  3.869   1.00 37.66 ? 106 GLU A CG  1 
ATOM   796  C  CD  . GLU A 1 106 ? 14.992  -4.295  3.515   1.00 36.86 ? 106 GLU A CD  1 
ATOM   797  O  OE1 . GLU A 1 106 ? 14.102  -4.840  4.190   1.00 37.59 ? 106 GLU A OE1 1 
ATOM   798  O  OE2 . GLU A 1 106 ? 15.574  -4.875  2.580   1.00 36.37 ? 106 GLU A OE2 1 
ATOM   799  N  N   . GLN A 1 107 ? 14.848  0.374   4.599   1.00 37.04 ? 107 GLN A N   1 
ATOM   800  C  CA  . GLN A 1 107 ? 13.774  1.331   4.386   1.00 36.99 ? 107 GLN A CA  1 
ATOM   801  C  C   . GLN A 1 107 ? 12.701  0.688   3.518   1.00 35.78 ? 107 GLN A C   1 
ATOM   802  O  O   . GLN A 1 107 ? 13.004  -0.028  2.563   1.00 35.77 ? 107 GLN A O   1 
ATOM   803  C  CB  . GLN A 1 107 ? 14.331  2.572   3.704   1.00 38.45 ? 107 GLN A CB  1 
ATOM   804  C  CG  . GLN A 1 107 ? 13.708  3.865   4.162   1.00 41.14 ? 107 GLN A CG  1 
ATOM   805  C  CD  . GLN A 1 107 ? 14.371  5.069   3.533   1.00 43.42 ? 107 GLN A CD  1 
ATOM   806  O  OE1 . GLN A 1 107 ? 14.089  5.420   2.386   1.00 44.76 ? 107 GLN A OE1 1 
ATOM   807  N  NE2 . GLN A 1 107 ? 15.282  5.701   4.272   1.00 44.43 ? 107 GLN A NE2 1 
ATOM   808  N  N   . TYR A 1 108 ? 11.443  0.928   3.871   1.00 33.98 ? 108 TYR A N   1 
ATOM   809  C  CA  . TYR A 1 108 ? 10.317  0.373   3.129   1.00 32.01 ? 108 TYR A CA  1 
ATOM   810  C  C   . TYR A 1 108 ? 9.470   1.484   2.565   1.00 30.84 ? 108 TYR A C   1 
ATOM   811  O  O   . TYR A 1 108 ? 9.500   2.601   3.067   1.00 31.12 ? 108 TYR A O   1 
ATOM   812  C  CB  . TYR A 1 108 ? 9.455   -0.493  4.049   1.00 31.27 ? 108 TYR A CB  1 
ATOM   813  C  CG  . TYR A 1 108 ? 10.180  -1.682  4.619   1.00 30.51 ? 108 TYR A CG  1 
ATOM   814  C  CD1 . TYR A 1 108 ? 10.291  -2.861  3.889   1.00 30.04 ? 108 TYR A CD1 1 
ATOM   815  C  CD2 . TYR A 1 108 ? 10.786  -1.616  5.877   1.00 30.39 ? 108 TYR A CD2 1 
ATOM   816  C  CE1 . TYR A 1 108 ? 10.999  -3.943  4.388   1.00 30.38 ? 108 TYR A CE1 1 
ATOM   817  C  CE2 . TYR A 1 108 ? 11.495  -2.696  6.386   1.00 29.75 ? 108 TYR A CE2 1 
ATOM   818  C  CZ  . TYR A 1 108 ? 11.598  -3.855  5.634   1.00 29.72 ? 108 TYR A CZ  1 
ATOM   819  O  OH  . TYR A 1 108 ? 12.323  -4.919  6.120   1.00 29.89 ? 108 TYR A OH  1 
ATOM   820  N  N   . MET A 1 109 ? 8.710   1.177   1.524   1.00 29.88 ? 109 MET A N   1 
ATOM   821  C  CA  . MET A 1 109 ? 7.820   2.174   0.922   1.00 29.38 ? 109 MET A CA  1 
ATOM   822  C  C   . MET A 1 109 ? 6.436   1.580   0.708   1.00 27.64 ? 109 MET A C   1 
ATOM   823  O  O   . MET A 1 109 ? 6.297   0.434   0.284   1.00 26.14 ? 109 MET A O   1 
ATOM   824  C  CB  . MET A 1 109 ? 8.323   2.619   -0.454  1.00 31.34 ? 109 MET A CB  1 
ATOM   825  C  CG  . MET A 1 109 ? 9.692   3.254   -0.483  1.00 34.13 ? 109 MET A CG  1 
ATOM   826  S  SD  . MET A 1 109 ? 9.793   4.786   0.389   1.00 37.63 ? 109 MET A SD  1 
ATOM   827  C  CE  . MET A 1 109 ? 8.718   5.764   -0.577  1.00 35.83 ? 109 MET A CE  1 
ATOM   828  N  N   . PHE A 1 110 ? 5.405   2.346   1.042   1.00 26.15 ? 110 PHE A N   1 
ATOM   829  C  CA  . PHE A 1 110 ? 4.057   1.887   0.799   1.00 25.47 ? 110 PHE A CA  1 
ATOM   830  C  C   . PHE A 1 110 ? 3.537   2.780   -0.303  1.00 24.25 ? 110 PHE A C   1 
ATOM   831  O  O   . PHE A 1 110 ? 3.833   3.977   -0.341  1.00 23.13 ? 110 PHE A O   1 
ATOM   832  C  CB  . PHE A 1 110 ? 3.189   1.930   2.048   1.00 24.94 ? 110 PHE A CB  1 
ATOM   833  C  CG  . PHE A 1 110 ? 2.954   3.297   2.600   1.00 25.48 ? 110 PHE A CG  1 
ATOM   834  C  CD1 . PHE A 1 110 ? 3.814   3.834   3.549   1.00 26.50 ? 110 PHE A CD1 1 
ATOM   835  C  CD2 . PHE A 1 110 ? 1.827   4.018   2.232   1.00 24.64 ? 110 PHE A CD2 1 
ATOM   836  C  CE1 . PHE A 1 110 ? 3.549   5.079   4.132   1.00 25.39 ? 110 PHE A CE1 1 
ATOM   837  C  CE2 . PHE A 1 110 ? 1.551   5.253   2.801   1.00 26.78 ? 110 PHE A CE2 1 
ATOM   838  C  CZ  . PHE A 1 110 ? 2.416   5.778   3.752   1.00 25.74 ? 110 PHE A CZ  1 
ATOM   839  N  N   . PHE A 1 111 ? 2.790   2.195   -1.222  1.00 23.24 ? 111 PHE A N   1 
ATOM   840  C  CA  . PHE A 1 111 ? 2.306   2.953   -2.358  1.00 21.83 ? 111 PHE A CA  1 
ATOM   841  C  C   . PHE A 1 111 ? 1.120   2.282   -3.013  1.00 21.29 ? 111 PHE A C   1 
ATOM   842  O  O   . PHE A 1 111 ? 0.803   1.123   -2.720  1.00 20.17 ? 111 PHE A O   1 
ATOM   843  C  CB  . PHE A 1 111 ? 3.444   3.060   -3.384  1.00 22.41 ? 111 PHE A CB  1 
ATOM   844  C  CG  . PHE A 1 111 ? 4.145   1.752   -3.636  1.00 21.68 ? 111 PHE A CG  1 
ATOM   845  C  CD1 . PHE A 1 111 ? 5.233   1.372   -2.857  1.00 21.92 ? 111 PHE A CD1 1 
ATOM   846  C  CD2 . PHE A 1 111 ? 3.668   0.855   -4.590  1.00 21.96 ? 111 PHE A CD2 1 
ATOM   847  C  CE1 . PHE A 1 111 ? 5.836   0.132   -3.012  1.00 22.14 ? 111 PHE A CE1 1 
ATOM   848  C  CE2 . PHE A 1 111 ? 4.265   -0.391  -4.758  1.00 23.21 ? 111 PHE A CE2 1 
ATOM   849  C  CZ  . PHE A 1 111 ? 5.356   -0.758  -3.965  1.00 23.49 ? 111 PHE A CZ  1 
ATOM   850  N  N   . CYS A 1 112 ? 0.494   3.038   -3.908  1.00 18.81 ? 112 CYS A N   1 
ATOM   851  C  CA  . CYS A 1 112 ? -0.648  2.592   -4.689  1.00 18.52 ? 112 CYS A CA  1 
ATOM   852  C  C   . CYS A 1 112 ? -0.102  2.240   -6.066  1.00 17.88 ? 112 CYS A C   1 
ATOM   853  O  O   . CYS A 1 112 ? 0.666   3.012   -6.646  1.00 18.97 ? 112 CYS A O   1 
ATOM   854  C  CB  . CYS A 1 112 ? -1.658  3.723   -4.853  1.00 17.88 ? 112 CYS A CB  1 
ATOM   855  S  SG  . CYS A 1 112 ? -3.068  3.296   -5.910  1.00 17.19 ? 112 CYS A SG  1 
ATOM   856  N  N   . THR A 1 113 ? -0.528  1.108   -6.612  1.00 17.14 ? 113 THR A N   1 
ATOM   857  C  CA  . THR A 1 113 ? -0.052  0.706   -7.925  1.00 16.72 ? 113 THR A CA  1 
ATOM   858  C  C   . THR A 1 113 ? -0.961  1.075   -9.093  1.00 17.35 ? 113 THR A C   1 
ATOM   859  O  O   . THR A 1 113 ? -0.687  0.693   -10.224 1.00 16.77 ? 113 THR A O   1 
ATOM   860  C  CB  . THR A 1 113 ? 0.264   -0.793  -7.991  1.00 16.72 ? 113 THR A CB  1 
ATOM   861  O  OG1 . THR A 1 113 ? -0.888  -1.559  -7.609  1.00 17.31 ? 113 THR A OG1 1 
ATOM   862  C  CG2 . THR A 1 113 ? 1.442   -1.114  -7.078  1.00 18.35 ? 113 THR A CG2 1 
ATOM   863  N  N   . PHE A 1 114 ? -2.057  1.785   -8.823  1.00 15.98 ? 114 PHE A N   1 
ATOM   864  C  CA  . PHE A 1 114 ? -2.954  2.195   -9.902  1.00 16.73 ? 114 PHE A CA  1 
ATOM   865  C  C   . PHE A 1 114 ? -2.115  3.150   -10.774 1.00 17.43 ? 114 PHE A C   1 
ATOM   866  O  O   . PHE A 1 114 ? -1.432  4.032   -10.254 1.00 16.94 ? 114 PHE A O   1 
ATOM   867  C  CB  . PHE A 1 114 ? -4.182  2.910   -9.332  1.00 15.32 ? 114 PHE A CB  1 
ATOM   868  C  CG  . PHE A 1 114 ? -5.221  3.252   -10.365 1.00 15.51 ? 114 PHE A CG  1 
ATOM   869  C  CD1 . PHE A 1 114 ? -5.066  4.367   -11.187 1.00 16.26 ? 114 PHE A CD1 1 
ATOM   870  C  CD2 . PHE A 1 114 ? -6.335  2.447   -10.542 1.00 14.52 ? 114 PHE A CD2 1 
ATOM   871  C  CE1 . PHE A 1 114 ? -6.003  4.668   -12.163 1.00 16.58 ? 114 PHE A CE1 1 
ATOM   872  C  CE2 . PHE A 1 114 ? -7.278  2.739   -11.519 1.00 15.27 ? 114 PHE A CE2 1 
ATOM   873  C  CZ  . PHE A 1 114 ? -7.114  3.849   -12.334 1.00 17.06 ? 114 PHE A CZ  1 
ATOM   874  N  N   . PRO A 1 115 ? -2.151  2.977   -12.099 1.00 18.74 ? 115 PRO A N   1 
ATOM   875  C  CA  . PRO A 1 115 ? -1.400  3.800   -13.056 1.00 18.40 ? 115 PRO A CA  1 
ATOM   876  C  C   . PRO A 1 115 ? -1.246  5.283   -12.717 1.00 19.62 ? 115 PRO A C   1 
ATOM   877  O  O   . PRO A 1 115 ? -2.233  6.005   -12.580 1.00 18.06 ? 115 PRO A O   1 
ATOM   878  C  CB  . PRO A 1 115 ? -2.167  3.576   -14.352 1.00 18.03 ? 115 PRO A CB  1 
ATOM   879  C  CG  . PRO A 1 115 ? -2.477  2.097   -14.236 1.00 18.80 ? 115 PRO A CG  1 
ATOM   880  C  CD  . PRO A 1 115 ? -2.998  2.003   -12.814 1.00 18.36 ? 115 PRO A CD  1 
ATOM   881  N  N   . GLY A 1 116 ? 0.004   5.688   -12.507 1.00 20.24 ? 116 GLY A N   1 
ATOM   882  C  CA  . GLY A 1 116 ? 0.344   7.071   -12.203 1.00 21.46 ? 116 GLY A CA  1 
ATOM   883  C  C   . GLY A 1 116 ? 0.185   7.539   -10.762 1.00 21.92 ? 116 GLY A C   1 
ATOM   884  O  O   . GLY A 1 116 ? 0.758   8.556   -10.388 1.00 22.61 ? 116 GLY A O   1 
ATOM   885  N  N   . HIS A 1 117 ? -0.544  6.787   -9.945  1.00 21.19 ? 117 HIS A N   1 
ATOM   886  C  CA  . HIS A 1 117 ? -0.771  7.193   -8.570  1.00 22.11 ? 117 HIS A CA  1 
ATOM   887  C  C   . HIS A 1 117 ? 0.460   7.251   -7.688  1.00 23.23 ? 117 HIS A C   1 
ATOM   888  O  O   . HIS A 1 117 ? 0.631   8.219   -6.946  1.00 23.68 ? 117 HIS A O   1 
ATOM   889  C  CB  . HIS A 1 117 ? -1.817  6.312   -7.897  1.00 20.58 ? 117 HIS A CB  1 
ATOM   890  C  CG  . HIS A 1 117 ? -3.209  6.511   -8.416  1.00 18.11 ? 117 HIS A CG  1 
ATOM   891  N  ND1 . HIS A 1 117 ? -4.309  6.010   -7.761  1.00 17.71 ? 117 HIS A ND1 1 
ATOM   892  C  CD2 . HIS A 1 117 ? -3.668  7.118   -9.528  1.00 17.30 ? 117 HIS A CD2 1 
ATOM   893  C  CE1 . HIS A 1 117 ? -5.397  6.294   -8.458  1.00 16.67 ? 117 HIS A CE1 1 
ATOM   894  N  NE2 . HIS A 1 117 ? -5.030  6.975   -9.539  1.00 18.23 ? 117 HIS A NE2 1 
ATOM   895  N  N   . SER A 1 118 ? 1.322   6.242   -7.789  1.00 25.22 ? 118 SER A N   1 
ATOM   896  C  CA  . SER A 1 118 ? 2.522   6.158   -6.968  1.00 26.71 ? 118 SER A CA  1 
ATOM   897  C  C   . SER A 1 118 ? 3.398   7.400   -6.958  1.00 28.49 ? 118 SER A C   1 
ATOM   898  O  O   . SER A 1 118 ? 4.232   7.568   -6.069  1.00 28.39 ? 118 SER A O   1 
ATOM   899  C  CB  . SER A 1 118 ? 3.342   4.911   -7.311  1.00 27.49 ? 118 SER A CB  1 
ATOM   900  O  OG  . SER A 1 118 ? 4.207   5.132   -8.401  1.00 28.20 ? 118 SER A OG  1 
ATOM   901  N  N   . ALA A 1 119 ? 3.192   8.286   -7.919  1.00 29.76 ? 119 ALA A N   1 
ATOM   902  C  CA  . ALA A 1 119 ? 3.979   9.514   -7.967  1.00 30.91 ? 119 ALA A CA  1 
ATOM   903  C  C   . ALA A 1 119 ? 3.606   10.418  -6.777  1.00 30.82 ? 119 ALA A C   1 
ATOM   904  O  O   . ALA A 1 119 ? 4.491   11.019  -6.161  1.00 31.09 ? 119 ALA A O   1 
ATOM   905  C  CB  . ALA A 1 119 ? 3.756   10.235  -9.293  1.00 31.47 ? 119 ALA A CB  1 
ATOM   906  N  N   . LEU A 1 120 ? 2.309   10.489  -6.452  1.00 30.38 ? 120 LEU A N   1 
ATOM   907  C  CA  . LEU A 1 120 ? 1.794   11.258  -5.305  1.00 30.13 ? 120 LEU A CA  1 
ATOM   908  C  C   . LEU A 1 120 ? 1.551   10.292  -4.146  1.00 29.96 ? 120 LEU A C   1 
ATOM   909  O  O   . LEU A 1 120 ? 1.980   10.526  -3.014  1.00 29.11 ? 120 LEU A O   1 
ATOM   910  C  CB  . LEU A 1 120 ? 0.447   11.917  -5.622  1.00 31.04 ? 120 LEU A CB  1 
ATOM   911  C  CG  . LEU A 1 120 ? 0.286   13.399  -5.951  1.00 31.91 ? 120 LEU A CG  1 
ATOM   912  C  CD1 . LEU A 1 120 ? 0.785   13.625  -7.334  1.00 32.63 ? 120 LEU A CD1 1 
ATOM   913  C  CD2 . LEU A 1 120 ? -1.173  13.818  -5.879  1.00 33.05 ? 120 LEU A CD2 1 
ATOM   914  N  N   . MET A 1 121 ? 0.815   9.225   -4.440  1.00 28.75 ? 121 MET A N   1 
ATOM   915  C  CA  . MET A 1 121 ? 0.442   8.224   -3.446  1.00 27.61 ? 121 MET A CA  1 
ATOM   916  C  C   . MET A 1 121 ? 1.496   7.226   -3.005  1.00 26.90 ? 121 MET A C   1 
ATOM   917  O  O   . MET A 1 121 ? 1.443   6.043   -3.355  1.00 27.21 ? 121 MET A O   1 
ATOM   918  C  CB  . MET A 1 121 ? -0.803  7.473   -3.898  1.00 24.96 ? 121 MET A CB  1 
ATOM   919  C  CG  . MET A 1 121 ? -1.928  8.385   -4.255  1.00 23.10 ? 121 MET A CG  1 
ATOM   920  S  SD  . MET A 1 121 ? -3.443  7.523   -4.544  1.00 20.07 ? 121 MET A SD  1 
ATOM   921  C  CE  . MET A 1 121 ? -3.649  6.681   -2.975  1.00 23.56 ? 121 MET A CE  1 
ATOM   922  N  N   . LYS A 1 122 ? 2.439   7.688   -2.200  1.00 27.44 ? 122 LYS A N   1 
ATOM   923  C  CA  . LYS A 1 122 ? 3.473   6.802   -1.694  1.00 28.53 ? 122 LYS A CA  1 
ATOM   924  C  C   . LYS A 1 122 ? 3.878   7.292   -0.323  1.00 29.41 ? 122 LYS A C   1 
ATOM   925  O  O   . LYS A 1 122 ? 3.416   8.340   0.133   1.00 29.82 ? 122 LYS A O   1 
ATOM   926  C  CB  . LYS A 1 122 ? 4.678   6.766   -2.624  1.00 29.72 ? 122 LYS A CB  1 
ATOM   927  C  CG  . LYS A 1 122 ? 5.629   7.910   -2.432  1.00 31.25 ? 122 LYS A CG  1 
ATOM   928  C  CD  . LYS A 1 122 ? 5.098   9.235   -2.951  1.00 32.69 ? 122 LYS A CD  1 
ATOM   929  C  CE  . LYS A 1 122 ? 6.181   10.312  -2.900  1.00 34.15 ? 122 LYS A CE  1 
ATOM   930  N  NZ  . LYS A 1 122 ? 5.681   11.640  -3.338  1.00 33.74 ? 122 LYS A NZ  1 
ATOM   931  N  N   . GLY A 1 123 ? 4.746   6.538   0.336   1.00 29.98 ? 123 GLY A N   1 
ATOM   932  C  CA  . GLY A 1 123 ? 5.177   6.933   1.653   1.00 29.87 ? 123 GLY A CA  1 
ATOM   933  C  C   . GLY A 1 123 ? 6.250   6.038   2.218   1.00 29.83 ? 123 GLY A C   1 
ATOM   934  O  O   . GLY A 1 123 ? 6.662   5.052   1.606   1.00 29.78 ? 123 GLY A O   1 
ATOM   935  N  N   . THR A 1 124 ? 6.633   6.348   3.445   1.00 30.00 ? 124 THR A N   1 
ATOM   936  C  CA  . THR A 1 124 ? 7.676   5.626   4.127   1.00 30.02 ? 124 THR A CA  1 
ATOM   937  C  C   . THR A 1 124 ? 7.157   4.703   5.232   1.00 30.14 ? 124 THR A C   1 
ATOM   938  O  O   . THR A 1 124 ? 6.125   4.976   5.852   1.00 29.08 ? 124 THR A O   1 
ATOM   939  C  CB  . THR A 1 124 ? 8.686   6.631   4.721   1.00 31.45 ? 124 THR A CB  1 
ATOM   940  O  OG1 . THR A 1 124 ? 9.839   5.937   5.191   1.00 33.62 ? 124 THR A OG1 1 
ATOM   941  C  CG2 . THR A 1 124 ? 8.075   7.401   5.880   1.00 31.00 ? 124 THR A CG2 1 
ATOM   942  N  N   . LEU A 1 125 ? 7.850   3.585   5.429   1.00 30.68 ? 125 LEU A N   1 
ATOM   943  C  CA  . LEU A 1 125 ? 7.523   2.624   6.487   1.00 32.13 ? 125 LEU A CA  1 
ATOM   944  C  C   . LEU A 1 125 ? 8.830   2.065   7.030   1.00 33.45 ? 125 LEU A C   1 
ATOM   945  O  O   . LEU A 1 125 ? 9.622   1.468   6.294   1.00 34.02 ? 125 LEU A O   1 
ATOM   946  C  CB  . LEU A 1 125 ? 6.615   1.483   6.001   1.00 31.10 ? 125 LEU A CB  1 
ATOM   947  C  CG  . LEU A 1 125 ? 6.251   0.435   7.077   1.00 30.91 ? 125 LEU A CG  1 
ATOM   948  C  CD1 . LEU A 1 125 ? 4.819   -0.031  6.920   1.00 30.42 ? 125 LEU A CD1 1 
ATOM   949  C  CD2 . LEU A 1 125 ? 7.197   -0.744  7.043   1.00 30.00 ? 125 LEU A CD2 1 
ATOM   950  N  N   . THR A 1 126 ? 9.032   2.232   8.330   1.00 34.25 ? 126 THR A N   1 
ATOM   951  C  CA  . THR A 1 126 ? 10.246  1.754   8.971   1.00 35.49 ? 126 THR A CA  1 
ATOM   952  C  C   . THR A 1 126 ? 9.955   0.902   10.192  1.00 35.96 ? 126 THR A C   1 
ATOM   953  O  O   . THR A 1 126 ? 8.930   1.067   10.842  1.00 35.60 ? 126 THR A O   1 
ATOM   954  C  CB  . THR A 1 126 ? 11.137  2.932   9.416   1.00 35.97 ? 126 THR A CB  1 
ATOM   955  O  OG1 . THR A 1 126 ? 10.502  4.175   9.083   1.00 37.52 ? 126 THR A OG1 1 
ATOM   956  C  CG2 . THR A 1 126 ? 12.481  2.864   8.731   1.00 37.06 ? 126 THR A CG2 1 
ATOM   957  N  N   . LEU A 1 127 ? 10.841  -0.049  10.469  1.00 37.21 ? 127 LEU A N   1 
ATOM   958  C  CA  . LEU A 1 127 ? 10.685  -0.888  11.645  1.00 38.83 ? 127 LEU A CA  1 
ATOM   959  C  C   . LEU A 1 127 ? 11.479  -0.224  12.750  1.00 40.61 ? 127 LEU A C   1 
ATOM   960  O  O   . LEU A 1 127 ? 12.694  -0.080  12.643  1.00 40.97 ? 127 LEU A O   1 
ATOM   961  C  CB  . LEU A 1 127 ? 11.223  -2.303  11.403  1.00 37.70 ? 127 LEU A CB  1 
ATOM   962  C  CG  . LEU A 1 127 ? 11.079  -3.266  12.588  1.00 37.45 ? 127 LEU A CG  1 
ATOM   963  C  CD1 . LEU A 1 127 ? 9.614   -3.501  12.916  1.00 35.96 ? 127 LEU A CD1 1 
ATOM   964  C  CD2 . LEU A 1 127 ? 11.765  -4.579  12.275  1.00 36.81 ? 127 LEU A CD2 1 
ATOM   965  N  N   . LYS A 1 128 ? 10.779  0.244   13.777  1.00 43.19 ? 128 LYS A N   1 
ATOM   966  C  CA  . LYS A 1 128 ? 11.435  0.878   14.907  1.00 45.19 ? 128 LYS A CA  1 
ATOM   967  C  C   . LYS A 1 128 ? 11.076  0.081   16.142  1.00 45.59 ? 128 LYS A C   1 
ATOM   968  O  O   . LYS A 1 128 ? 9.967   0.271   16.680  1.00 46.19 ? 128 LYS A O   1 
ATOM   969  C  CB  . LYS A 1 128 ? 10.999  2.338   15.062  1.00 47.38 ? 128 LYS A CB  1 
ATOM   970  C  CG  . LYS A 1 128 ? 12.168  3.286   15.294  1.00 49.95 ? 128 LYS A CG  1 
ATOM   971  C  CD  . LYS A 1 128 ? 13.222  3.145   14.186  1.00 51.96 ? 128 LYS A CD  1 
ATOM   972  C  CE  . LYS A 1 128 ? 13.626  4.486   13.571  1.00 53.00 ? 128 LYS A CE  1 
ATOM   973  N  NZ  . LYS A 1 128 ? 14.357  4.354   12.265  1.00 54.14 ? 128 LYS A NZ  1 
ATOM   974  O  OXT . LYS A 1 128 ? 11.900  -0.776  16.502  1.00 46.24 ? 128 LYS A OXT 1 
HETATM 975  CU CU  . CU  B 2 .   ? -4.425  4.984   -6.084  1.00 17.72 ? 901 CU  A CU  1 
HETATM 976  CU CU  . CU  C 2 .   ? 0.645   -2.003  21.792  0.50 22.24 ? 902 CU  A CU  1 
HETATM 977  RU RU  A DRU D 3 .   ? -1.085  -11.396 -2.637  0.50 30.89 ? 903 DRU A RU  1 
HETATM 978  N  N2  A DRU D 3 .   ? 0.304   -10.848 -4.076  0.50 31.06 ? 903 DRU A N2  1 
HETATM 979  C  C3  A DRU D 3 .   ? 0.033   -10.557 -5.384  0.50 30.83 ? 903 DRU A C3  1 
HETATM 980  C  C4  A DRU D 3 .   ? 1.041   -10.278 -6.299  0.50 31.30 ? 903 DRU A C4  1 
HETATM 981  C  C5  A DRU D 3 .   ? 2.345   -10.304 -5.846  0.50 30.91 ? 903 DRU A C5  1 
HETATM 982  C  C6  A DRU D 3 .   ? 2.623   -10.593 -4.539  0.50 31.00 ? 903 DRU A C6  1 
HETATM 983  C  C7  A DRU D 3 .   ? 1.588   -10.871 -3.647  0.50 30.94 ? 903 DRU A C7  1 
HETATM 984  C  C8  A DRU D 3 .   ? 1.760   -11.186 -2.225  0.50 31.56 ? 903 DRU A C8  1 
HETATM 985  C  C9  A DRU D 3 .   ? 3.008   -11.258 -1.597  0.50 31.95 ? 903 DRU A C9  1 
HETATM 986  C  C10 A DRU D 3 .   ? 3.069   -11.559 -0.256  0.50 31.74 ? 903 DRU A C10 1 
HETATM 987  C  C11 A DRU D 3 .   ? 1.900   -11.791 0.452   0.50 32.02 ? 903 DRU A C11 1 
HETATM 988  C  C12 A DRU D 3 .   ? 0.686   -11.714 -0.207  0.50 31.74 ? 903 DRU A C12 1 
HETATM 989  N  N13 A DRU D 3 .   ? 0.622   -11.423 -1.525  0.50 31.37 ? 903 DRU A N13 1 
HETATM 990  N  N26 A DRU D 3 .   ? -0.950  -13.422 -3.067  0.50 32.32 ? 903 DRU A N26 1 
HETATM 991  C  C27 A DRU D 3 .   ? -0.185  -13.947 -4.055  0.50 32.99 ? 903 DRU A C27 1 
HETATM 992  C  C28 A DRU D 3 .   ? -0.061  -15.303 -4.235  0.50 33.67 ? 903 DRU A C28 1 
HETATM 993  C  C29 A DRU D 3 .   ? -0.745  -16.161 -3.361  0.50 33.78 ? 903 DRU A C29 1 
HETATM 994  C  C30 A DRU D 3 .   ? -1.534  -15.653 -2.360  0.50 33.50 ? 903 DRU A C30 1 
HETATM 995  C  C31 A DRU D 3 .   ? -1.635  -14.246 -2.222  0.50 32.99 ? 903 DRU A C31 1 
HETATM 996  C  C32 A DRU D 3 .   ? -2.441  -13.556 -1.208  0.50 32.76 ? 903 DRU A C32 1 
HETATM 997  C  C33 A DRU D 3 .   ? -3.203  -14.233 -0.243  0.50 33.19 ? 903 DRU A C33 1 
HETATM 998  C  C34 A DRU D 3 .   ? -3.935  -13.514 0.668   0.50 33.33 ? 903 DRU A C34 1 
HETATM 999  C  C35 A DRU D 3 .   ? -3.897  -12.131 0.638   0.50 33.70 ? 903 DRU A C35 1 
HETATM 1000 C  C36 A DRU D 3 .   ? -3.117  -11.492 -0.325  0.50 32.88 ? 903 DRU A C36 1 
HETATM 1001 N  N37 A DRU D 3 .   ? -2.383  -12.198 -1.229  0.50 32.45 ? 903 DRU A N37 1 
HETATM 1002 C  CG  A DRU D 3 .   ? -3.679  -12.214 -3.904  0.50 26.81 ? 903 DRU A CG  1 
HETATM 1003 C  CD2 A DRU D 3 .   ? -4.652  -12.059 -4.833  0.50 28.03 ? 903 DRU A CD2 1 
HETATM 1004 N  ND1 A DRU D 3 .   ? -2.593  -11.373 -4.035  0.50 28.25 ? 903 DRU A ND1 1 
HETATM 1005 C  CE1 A DRU D 3 .   ? -3.026  -10.731 -5.108  0.50 28.27 ? 903 DRU A CE1 1 
HETATM 1006 N  NE2 A DRU D 3 .   ? -4.193  -11.047 -5.641  0.50 27.90 ? 903 DRU A NE2 1 
HETATM 1007 RU RU  B LRU E 4 .   ? -1.176  -11.404 -2.633  0.50 24.17 ? 904 LRU A RU  1 
HETATM 1008 N  N2  B LRU E 4 .   ? -2.393  -12.079 -1.096  0.50 26.49 ? 904 LRU A N2  1 
HETATM 1009 C  C3  B LRU E 4 .   ? -3.009  -11.282 -0.194  0.50 27.24 ? 904 LRU A C3  1 
HETATM 1010 C  C4  B LRU E 4 .   ? -3.830  -11.791 0.811   0.50 28.23 ? 904 LRU A C4  1 
HETATM 1011 C  C5  B LRU E 4 .   ? -3.992  -13.159 0.860   0.50 27.70 ? 904 LRU A C5  1 
HETATM 1012 C  C6  B LRU E 4 .   ? -3.373  -13.969 -0.048  0.50 27.60 ? 904 LRU A C6  1 
HETATM 1013 C  C7  B LRU E 4 .   ? -2.549  -13.422 -1.037  0.50 27.18 ? 904 LRU A C7  1 
HETATM 1014 C  C8  B LRU E 4 .   ? -1.827  -14.163 -2.062  0.50 27.56 ? 904 LRU A C8  1 
HETATM 1015 C  C9  B LRU E 4 .   ? -1.882  -15.528 -2.161  0.50 28.23 ? 904 LRU A C9  1 
HETATM 1016 C  C10 B LRU E 4 .   ? -1.164  -16.167 -3.152  0.50 28.50 ? 904 LRU A C10 1 
HETATM 1017 C  C11 B LRU E 4 .   ? -0.411  -15.398 -4.039  0.50 28.43 ? 904 LRU A C11 1 
HETATM 1018 C  C12 B LRU E 4 .   ? -0.382  -14.043 -3.908  0.50 27.68 ? 904 LRU A C12 1 
HETATM 1019 N  N13 B LRU E 4 .   ? -1.083  -13.431 -2.928  0.50 26.43 ? 904 LRU A N13 1 
HETATM 1020 N  N26 B LRU E 4 .   ? -2.667  -11.269 -4.116  0.50 24.64 ? 904 LRU A N26 1 
HETATM 1021 C  C27 B LRU E 4 .   ? -3.998  -11.528 -3.956  0.50 24.57 ? 904 LRU A C27 1 
HETATM 1022 C  C28 B LRU E 4 .   ? -4.937  -11.443 -5.025  0.50 24.84 ? 904 LRU A C28 1 
HETATM 1023 C  C29 B LRU E 4 .   ? -4.488  -11.062 -6.305  0.50 24.13 ? 904 LRU A C29 1 
HETATM 1024 C  C30 B LRU E 4 .   ? -3.143  -10.799 -6.454  0.50 24.31 ? 904 LRU A C30 1 
HETATM 1025 C  C31 B LRU E 4 .   ? -2.236  -10.895 -5.358  0.50 23.95 ? 904 LRU A C31 1 
HETATM 1026 C  C32 B LRU E 4 .   ? -0.807  -10.638 -5.450  0.50 23.47 ? 904 LRU A C32 1 
HETATM 1027 C  C33 B LRU E 4 .   ? -0.208  -10.251 -6.655  0.50 23.18 ? 904 LRU A C33 1 
HETATM 1028 C  C34 B LRU E 4 .   ? 1.136   -10.015 -6.689  0.50 23.25 ? 904 LRU A C34 1 
HETATM 1029 C  C35 B LRU E 4 .   ? 1.888   -10.174 -5.538  0.50 22.76 ? 904 LRU A C35 1 
HETATM 1030 C  C36 B LRU E 4 .   ? 1.263   -10.563 -4.360  0.50 22.68 ? 904 LRU A C36 1 
HETATM 1031 N  N37 B LRU E 4 .   ? -0.087  -10.802 -4.311  0.50 23.87 ? 904 LRU A N37 1 
HETATM 1032 C  CG  B LRU E 4 .   ? 0.504   -10.962 -0.043  0.50 23.28 ? 904 LRU A CG  1 
HETATM 1033 C  CD2 B LRU E 4 .   ? 1.612   -11.447 0.558   0.50 24.34 ? 904 LRU A CD2 1 
HETATM 1034 N  ND1 B LRU E 4 .   ? 0.427   -11.394 -1.348  0.50 23.69 ? 904 LRU A ND1 1 
HETATM 1035 C  CE1 B LRU E 4 .   ? 1.510   -12.136 -1.483  0.50 24.82 ? 904 LRU A CE1 1 
HETATM 1036 N  NE2 B LRU E 4 .   ? 2.249   -12.203 -0.391  0.50 24.38 ? 904 LRU A NE2 1 
HETATM 1037 O  O   . HOH F 5 .   ? -7.041  16.908  -1.320  1.00 33.88 ? 331 HOH A O   1 
HETATM 1038 O  O   . HOH F 5 .   ? 4.275   6.744   -13.018 1.00 50.22 ? 332 HOH A O   1 
HETATM 1039 O  O   . HOH F 5 .   ? 2.786   4.337   12.254  1.00 41.94 ? 333 HOH A O   1 
HETATM 1040 O  O   . HOH F 5 .   ? 3.598   0.982   15.462  1.00 31.30 ? 334 HOH A O   1 
HETATM 1041 O  O   . HOH F 5 .   ? 10.883  -2.765  21.394  1.00 56.24 ? 335 HOH A O   1 
HETATM 1042 O  O   . HOH F 5 .   ? 1.434   -7.450  19.021  1.00 33.23 ? 336 HOH A O   1 
HETATM 1043 O  O   . HOH F 5 .   ? -6.474  8.130   -11.634 1.00 21.78 ? 337 HOH A O   1 
HETATM 1044 O  O   . HOH F 5 .   ? 10.306  -5.579  -1.223  1.00 30.02 ? 338 HOH A O   1 
HETATM 1045 O  O   . HOH F 5 .   ? 15.544  -1.341  -0.030  1.00 48.61 ? 339 HOH A O   1 
HETATM 1046 O  O   . HOH F 5 .   ? 3.793   -5.560  -9.572  1.00 27.59 ? 341 HOH A O   1 
HETATM 1047 O  O   . HOH F 5 .   ? 1.234   1.265   -11.913 1.00 27.69 ? 342 HOH A O   1 
HETATM 1048 O  O   . HOH F 5 .   ? -8.621  -5.463  -16.608 1.00 47.02 ? 343 HOH A O   1 
HETATM 1049 O  O   . HOH F 5 .   ? -10.389 -5.362  -9.775  1.00 41.61 ? 344 HOH A O   1 
HETATM 1050 O  O   . HOH F 5 .   ? -10.126 -4.939  -6.321  1.00 23.51 ? 345 HOH A O   1 
HETATM 1051 O  O   . HOH F 5 .   ? -4.041  -4.758  -4.707  1.00 18.26 ? 346 HOH A O   1 
HETATM 1052 O  O   . HOH F 5 .   ? -6.435  -9.703  -8.205  1.00 50.53 ? 347 HOH A O   1 
HETATM 1053 O  O   . HOH F 5 .   ? -2.484  -9.701  -9.165  1.00 32.15 ? 348 HOH A O   1 
HETATM 1054 O  O   . HOH F 5 .   ? -0.910  -9.057  1.758   1.00 25.40 ? 349 HOH A O   1 
HETATM 1055 O  O   . HOH F 5 .   ? -10.973 -6.261  4.971   1.00 29.00 ? 351 HOH A O   1 
HETATM 1056 O  O   . HOH F 5 .   ? 0.961   3.938   -9.149  1.00 24.27 ? 352 HOH A O   1 
HETATM 1057 O  O   . HOH F 5 .   ? 2.800   5.941   -10.597 1.00 36.49 ? 353 HOH A O   1 
HETATM 1058 O  O   . HOH F 5 .   ? -3.096  15.907  -5.800  1.00 67.04 ? 354 HOH A O   1 
HETATM 1059 O  O   . HOH F 5 .   ? -0.614  13.514  1.974   0.25 41.47 ? 355 HOH A O   1 
HETATM 1060 O  O   . HOH F 5 .   ? 2.339   11.241  7.685   1.00 43.49 ? 356 HOH A O   1 
HETATM 1061 O  O   . HOH F 5 .   ? -10.324 -0.175  6.383   1.00 19.25 ? 357 HOH A O   1 
HETATM 1062 O  O   . HOH F 5 .   ? -12.732 -3.447  -4.423  1.00 24.19 ? 358 HOH A O   1 
HETATM 1063 O  O   . HOH F 5 .   ? -15.206 0.622   -11.006 1.00 31.88 ? 359 HOH A O   1 
HETATM 1064 O  O   . HOH F 5 .   ? -17.100 1.928   -5.503  1.00 34.53 ? 360 HOH A O   1 
HETATM 1065 O  O   . HOH F 5 .   ? -11.448 -2.669  6.841   1.00 33.21 ? 361 HOH A O   1 
HETATM 1066 O  O   . HOH F 5 .   ? 19.743  -5.855  9.115   1.00 48.56 ? 362 HOH A O   1 
HETATM 1067 O  O   . HOH F 5 .   ? 5.266   2.905   17.187  1.00 43.63 ? 363 HOH A O   1 
HETATM 1068 O  O   . HOH F 5 .   ? -9.235  4.254   6.604   1.00 25.64 ? 364 HOH A O   1 
HETATM 1069 O  O   . HOH F 5 .   ? -10.916 2.262   7.652   1.00 29.03 ? 365 HOH A O   1 
HETATM 1070 O  O   . HOH F 5 .   ? -11.654 13.218  -2.273  1.00 60.13 ? 366 HOH A O   1 
HETATM 1071 O  O   . HOH F 5 .   ? -18.055 8.530   -11.244 1.00 46.33 ? 367 HOH A O   1 
HETATM 1072 O  O   . HOH F 5 .   ? -8.888  0.840   -14.336 1.00 22.17 ? 368 HOH A O   1 
HETATM 1073 O  O   . HOH F 5 .   ? -10.515 -0.002  -16.659 1.00 27.02 ? 369 HOH A O   1 
HETATM 1074 O  O   . HOH F 5 .   ? -0.429  11.106  -0.270  1.00 55.39 ? 370 HOH A O   1 
HETATM 1075 O  O   . HOH F 5 .   ? 6.068   -11.310 13.697  1.00 22.71 ? 371 HOH A O   1 
HETATM 1076 O  O   . HOH F 5 .   ? -0.782  -10.447 16.374  1.00 37.57 ? 372 HOH A O   1 
HETATM 1077 O  O   . HOH F 5 .   ? -14.438 4.095   2.676   1.00 48.17 ? 373 HOH A O   1 
HETATM 1078 O  O   . HOH F 5 .   ? 11.802  2.906   -5.248  1.00 39.10 ? 374 HOH A O   1 
HETATM 1079 O  O   . HOH F 5 .   ? 7.227   5.107   -8.199  1.00 45.14 ? 375 HOH A O   1 
HETATM 1080 O  O   . HOH F 5 .   ? -3.003  -1.930  -17.357 1.00 29.03 ? 376 HOH A O   1 
HETATM 1081 O  O   . HOH F 5 .   ? -6.963  -2.444  -17.342 1.00 32.72 ? 377 HOH A O   1 
HETATM 1082 O  O   . HOH F 5 .   ? -0.586  -13.503 -7.284  1.00 40.49 ? 378 HOH A O   1 
HETATM 1083 O  O   . HOH F 5 .   ? 8.705   -11.198 -9.326  1.00 41.97 ? 379 HOH A O   1 
HETATM 1084 O  O   . HOH F 5 .   ? -8.166  -9.473  1.568   1.00 49.47 ? 380 HOH A O   1 
HETATM 1085 O  O   . HOH F 5 .   ? -14.872 -3.924  -0.943  1.00 40.86 ? 381 HOH A O   1 
HETATM 1086 O  O   . HOH F 5 .   ? 11.167  -8.256  12.777  1.00 34.27 ? 382 HOH A O   1 
HETATM 1087 O  O   . HOH F 5 .   ? 13.239  -1.200  8.905   1.00 38.15 ? 383 HOH A O   1 
HETATM 1088 O  O   . HOH F 5 .   ? -6.359  19.449  -3.494  1.00 50.20 ? 384 HOH A O   1 
HETATM 1089 O  O   . HOH F 5 .   ? 14.842  0.444   11.240  1.00 48.01 ? 385 HOH A O   1 
HETATM 1090 O  O   . HOH F 5 .   ? -1.716  1.080   21.421  0.50 47.17 ? 386 HOH A O   1 
HETATM 1091 O  O   . HOH F 5 .   ? 3.070   -5.170  22.172  0.50 36.17 ? 387 HOH A O   1 
HETATM 1092 O  O   . HOH F 5 .   ? -5.750  2.133   13.585  1.00 32.83 ? 388 HOH A O   1 
HETATM 1093 O  O   . HOH F 5 .   ? 1.014   14.297  -1.885  0.25 41.71 ? 389 HOH A O   1 
HETATM 1094 O  O   . HOH F 5 .   ? -6.195  13.073  7.618   1.00 36.93 ? 390 HOH A O   1 
HETATM 1095 O  O   . HOH F 5 .   ? -16.419 13.074  -8.630  1.00 56.02 ? 391 HOH A O   1 
HETATM 1096 O  O   . HOH F 5 .   ? -14.214 -2.157  -11.754 1.00 32.53 ? 392 HOH A O   1 
HETATM 1097 O  O   . HOH F 5 .   ? -2.459  -8.668  -19.358 1.00 63.34 ? 394 HOH A O   1 
HETATM 1098 O  O   . HOH F 5 .   ? -6.178  -7.367  1.875   1.00 46.84 ? 395 HOH A O   1 
HETATM 1099 O  O   . HOH F 5 .   ? -18.990 1.330   -2.424  1.00 38.54 ? 396 HOH A O   1 
HETATM 1100 O  O   . HOH F 5 .   ? -18.357 4.060   -7.387  1.00 46.09 ? 397 HOH A O   1 
HETATM 1101 O  O   . HOH F 5 .   ? 2.516   -11.696 6.989   1.00 36.77 ? 398 HOH A O   1 
HETATM 1102 O  O   . HOH F 5 .   ? 8.635   5.330   7.957   1.00 31.68 ? 399 HOH A O   1 
HETATM 1103 O  O   . HOH F 5 .   ? -3.305  -0.011  16.676  1.00 70.97 ? 400 HOH A O   1 
HETATM 1104 O  O   . HOH F 5 .   ? -7.294  -2.342  13.205  1.00 53.99 ? 401 HOH A O   1 
HETATM 1105 O  O   . HOH F 5 .   ? 1.236   7.200   10.320  1.00 51.18 ? 402 HOH A O   1 
HETATM 1106 O  O   . HOH F 5 .   ? 9.417   2.630   12.640  1.00 67.46 ? 403 HOH A O   1 
HETATM 1107 O  O   . HOH F 5 .   ? 0.100   -11.879 10.343  1.00 43.67 ? 404 HOH A O   1 
HETATM 1108 O  O   . HOH F 5 .   ? -2.466  -5.636  14.238  1.00 40.97 ? 405 HOH A O   1 
HETATM 1109 O  O   . HOH F 5 .   ? -14.087 6.638   4.638   1.00 47.12 ? 406 HOH A O   1 
HETATM 1110 O  O   . HOH F 5 .   ? -15.254 -2.541  -6.782  1.00 38.16 ? 407 HOH A O   1 
HETATM 1111 O  O   . HOH F 5 .   ? 12.261  0.622   -6.910  1.00 49.06 ? 408 HOH A O   1 
HETATM 1112 O  O   . HOH F 5 .   ? 11.805  -0.305  -12.629 1.00 39.79 ? 409 HOH A O   1 
HETATM 1113 O  O   . HOH F 5 .   ? 2.096   3.821   -12.310 1.00 41.44 ? 410 HOH A O   1 
HETATM 1114 O  O   . HOH F 5 .   ? -2.550  -9.556  -16.366 1.00 47.81 ? 411 HOH A O   1 
HETATM 1115 O  O   . HOH F 5 .   ? -3.030  -4.906  -19.369 1.00 51.02 ? 412 HOH A O   1 
HETATM 1116 O  O   . HOH F 5 .   ? -4.967  -7.610  -5.154  1.00 41.22 ? 413 HOH A O   1 
HETATM 1117 O  O   . HOH F 5 .   ? -3.352  -12.464 -9.543  1.00 38.52 ? 414 HOH A O   1 
HETATM 1118 O  O   . HOH F 5 .   ? -2.079  -17.091 -9.628  1.00 53.95 ? 415 HOH A O   1 
HETATM 1119 O  O   . HOH F 5 .   ? 5.630   -16.744 -3.912  1.00 65.41 ? 416 HOH A O   1 
HETATM 1120 O  O   . HOH F 5 .   ? 2.643   -10.089 4.265   1.00 60.68 ? 417 HOH A O   1 
HETATM 1121 O  O   . HOH F 5 .   ? -3.950  -9.116  1.631   1.00 49.17 ? 418 HOH A O   1 
HETATM 1122 O  O   . HOH F 5 .   ? -15.576 -2.270  1.186   1.00 34.17 ? 419 HOH A O   1 
HETATM 1123 O  O   . HOH F 5 .   ? -7.385  -8.955  6.181   1.00 52.32 ? 420 HOH A O   1 
HETATM 1124 O  O   . HOH F 5 .   ? -5.728  -8.469  -1.197  1.00 41.91 ? 421 HOH A O   1 
HETATM 1125 O  O   . HOH F 5 .   ? 8.498   -10.883 15.322  1.00 44.77 ? 422 HOH A O   1 
HETATM 1126 O  O   . HOH F 5 .   ? 9.114   8.719   -4.548  1.00 47.09 ? 424 HOH A O   1 
HETATM 1127 O  O   . HOH F 5 .   ? 7.511   6.756   -4.118  1.00 47.53 ? 425 HOH A O   1 
HETATM 1128 O  O   . HOH F 5 .   ? 11.867  -0.168  19.830  1.00 39.29 ? 426 HOH A O   1 
HETATM 1129 O  O   . HOH F 5 .   ? -5.084  -0.293  -16.977 1.00 26.76 ? 427 HOH A O   1 
HETATM 1130 O  O   . HOH F 5 .   ? 20.325  -7.488  6.281   1.00 34.36 ? 428 HOH A O   1 
HETATM 1131 O  O   . HOH F 5 .   ? 5.855   5.664   -5.888  1.00 65.11 ? 429 HOH A O   1 
HETATM 1132 O  O   . HOH F 5 .   ? -2.719  -1.874  18.403  1.00 37.91 ? 430 HOH A O   1 
HETATM 1133 O  O   . HOH F 5 .   ? -0.955  5.329   10.305  1.00 40.43 ? 431 HOH A O   1 
HETATM 1134 O  O   . HOH F 5 .   ? -3.213  5.424   9.307   1.00 38.33 ? 432 HOH A O   1 
HETATM 1135 O  O   . HOH F 5 .   ? -8.240  12.125  3.339   1.00 38.59 ? 433 HOH A O   1 
HETATM 1136 O  O   . HOH F 5 .   ? -6.498  11.136  1.482   1.00 24.53 ? 434 HOH A O   1 
HETATM 1137 O  O   . HOH F 5 .   ? -17.270 1.604   -12.644 1.00 35.54 ? 435 HOH A O   1 
HETATM 1138 O  O   . HOH F 5 .   ? 15.017  -5.131  -1.938  1.00 41.61 ? 436 HOH A O   1 
HETATM 1139 O  O   . HOH F 5 .   ? 12.810  -1.803  -8.328  1.00 38.68 ? 437 HOH A O   1 
HETATM 1140 O  O   . HOH F 5 .   ? -13.251 -0.721  -16.028 1.00 43.95 ? 438 HOH A O   1 
HETATM 1141 O  O   . HOH F 5 .   ? -7.766  -12.566 -11.877 1.00 53.37 ? 439 HOH A O   1 
HETATM 1142 O  O   . HOH F 5 .   ? -13.251 -4.456  5.278   1.00 43.35 ? 440 HOH A O   1 
HETATM 1143 O  O   . HOH F 5 .   ? -12.467 -5.543  2.047   1.00 27.89 ? 441 HOH A O   1 
HETATM 1144 O  O   . HOH F 5 .   ? -4.698  -9.683  5.883   1.00 32.26 ? 442 HOH A O   1 
HETATM 1145 O  O   . HOH F 5 .   ? -0.197  -10.649 4.441   1.00 48.37 ? 443 HOH A O   1 
HETATM 1146 O  O   . HOH F 5 .   ? -1.474  -11.861 7.833   1.00 44.98 ? 444 HOH A O   1 
HETATM 1147 O  O   . HOH F 5 .   ? 11.202  5.765   14.317  1.00 46.25 ? 445 HOH A O   1 
HETATM 1148 O  O   . HOH F 5 .   ? -3.565  3.495   21.131  0.50 34.20 ? 446 HOH A O   1 
HETATM 1149 O  O   . HOH F 5 .   ? -11.010 5.818   10.434  1.00 34.20 ? 447 HOH A O   1 
HETATM 1150 O  O   . HOH F 5 .   ? -9.051  6.971   8.466   1.00 34.20 ? 448 HOH A O   1 
HETATM 1151 O  O   . HOH F 5 .   ? -8.468  6.674   12.436  1.00 34.20 ? 449 HOH A O   1 
HETATM 1152 O  O   . HOH F 5 .   ? 8.676   -8.272  15.781  1.00 34.20 ? 450 HOH A O   1 
HETATM 1153 O  O   . HOH F 5 .   ? 11.427  -7.073  20.094  1.00 34.20 ? 451 HOH A O   1 
HETATM 1154 O  O   . HOH F 5 .   ? -18.137 9.759   -9.147  1.00 34.20 ? 452 HOH A O   1 
HETATM 1155 O  O   . HOH F 5 .   ? -18.327 12.218  -9.568  1.00 34.20 ? 453 HOH A O   1 
HETATM 1156 O  O   . HOH F 5 .   ? -11.508 2.960   -16.413 0.50 34.20 ? 454 HOH A O   1 
HETATM 1157 O  O   . HOH F 5 .   ? 13.403  -1.470  -10.977 1.00 34.20 ? 455 HOH A O   1 
HETATM 1158 O  O   . HOH F 5 .   ? -14.578 13.617  -7.255  1.00 34.20 ? 456 HOH A O   1 
HETATM 1159 O  O   . HOH F 5 .   ? 2.066   -16.251 -12.484 1.00 34.20 ? 457 HOH A O   1 
HETATM 1160 O  O   . HOH F 5 .   ? -18.797 -1.405  -4.373  1.00 34.20 ? 468 HOH A O   1 
HETATM 1161 O  O   . HOH F 5 .   ? 18.997  -1.765  6.613   1.00 34.20 ? 469 HOH A O   1 
# 
